data_2VPR
# 
_entry.id   2VPR 
# 
_audit_conform.dict_name       mmcif_pdbx.dic 
_audit_conform.dict_version    5.382 
_audit_conform.dict_location   http://mmcif.pdb.org/dictionaries/ascii/mmcif_pdbx.dic 
# 
loop_
_database_2.database_id 
_database_2.database_code 
_database_2.pdbx_database_accession 
_database_2.pdbx_DOI 
PDB   2VPR         pdb_00002vpr 10.2210/pdb2vpr/pdb 
PDBE  EBI-34737    ?            ?                   
WWPDB D_1290034737 ?            ?                   
# 
_pdbx_database_status.status_code                     REL 
_pdbx_database_status.entry_id                        2VPR 
_pdbx_database_status.deposit_site                    PDBE 
_pdbx_database_status.process_site                    PDBE 
_pdbx_database_status.SG_entry                        . 
_pdbx_database_status.recvd_initial_deposition_date   2008-03-03 
_pdbx_database_status.pdb_format_compatible           Y 
_pdbx_database_status.status_code_sf                  REL 
_pdbx_database_status.status_code_mr                  ? 
_pdbx_database_status.status_code_cs                  ? 
_pdbx_database_status.methods_development_category    ? 
_pdbx_database_status.status_code_nmr_data            ? 
# 
loop_
_audit_author.name 
_audit_author.pdbx_ordinal 
'Schuldt, L.'  1 
'Palm, G.'     2 
'Hinrichs, W.' 3 
# 
loop_
_citation.id 
_citation.title 
_citation.journal_abbrev 
_citation.journal_volume 
_citation.page_first 
_citation.page_last 
_citation.year 
_citation.journal_id_ASTM 
_citation.country 
_citation.journal_id_ISSN 
_citation.journal_id_CSD 
_citation.book_publisher 
_citation.pdbx_database_id_PubMed 
_citation.pdbx_database_id_DOI 
primary 'Tet Repressor Induction by Tetracycline: A Molecular Dynamics, Continuum Electrostatics, and Crystallographic Study' 
J.Mol.Biol.      378 896 ? 2008 JMOBAK UK 0022-2836 0070 ? 18395746 10.1016/J.JMB.2008.03.022 
1       'Structural Basis of Gene Regulation by the Tetracycline Inducible Tet Repressor-Operator System'                     
Nat.Struct.Biol. 7   215 ? 2000 NSBIEW US 1072-8368 2024 ? 10700280 10.1038/73324             
2       'Structure of the Tet Repressor - Tetracycline Complex and Regulation of Antibiotic Resistance'                       
Science          264 418 ? 1994 SCIEAS US 0036-8075 0038 ? 8153629  10.1126/SCIENCE.8153629   
# 
loop_
_citation_author.citation_id 
_citation_author.name 
_citation_author.ordinal 
_citation_author.identifier_ORCID 
primary 'Aleksandrov, A.'  1  ? 
primary 'Schuldt, L.'      2  ? 
primary 'Hinrichs, W.'     3  ? 
primary 'Simonson, T.'     4  ? 
1       'Orth, P.'         5  ? 
1       'Schnappinger, D.' 6  ? 
1       'Hillen, W.'       7  ? 
1       'Saenger, W.'      8  ? 
1       'Hinrichs, W.'     9  ? 
2       'Hinrichs, W.'     10 ? 
2       'Kisker, C.'       11 ? 
2       'Duevel, M.'       12 ? 
2       'Mueller, A.'      13 ? 
2       'Tovar, K.'        14 ? 
2       'Hillen, W.'       15 ? 
2       'Saenger, W.'      16 ? 
# 
_cell.entry_id           2VPR 
_cell.length_a           56.361 
_cell.length_b           108.744 
_cell.length_c           68.976 
_cell.angle_alpha        90.00 
_cell.angle_beta         90.00 
_cell.angle_gamma        90.00 
_cell.Z_PDB              8 
_cell.pdbx_unique_axis   ? 
# 
_symmetry.entry_id                         2VPR 
_symmetry.space_group_name_H-M             'C 2 2 21' 
_symmetry.pdbx_full_space_group_name_H-M   ? 
_symmetry.cell_setting                     ? 
_symmetry.Int_Tables_number                20 
# 
loop_
_entity.id 
_entity.type 
_entity.src_method 
_entity.pdbx_description 
_entity.formula_weight 
_entity.pdbx_number_of_molecules 
_entity.pdbx_ec 
_entity.pdbx_mutation 
_entity.pdbx_fragment 
_entity.details 
1 polymer     man 'TETRACYCLINE RESISTANCE REPRESSOR PROTEIN' 23211.369 1  ? ? ? ? 
2 non-polymer syn 5A,6-ANHYDROTETRACYCLINE                    426.419   1  ? ? ? ? 
3 non-polymer syn 'MAGNESIUM ION'                             24.305    1  ? ? ? ? 
4 non-polymer syn 'SULFATE ION'                               96.063    1  ? ? ? ? 
5 water       nat water                                       18.015    18 ? ? ? ? 
# 
_entity_name_com.entity_id   1 
_entity_name_com.name        'TETRACYCLINE REPRESSOR CLASS H' 
# 
_entity_poly.entity_id                      1 
_entity_poly.type                           'polypeptide(L)' 
_entity_poly.nstd_linkage                   no 
_entity_poly.nstd_monomer                   no 
_entity_poly.pdbx_seq_one_letter_code       
;MAKLDKEQVIDNALILLNEVGIEGLTTRKLAQKIGVEQPTLYWHVKNKRALLDALAETILQKHHHHVLPLPNETWQDFLR
NNAKSFRQALLMYRDGGKIHAGTRPSESQFETSEQQLQFLCDAGFSLSQAVYALSSIAHFTLGSVLETQEHQESQKEREK
VETDTVAYPPLLTQAVAIMDSDNGDAAFLFVLDVMISGLETVLKSAK
;
_entity_poly.pdbx_seq_one_letter_code_can   
;MAKLDKEQVIDNALILLNEVGIEGLTTRKLAQKIGVEQPTLYWHVKNKRALLDALAETILQKHHHHVLPLPNETWQDFLR
NNAKSFRQALLMYRDGGKIHAGTRPSESQFETSEQQLQFLCDAGFSLSQAVYALSSIAHFTLGSVLETQEHQESQKEREK
VETDTVAYPPLLTQAVAIMDSDNGDAAFLFVLDVMISGLETVLKSAK
;
_entity_poly.pdbx_strand_id                 A 
_entity_poly.pdbx_target_identifier         ? 
# 
loop_
_entity_poly_seq.entity_id 
_entity_poly_seq.num 
_entity_poly_seq.mon_id 
_entity_poly_seq.hetero 
1 1   MET n 
1 2   ALA n 
1 3   LYS n 
1 4   LEU n 
1 5   ASP n 
1 6   LYS n 
1 7   GLU n 
1 8   GLN n 
1 9   VAL n 
1 10  ILE n 
1 11  ASP n 
1 12  ASN n 
1 13  ALA n 
1 14  LEU n 
1 15  ILE n 
1 16  LEU n 
1 17  LEU n 
1 18  ASN n 
1 19  GLU n 
1 20  VAL n 
1 21  GLY n 
1 22  ILE n 
1 23  GLU n 
1 24  GLY n 
1 25  LEU n 
1 26  THR n 
1 27  THR n 
1 28  ARG n 
1 29  LYS n 
1 30  LEU n 
1 31  ALA n 
1 32  GLN n 
1 33  LYS n 
1 34  ILE n 
1 35  GLY n 
1 36  VAL n 
1 37  GLU n 
1 38  GLN n 
1 39  PRO n 
1 40  THR n 
1 41  LEU n 
1 42  TYR n 
1 43  TRP n 
1 44  HIS n 
1 45  VAL n 
1 46  LYS n 
1 47  ASN n 
1 48  LYS n 
1 49  ARG n 
1 50  ALA n 
1 51  LEU n 
1 52  LEU n 
1 53  ASP n 
1 54  ALA n 
1 55  LEU n 
1 56  ALA n 
1 57  GLU n 
1 58  THR n 
1 59  ILE n 
1 60  LEU n 
1 61  GLN n 
1 62  LYS n 
1 63  HIS n 
1 64  HIS n 
1 65  HIS n 
1 66  HIS n 
1 67  VAL n 
1 68  LEU n 
1 69  PRO n 
1 70  LEU n 
1 71  PRO n 
1 72  ASN n 
1 73  GLU n 
1 74  THR n 
1 75  TRP n 
1 76  GLN n 
1 77  ASP n 
1 78  PHE n 
1 79  LEU n 
1 80  ARG n 
1 81  ASN n 
1 82  ASN n 
1 83  ALA n 
1 84  LYS n 
1 85  SER n 
1 86  PHE n 
1 87  ARG n 
1 88  GLN n 
1 89  ALA n 
1 90  LEU n 
1 91  LEU n 
1 92  MET n 
1 93  TYR n 
1 94  ARG n 
1 95  ASP n 
1 96  GLY n 
1 97  GLY n 
1 98  LYS n 
1 99  ILE n 
1 100 HIS n 
1 101 ALA n 
1 102 GLY n 
1 103 THR n 
1 104 ARG n 
1 105 PRO n 
1 106 SER n 
1 107 GLU n 
1 108 SER n 
1 109 GLN n 
1 110 PHE n 
1 111 GLU n 
1 112 THR n 
1 113 SER n 
1 114 GLU n 
1 115 GLN n 
1 116 GLN n 
1 117 LEU n 
1 118 GLN n 
1 119 PHE n 
1 120 LEU n 
1 121 CYS n 
1 122 ASP n 
1 123 ALA n 
1 124 GLY n 
1 125 PHE n 
1 126 SER n 
1 127 LEU n 
1 128 SER n 
1 129 GLN n 
1 130 ALA n 
1 131 VAL n 
1 132 TYR n 
1 133 ALA n 
1 134 LEU n 
1 135 SER n 
1 136 SER n 
1 137 ILE n 
1 138 ALA n 
1 139 HIS n 
1 140 PHE n 
1 141 THR n 
1 142 LEU n 
1 143 GLY n 
1 144 SER n 
1 145 VAL n 
1 146 LEU n 
1 147 GLU n 
1 148 THR n 
1 149 GLN n 
1 150 GLU n 
1 151 HIS n 
1 152 GLN n 
1 153 GLU n 
1 154 SER n 
1 155 GLN n 
1 156 LYS n 
1 157 GLU n 
1 158 ARG n 
1 159 GLU n 
1 160 LYS n 
1 161 VAL n 
1 162 GLU n 
1 163 THR n 
1 164 ASP n 
1 165 THR n 
1 166 VAL n 
1 167 ALA n 
1 168 TYR n 
1 169 PRO n 
1 170 PRO n 
1 171 LEU n 
1 172 LEU n 
1 173 THR n 
1 174 GLN n 
1 175 ALA n 
1 176 VAL n 
1 177 ALA n 
1 178 ILE n 
1 179 MET n 
1 180 ASP n 
1 181 SER n 
1 182 ASP n 
1 183 ASN n 
1 184 GLY n 
1 185 ASP n 
1 186 ALA n 
1 187 ALA n 
1 188 PHE n 
1 189 LEU n 
1 190 PHE n 
1 191 VAL n 
1 192 LEU n 
1 193 ASP n 
1 194 VAL n 
1 195 MET n 
1 196 ILE n 
1 197 SER n 
1 198 GLY n 
1 199 LEU n 
1 200 GLU n 
1 201 THR n 
1 202 VAL n 
1 203 LEU n 
1 204 LYS n 
1 205 SER n 
1 206 ALA n 
1 207 LYS n 
# 
_entity_src_gen.entity_id                          1 
_entity_src_gen.pdbx_src_id                        1 
_entity_src_gen.pdbx_alt_source_flag               sample 
_entity_src_gen.pdbx_seq_type                      ? 
_entity_src_gen.pdbx_beg_seq_num                   ? 
_entity_src_gen.pdbx_end_seq_num                   ? 
_entity_src_gen.gene_src_common_name               ? 
_entity_src_gen.gene_src_genus                     ? 
_entity_src_gen.pdbx_gene_src_gene                 ? 
_entity_src_gen.gene_src_species                   ? 
_entity_src_gen.gene_src_strain                    ? 
_entity_src_gen.gene_src_tissue                    ? 
_entity_src_gen.gene_src_tissue_fraction           ? 
_entity_src_gen.gene_src_details                   ? 
_entity_src_gen.pdbx_gene_src_fragment             ? 
_entity_src_gen.pdbx_gene_src_scientific_name      'PASTEURELLA MULTOCIDA' 
_entity_src_gen.pdbx_gene_src_ncbi_taxonomy_id     747 
_entity_src_gen.pdbx_gene_src_variant              ? 
_entity_src_gen.pdbx_gene_src_cell_line            ? 
_entity_src_gen.pdbx_gene_src_atcc                 ? 
_entity_src_gen.pdbx_gene_src_organ                ? 
_entity_src_gen.pdbx_gene_src_organelle            ? 
_entity_src_gen.pdbx_gene_src_cell                 ? 
_entity_src_gen.pdbx_gene_src_cellular_location    ? 
_entity_src_gen.host_org_common_name               ? 
_entity_src_gen.pdbx_host_org_scientific_name      'ESCHERICHIA COLI' 
_entity_src_gen.pdbx_host_org_ncbi_taxonomy_id     562 
_entity_src_gen.host_org_genus                     ? 
_entity_src_gen.pdbx_host_org_gene                 ? 
_entity_src_gen.pdbx_host_org_organ                ? 
_entity_src_gen.host_org_species                   ? 
_entity_src_gen.pdbx_host_org_tissue               ? 
_entity_src_gen.pdbx_host_org_tissue_fraction      ? 
_entity_src_gen.pdbx_host_org_strain               RB791 
_entity_src_gen.pdbx_host_org_variant              ? 
_entity_src_gen.pdbx_host_org_cell_line            ? 
_entity_src_gen.pdbx_host_org_atcc                 ? 
_entity_src_gen.pdbx_host_org_culture_collection   ? 
_entity_src_gen.pdbx_host_org_cell                 ? 
_entity_src_gen.pdbx_host_org_organelle            ? 
_entity_src_gen.pdbx_host_org_cellular_location    ? 
_entity_src_gen.pdbx_host_org_vector_type          PLASMID 
_entity_src_gen.pdbx_host_org_vector               ? 
_entity_src_gen.host_org_details                   ? 
_entity_src_gen.expression_system_id               ? 
_entity_src_gen.plasmid_name                       PWH1590 
_entity_src_gen.plasmid_details                    ? 
_entity_src_gen.pdbx_description                   ? 
# 
_struct_ref.id                         1 
_struct_ref.db_name                    UNP 
_struct_ref.db_code                    Q799E2_PASMU 
_struct_ref.entity_id                  1 
_struct_ref.pdbx_seq_one_letter_code   ? 
_struct_ref.pdbx_align_begin           ? 
_struct_ref.pdbx_db_accession          Q799E2 
_struct_ref.pdbx_db_isoform            ? 
# 
_struct_ref_seq.align_id                      1 
_struct_ref_seq.ref_id                        1 
_struct_ref_seq.pdbx_PDB_id_code              2VPR 
_struct_ref_seq.pdbx_strand_id                A 
_struct_ref_seq.seq_align_beg                 1 
_struct_ref_seq.pdbx_seq_align_beg_ins_code   ? 
_struct_ref_seq.seq_align_end                 207 
_struct_ref_seq.pdbx_seq_align_end_ins_code   ? 
_struct_ref_seq.pdbx_db_accession             Q799E2 
_struct_ref_seq.db_align_beg                  1 
_struct_ref_seq.pdbx_db_align_beg_ins_code    ? 
_struct_ref_seq.db_align_end                  207 
_struct_ref_seq.pdbx_db_align_end_ins_code    ? 
_struct_ref_seq.pdbx_auth_seq_align_beg       1 
_struct_ref_seq.pdbx_auth_seq_align_end       205 
# 
loop_
_chem_comp.id 
_chem_comp.type 
_chem_comp.mon_nstd_flag 
_chem_comp.name 
_chem_comp.pdbx_synonyms 
_chem_comp.formula 
_chem_comp.formula_weight 
ALA 'L-peptide linking' y ALANINE                  ? 'C3 H7 N O2'     89.093  
ARG 'L-peptide linking' y ARGININE                 ? 'C6 H15 N4 O2 1' 175.209 
ASN 'L-peptide linking' y ASPARAGINE               ? 'C4 H8 N2 O3'    132.118 
ASP 'L-peptide linking' y 'ASPARTIC ACID'          ? 'C4 H7 N O4'     133.103 
CYS 'L-peptide linking' y CYSTEINE                 ? 'C3 H7 N O2 S'   121.158 
GLN 'L-peptide linking' y GLUTAMINE                ? 'C5 H10 N2 O3'   146.144 
GLU 'L-peptide linking' y 'GLUTAMIC ACID'          ? 'C5 H9 N O4'     147.129 
GLY 'peptide linking'   y GLYCINE                  ? 'C2 H5 N O2'     75.067  
HIS 'L-peptide linking' y HISTIDINE                ? 'C6 H10 N3 O2 1' 156.162 
HOH non-polymer         . WATER                    ? 'H2 O'           18.015  
ILE 'L-peptide linking' y ISOLEUCINE               ? 'C6 H13 N O2'    131.173 
LEU 'L-peptide linking' y LEUCINE                  ? 'C6 H13 N O2'    131.173 
LYS 'L-peptide linking' y LYSINE                   ? 'C6 H15 N2 O2 1' 147.195 
MET 'L-peptide linking' y METHIONINE               ? 'C5 H11 N O2 S'  149.211 
MG  non-polymer         . 'MAGNESIUM ION'          ? 'Mg 2'           24.305  
PHE 'L-peptide linking' y PHENYLALANINE            ? 'C9 H11 N O2'    165.189 
PRO 'L-peptide linking' y PROLINE                  ? 'C5 H9 N O2'     115.130 
SER 'L-peptide linking' y SERINE                   ? 'C3 H7 N O3'     105.093 
SO4 non-polymer         . 'SULFATE ION'            ? 'O4 S -2'        96.063  
TDC non-polymer         . 5A,6-ANHYDROTETRACYCLINE ? 'C22 H22 N2 O7'  426.419 
THR 'L-peptide linking' y THREONINE                ? 'C4 H9 N O3'     119.119 
TRP 'L-peptide linking' y TRYPTOPHAN               ? 'C11 H12 N2 O2'  204.225 
TYR 'L-peptide linking' y TYROSINE                 ? 'C9 H11 N O3'    181.189 
VAL 'L-peptide linking' y VALINE                   ? 'C5 H11 N O2'    117.146 
# 
_exptl.entry_id          2VPR 
_exptl.method            'X-RAY DIFFRACTION' 
_exptl.crystals_number   1 
# 
_exptl_crystal.id                    1 
_exptl_crystal.density_meas          ? 
_exptl_crystal.density_Matthews      2.3 
_exptl_crystal.density_percent_sol   46 
_exptl_crystal.description           NONE 
# 
_exptl_crystal_grow.crystal_id      1 
_exptl_crystal_grow.method          ? 
_exptl_crystal_grow.temp            ? 
_exptl_crystal_grow.temp_details    ? 
_exptl_crystal_grow.pH              7.5 
_exptl_crystal_grow.pdbx_pH_range   ? 
_exptl_crystal_grow.pdbx_details    
;3.31 MG/ML TETR(H), 100 UL 2 MM ANTC,100 UL TETR(H),0.5 UL 3 M MGCL2, 20 % PEG1500, 0.1 M NAHEPES PH 7.5, 2 UL RESERVOIR LSG PLUS 2 UL PROTEIN
;
# 
_diffrn.id                     1 
_diffrn.ambient_temp           100 
_diffrn.ambient_temp_details   ? 
_diffrn.crystal_id             1 
# 
_diffrn_detector.diffrn_id              1 
_diffrn_detector.detector               CCD 
_diffrn_detector.type                   MARRESEARCH 
_diffrn_detector.pdbx_collection_date   2005-03-24 
_diffrn_detector.details                MIRRORS 
# 
_diffrn_radiation.diffrn_id                        1 
_diffrn_radiation.wavelength_id                    1 
_diffrn_radiation.pdbx_monochromatic_or_laue_m_l   M 
_diffrn_radiation.monochromator                    'SI (111), HORIZONTALLY FOCUSSING' 
_diffrn_radiation.pdbx_diffrn_protocol             'SINGLE WAVELENGTH' 
_diffrn_radiation.pdbx_scattering_type             x-ray 
# 
_diffrn_radiation_wavelength.id           1 
_diffrn_radiation_wavelength.wavelength   0.8084 
_diffrn_radiation_wavelength.wt           1.0 
# 
_diffrn_source.diffrn_id                   1 
_diffrn_source.source                      SYNCHROTRON 
_diffrn_source.type                        'EMBL/DESY, HAMBURG BEAMLINE X13' 
_diffrn_source.pdbx_synchrotron_site       'EMBL/DESY, HAMBURG' 
_diffrn_source.pdbx_synchrotron_beamline   X13 
_diffrn_source.pdbx_wavelength             0.8084 
_diffrn_source.pdbx_wavelength_list        ? 
# 
_reflns.pdbx_diffrn_id               1 
_reflns.pdbx_ordinal                 1 
_reflns.entry_id                     2VPR 
_reflns.observed_criterion_sigma_I   0.0 
_reflns.observed_criterion_sigma_F   ? 
_reflns.d_resolution_low             50.00 
_reflns.d_resolution_high            2.50 
_reflns.number_obs                   7669 
_reflns.number_all                   ? 
_reflns.percent_possible_obs         98.0 
_reflns.pdbx_Rmerge_I_obs            0.09 
_reflns.pdbx_Rsym_value              ? 
_reflns.pdbx_netI_over_sigmaI        9.60 
_reflns.B_iso_Wilson_estimate        53.20 
_reflns.pdbx_redundancy              4.2 
# 
_reflns_shell.pdbx_diffrn_id         1 
_reflns_shell.pdbx_ordinal           1 
_reflns_shell.d_res_high             2.50 
_reflns_shell.d_res_low              2.54 
_reflns_shell.percent_possible_all   69.0 
_reflns_shell.Rmerge_I_obs           0.51 
_reflns_shell.pdbx_Rsym_value        ? 
_reflns_shell.meanI_over_sigI_obs    2.80 
_reflns_shell.pdbx_redundancy        3.6 
# 
_refine.pdbx_refine_id                           'X-RAY DIFFRACTION' 
_refine.entry_id                                 2VPR 
_refine.pdbx_diffrn_id                           1 
_refine.pdbx_TLS_residual_ADP_flag               'LIKELY RESIDUAL' 
_refine.ls_number_reflns_obs                     6898 
_refine.ls_number_reflns_all                     ? 
_refine.pdbx_ls_sigma_I                          ? 
_refine.pdbx_ls_sigma_F                          ? 
_refine.pdbx_data_cutoff_high_absF               ? 
_refine.pdbx_data_cutoff_low_absF                ? 
_refine.pdbx_data_cutoff_high_rms_absF           ? 
_refine.ls_d_res_low                             20.00 
_refine.ls_d_res_high                            2.49 
_refine.ls_percent_reflns_obs                    99.7 
_refine.ls_R_factor_obs                          0.209 
_refine.ls_R_factor_all                          ? 
_refine.ls_R_factor_R_work                       0.201 
_refine.ls_R_factor_R_free                       0.285 
_refine.ls_R_factor_R_free_error                 ? 
_refine.ls_R_factor_R_free_error_details         ? 
_refine.ls_percent_reflns_R_free                 9.700 
_refine.ls_number_reflns_R_free                  741 
_refine.ls_number_parameters                     ? 
_refine.ls_number_restraints                     ? 
_refine.occupancy_min                            ? 
_refine.occupancy_max                            ? 
_refine.correlation_coeff_Fo_to_Fc               0.951 
_refine.correlation_coeff_Fo_to_Fc_free          0.900 
_refine.B_iso_mean                               34.87 
_refine.aniso_B[1][1]                            3.33000 
_refine.aniso_B[2][2]                            -2.81000 
_refine.aniso_B[3][3]                            -0.52000 
_refine.aniso_B[1][2]                            0.00000 
_refine.aniso_B[1][3]                            0.00000 
_refine.aniso_B[2][3]                            0.00000 
_refine.solvent_model_details                    MASK 
_refine.solvent_model_param_ksol                 ? 
_refine.solvent_model_param_bsol                 ? 
_refine.pdbx_solvent_vdw_probe_radii             1.40 
_refine.pdbx_solvent_ion_probe_radii             0.80 
_refine.pdbx_solvent_shrinkage_radii             0.80 
_refine.pdbx_ls_cross_valid_method               THROUGHOUT 
_refine.details                                  'HYDROGENS HAVE BEEN ADDED IN THE RIDING POSITIONS.' 
_refine.pdbx_starting_model                      'PDB ENTRY 2TCT' 
_refine.pdbx_method_to_determine_struct          'MOLECULAR REPLACEMENT' 
_refine.pdbx_isotropic_thermal_model             ? 
_refine.pdbx_stereochemistry_target_values       'MAXIMUM LIKELIHOOD' 
_refine.pdbx_stereochem_target_val_spec_case     ? 
_refine.pdbx_R_Free_selection_details            RANDOM 
_refine.pdbx_overall_ESU_R                       0.938 
_refine.pdbx_overall_ESU_R_Free                  0.355 
_refine.overall_SU_ML                            0.239 
_refine.pdbx_overall_phase_error                 ? 
_refine.overall_SU_B                             21.494 
_refine.overall_SU_R_Cruickshank_DPI             ? 
_refine.pdbx_overall_SU_R_free_Cruickshank_DPI   ? 
_refine.pdbx_overall_SU_R_Blow_DPI               ? 
_refine.pdbx_overall_SU_R_free_Blow_DPI          ? 
# 
_refine_hist.pdbx_refine_id                   'X-RAY DIFFRACTION' 
_refine_hist.cycle_id                         LAST 
_refine_hist.pdbx_number_atoms_protein        1547 
_refine_hist.pdbx_number_atoms_nucleic_acid   0 
_refine_hist.pdbx_number_atoms_ligand         37 
_refine_hist.number_atoms_solvent             18 
_refine_hist.number_atoms_total               1602 
_refine_hist.d_res_high                       2.49 
_refine_hist.d_res_low                        20.00 
# 
loop_
_refine_ls_restr.type 
_refine_ls_restr.dev_ideal 
_refine_ls_restr.dev_ideal_target 
_refine_ls_restr.weight 
_refine_ls_restr.number 
_refine_ls_restr.pdbx_refine_id 
_refine_ls_restr.pdbx_restraint_function 
r_bond_refined_d             0.016  0.022  ? 1613 'X-RAY DIFFRACTION' ? 
r_bond_other_d               0.001  0.020  ? 1053 'X-RAY DIFFRACTION' ? 
r_angle_refined_deg          1.576  1.987  ? 2193 'X-RAY DIFFRACTION' ? 
r_angle_other_deg            1.003  3.000  ? 2587 'X-RAY DIFFRACTION' ? 
r_dihedral_angle_1_deg       6.919  5.000  ? 195  'X-RAY DIFFRACTION' ? 
r_dihedral_angle_2_deg       41.711 25.342 ? 73   'X-RAY DIFFRACTION' ? 
r_dihedral_angle_3_deg       21.093 15.000 ? 280  'X-RAY DIFFRACTION' ? 
r_dihedral_angle_4_deg       19.048 15.000 ? 6    'X-RAY DIFFRACTION' ? 
r_chiral_restr               0.091  0.200  ? 250  'X-RAY DIFFRACTION' ? 
r_gen_planes_refined         0.006  0.020  ? 1774 'X-RAY DIFFRACTION' ? 
r_gen_planes_other           0.001  0.020  ? 300  'X-RAY DIFFRACTION' ? 
r_nbd_refined                0.247  0.200  ? 451  'X-RAY DIFFRACTION' ? 
r_nbd_other                  0.187  0.200  ? 1064 'X-RAY DIFFRACTION' ? 
r_nbtor_refined              0.195  0.200  ? 804  'X-RAY DIFFRACTION' ? 
r_nbtor_other                0.095  0.200  ? 789  'X-RAY DIFFRACTION' ? 
r_xyhbond_nbd_refined        0.126  0.200  ? 54   'X-RAY DIFFRACTION' ? 
r_xyhbond_nbd_other          ?      ?      ? ?    'X-RAY DIFFRACTION' ? 
r_metal_ion_refined          ?      ?      ? ?    'X-RAY DIFFRACTION' ? 
r_metal_ion_other            ?      ?      ? ?    'X-RAY DIFFRACTION' ? 
r_symmetry_vdw_refined       0.365  0.200  ? 17   'X-RAY DIFFRACTION' ? 
r_symmetry_vdw_other         0.213  0.200  ? 51   'X-RAY DIFFRACTION' ? 
r_symmetry_hbond_refined     0.121  0.200  ? 3    'X-RAY DIFFRACTION' ? 
r_symmetry_hbond_other       ?      ?      ? ?    'X-RAY DIFFRACTION' ? 
r_symmetry_metal_ion_refined ?      ?      ? ?    'X-RAY DIFFRACTION' ? 
r_symmetry_metal_ion_other   ?      ?      ? ?    'X-RAY DIFFRACTION' ? 
r_mcbond_it                  0.690  1.500  ? 1064 'X-RAY DIFFRACTION' ? 
r_mcbond_other               ?      ?      ? ?    'X-RAY DIFFRACTION' ? 
r_mcangle_it                 1.044  2.000  ? 1571 'X-RAY DIFFRACTION' ? 
r_mcangle_other              ?      ?      ? ?    'X-RAY DIFFRACTION' ? 
r_scbond_it                  1.509  3.000  ? 720  'X-RAY DIFFRACTION' ? 
r_scbond_other               ?      ?      ? ?    'X-RAY DIFFRACTION' ? 
r_scangle_it                 2.330  4.500  ? 622  'X-RAY DIFFRACTION' ? 
r_scangle_other              ?      ?      ? ?    'X-RAY DIFFRACTION' ? 
r_long_range_B_refined       ?      ?      ? ?    'X-RAY DIFFRACTION' ? 
r_long_range_B_other         ?      ?      ? ?    'X-RAY DIFFRACTION' ? 
r_rigid_bond_restr           ?      ?      ? ?    'X-RAY DIFFRACTION' ? 
r_sphericity_free            ?      ?      ? ?    'X-RAY DIFFRACTION' ? 
r_sphericity_bonded          ?      ?      ? ?    'X-RAY DIFFRACTION' ? 
# 
_refine_ls_shell.pdbx_refine_id                   'X-RAY DIFFRACTION' 
_refine_ls_shell.pdbx_total_number_of_bins_used   20 
_refine_ls_shell.d_res_high                       2.50 
_refine_ls_shell.d_res_low                        2.56 
_refine_ls_shell.number_reflns_R_work             497 
_refine_ls_shell.R_factor_R_work                  0.2210 
_refine_ls_shell.percent_reflns_obs               ? 
_refine_ls_shell.R_factor_R_free                  0.2820 
_refine_ls_shell.R_factor_R_free_error            ? 
_refine_ls_shell.percent_reflns_R_free            ? 
_refine_ls_shell.number_reflns_R_free             58 
_refine_ls_shell.number_reflns_all                ? 
_refine_ls_shell.R_factor_all                     ? 
# 
_struct.entry_id                  2VPR 
_struct.title                     'Tet repressor class H in complex with 5a,6- anhydrotetracycline-Mg' 
_struct.pdbx_model_details        ? 
_struct.pdbx_CASP_flag            ? 
_struct.pdbx_model_type_details   ? 
# 
_struct_keywords.entry_id        2VPR 
_struct_keywords.pdbx_keywords   TRANSCRIPTION 
_struct_keywords.text            
'TRANSCRIPTION, METAL-BINDING, ANTIBIOTIC RESISTANCE, TRANSCRIPTION REGULATOR, TRANSCRIPTION REGULATION DNA-BINDING' 
# 
loop_
_struct_asym.id 
_struct_asym.pdbx_blank_PDB_chainid_flag 
_struct_asym.pdbx_modified 
_struct_asym.entity_id 
_struct_asym.details 
A N N 1 ? 
B N N 2 ? 
C N N 3 ? 
D N N 4 ? 
E N N 5 ? 
# 
_struct_biol.id   1 
# 
loop_
_struct_conf.conf_type_id 
_struct_conf.id 
_struct_conf.pdbx_PDB_helix_id 
_struct_conf.beg_label_comp_id 
_struct_conf.beg_label_asym_id 
_struct_conf.beg_label_seq_id 
_struct_conf.pdbx_beg_PDB_ins_code 
_struct_conf.end_label_comp_id 
_struct_conf.end_label_asym_id 
_struct_conf.end_label_seq_id 
_struct_conf.pdbx_end_PDB_ins_code 
_struct_conf.beg_auth_comp_id 
_struct_conf.beg_auth_asym_id 
_struct_conf.beg_auth_seq_id 
_struct_conf.end_auth_comp_id 
_struct_conf.end_auth_asym_id 
_struct_conf.end_auth_seq_id 
_struct_conf.pdbx_PDB_helix_class 
_struct_conf.details 
_struct_conf.pdbx_PDB_helix_length 
HELX_P HELX_P1  1  ASP A 5   ? LEU A 25  ? ASP A 5   LEU A 25  1 ? 21 
HELX_P HELX_P2  2  THR A 26  ? GLY A 35  ? THR A 26  GLY A 35  1 ? 10 
HELX_P HELX_P3  3  GLU A 37  ? TYR A 42  ? GLU A 37  TYR A 42  1 ? 6  
HELX_P HELX_P4  4  ASN A 47  ? HIS A 64  ? ASN A 47  HIS A 64  1 ? 18 
HELX_P HELX_P5  5  THR A 74  ? TYR A 93  ? THR A 74  TYR A 93  1 ? 20 
HELX_P HELX_P6  6  ASP A 95  ? ALA A 101 ? ASP A 95  ALA A 101 1 ? 7  
HELX_P HELX_P7  7  SER A 106 ? SER A 108 ? SER A 106 SER A 108 5 ? 3  
HELX_P HELX_P8  8  GLN A 109 ? GLY A 124 ? GLN A 109 GLY A 124 1 ? 16 
HELX_P HELX_P9  9  SER A 126 ? SER A 154 ? SER A 126 SER A 154 1 ? 29 
HELX_P HELX_P10 10 PRO A 169 ? ASP A 182 ? PRO A 167 ASP A 180 1 ? 14 
HELX_P HELX_P11 11 GLY A 184 ? SER A 205 ? GLY A 182 SER A 203 1 ? 22 
# 
_struct_conf_type.id          HELX_P 
_struct_conf_type.criteria    ? 
_struct_conf_type.reference   ? 
# 
loop_
_struct_conn.id 
_struct_conn.conn_type_id 
_struct_conn.pdbx_leaving_atom_flag 
_struct_conn.pdbx_PDB_id 
_struct_conn.ptnr1_label_asym_id 
_struct_conn.ptnr1_label_comp_id 
_struct_conn.ptnr1_label_seq_id 
_struct_conn.ptnr1_label_atom_id 
_struct_conn.pdbx_ptnr1_label_alt_id 
_struct_conn.pdbx_ptnr1_PDB_ins_code 
_struct_conn.pdbx_ptnr1_standard_comp_id 
_struct_conn.ptnr1_symmetry 
_struct_conn.ptnr2_label_asym_id 
_struct_conn.ptnr2_label_comp_id 
_struct_conn.ptnr2_label_seq_id 
_struct_conn.ptnr2_label_atom_id 
_struct_conn.pdbx_ptnr2_label_alt_id 
_struct_conn.pdbx_ptnr2_PDB_ins_code 
_struct_conn.ptnr1_auth_asym_id 
_struct_conn.ptnr1_auth_comp_id 
_struct_conn.ptnr1_auth_seq_id 
_struct_conn.ptnr2_auth_asym_id 
_struct_conn.ptnr2_auth_comp_id 
_struct_conn.ptnr2_auth_seq_id 
_struct_conn.ptnr2_symmetry 
_struct_conn.pdbx_ptnr3_label_atom_id 
_struct_conn.pdbx_ptnr3_label_seq_id 
_struct_conn.pdbx_ptnr3_label_comp_id 
_struct_conn.pdbx_ptnr3_label_asym_id 
_struct_conn.pdbx_ptnr3_label_alt_id 
_struct_conn.pdbx_ptnr3_PDB_ins_code 
_struct_conn.details 
_struct_conn.pdbx_dist_value 
_struct_conn.pdbx_value_order 
_struct_conn.pdbx_role 
metalc1 metalc ? ? A HIS 100 NE2 ? ? ? 1_555 C MG  . MG ? ? A HIS 100  A MG  1207 1_555 ? ? ? ? ? ? ? 2.032 ? ? 
metalc2 metalc ? ? B TDC .   O11 ? ? ? 1_555 C MG  . MG ? ? A TDC 1206 A MG  1207 1_555 ? ? ? ? ? ? ? 2.115 ? ? 
metalc3 metalc ? ? B TDC .   O12 ? ? ? 1_555 C MG  . MG ? ? A TDC 1206 A MG  1207 1_555 ? ? ? ? ? ? ? 2.040 ? ? 
metalc4 metalc ? ? C MG  .   MG  ? ? ? 1_555 E HOH . O  ? ? A MG  1207 A HOH 2015 1_555 ? ? ? ? ? ? ? 1.966 ? ? 
metalc5 metalc ? ? C MG  .   MG  ? ? ? 1_555 E HOH . O  ? ? A MG  1207 A HOH 2016 1_555 ? ? ? ? ? ? ? 1.982 ? ? 
metalc6 metalc ? ? C MG  .   MG  ? ? ? 1_555 E HOH . O  ? ? A MG  1207 A HOH 2017 1_555 ? ? ? ? ? ? ? 1.954 ? ? 
# 
_struct_conn_type.id          metalc 
_struct_conn_type.criteria    ? 
_struct_conn_type.reference   ? 
# 
loop_
_struct_site.id 
_struct_site.pdbx_evidence_code 
_struct_site.pdbx_auth_asym_id 
_struct_site.pdbx_auth_comp_id 
_struct_site.pdbx_auth_seq_id 
_struct_site.pdbx_auth_ins_code 
_struct_site.pdbx_num_residues 
_struct_site.details 
AC1 Software ? ? ? ? 14 'BINDING SITE FOR RESIDUE TDC A1206' 
AC2 Software ? ? ? ? 5  'BINDING SITE FOR RESIDUE MG A1207'  
AC3 Software ? ? ? ? 3  'BINDING SITE FOR RESIDUE SO4 A1208' 
# 
loop_
_struct_site_gen.id 
_struct_site_gen.site_id 
_struct_site_gen.pdbx_num_res 
_struct_site_gen.label_comp_id 
_struct_site_gen.label_asym_id 
_struct_site_gen.label_seq_id 
_struct_site_gen.pdbx_auth_ins_code 
_struct_site_gen.auth_comp_id 
_struct_site_gen.auth_asym_id 
_struct_site_gen.auth_seq_id 
_struct_site_gen.label_atom_id 
_struct_site_gen.label_alt_id 
_struct_site_gen.symmetry 
_struct_site_gen.details 
1  AC1 14 HIS A 64  ? HIS A 64   . ? 1_555 ? 
2  AC1 14 ASN A 82  ? ASN A 82   . ? 1_555 ? 
3  AC1 14 PHE A 86  ? PHE A 86   . ? 1_555 ? 
4  AC1 14 HIS A 100 ? HIS A 100  . ? 1_555 ? 
5  AC1 14 THR A 103 ? THR A 103  . ? 1_555 ? 
6  AC1 14 ARG A 104 ? ARG A 104  . ? 1_555 ? 
7  AC1 14 GLN A 116 ? GLN A 116  . ? 1_555 ? 
8  AC1 14 LEU A 134 ? LEU A 134  . ? 1_555 ? 
9  AC1 14 ALA A 175 ? ALA A 173  . ? 1_555 ? 
10 AC1 14 MG  C .   ? MG  A 1207 . ? 1_555 ? 
11 AC1 14 HOH E .   ? HOH A 2010 . ? 1_555 ? 
12 AC1 14 HOH E .   ? HOH A 2015 . ? 1_555 ? 
13 AC1 14 HOH E .   ? HOH A 2016 . ? 1_555 ? 
14 AC1 14 HOH E .   ? HOH A 2017 . ? 1_555 ? 
15 AC2 5  HIS A 100 ? HIS A 100  . ? 1_555 ? 
16 AC2 5  TDC B .   ? TDC A 1206 . ? 1_555 ? 
17 AC2 5  HOH E .   ? HOH A 2015 . ? 1_555 ? 
18 AC2 5  HOH E .   ? HOH A 2016 . ? 1_555 ? 
19 AC2 5  HOH E .   ? HOH A 2017 . ? 1_555 ? 
20 AC3 3  GLN A 88  ? GLN A 88   . ? 1_555 ? 
21 AC3 3  LEU A 91  ? LEU A 91   . ? 1_555 ? 
22 AC3 3  MET A 92  ? MET A 92   . ? 1_555 ? 
# 
_atom_sites.entry_id                    2VPR 
_atom_sites.fract_transf_matrix[1][1]   -0.00235464 
_atom_sites.fract_transf_matrix[1][2]   0.01685124 
_atom_sites.fract_transf_matrix[1][3]   0.00503045 
_atom_sites.fract_transf_matrix[2][1]   0.00532621 
_atom_sites.fract_transf_matrix[2][2]   -0.00145130 
_atom_sites.fract_transf_matrix[2][3]   0.00735470 
_atom_sites.fract_transf_matrix[3][1]   0.01166102 
_atom_sites.fract_transf_matrix[3][2]   0.00391948 
_atom_sites.fract_transf_matrix[3][3]   -0.00767139 
_atom_sites.fract_transf_vector[1]      0.025575 
_atom_sites.fract_transf_vector[2]      0.429363 
_atom_sites.fract_transf_vector[3]      0.414145 
# 
loop_
_atom_type.symbol 
C  
MG 
N  
O  
S  
# 
loop_
_atom_site.group_PDB 
_atom_site.id 
_atom_site.type_symbol 
_atom_site.label_atom_id 
_atom_site.label_alt_id 
_atom_site.label_comp_id 
_atom_site.label_asym_id 
_atom_site.label_entity_id 
_atom_site.label_seq_id 
_atom_site.pdbx_PDB_ins_code 
_atom_site.Cartn_x 
_atom_site.Cartn_y 
_atom_site.Cartn_z 
_atom_site.occupancy 
_atom_site.B_iso_or_equiv 
_atom_site.pdbx_formal_charge 
_atom_site.auth_seq_id 
_atom_site.auth_comp_id 
_atom_site.auth_asym_id 
_atom_site.auth_atom_id 
_atom_site.pdbx_PDB_model_num 
ATOM   1    N  N   . ALA A 1 2   ? -16.394 -23.547 -20.335 1.00 59.76 ? 2    ALA A N   1 
ATOM   2    C  CA  . ALA A 1 2   ? -15.037 -23.284 -19.764 1.00 60.24 ? 2    ALA A CA  1 
ATOM   3    C  C   . ALA A 1 2   ? -15.134 -23.045 -18.238 1.00 60.30 ? 2    ALA A C   1 
ATOM   4    O  O   . ALA A 1 2   ? -15.867 -23.783 -17.562 1.00 60.52 ? 2    ALA A O   1 
ATOM   5    C  CB  . ALA A 1 2   ? -14.374 -22.097 -20.486 1.00 60.26 ? 2    ALA A CB  1 
ATOM   6    N  N   . LYS A 1 3   ? -14.431 -22.037 -17.699 1.00 59.97 ? 3    LYS A N   1 
ATOM   7    C  CA  . LYS A 1 3   ? -14.456 -21.779 -16.247 1.00 59.99 ? 3    LYS A CA  1 
ATOM   8    C  C   . LYS A 1 3   ? -13.966 -20.389 -15.815 1.00 59.34 ? 3    LYS A C   1 
ATOM   9    O  O   . LYS A 1 3   ? -14.687 -19.655 -15.129 1.00 59.15 ? 3    LYS A O   1 
ATOM   10   C  CB  . LYS A 1 3   ? -13.600 -22.829 -15.513 1.00 60.38 ? 3    LYS A CB  1 
ATOM   11   C  CG  . LYS A 1 3   ? -13.981 -23.093 -14.037 1.00 60.90 ? 3    LYS A CG  1 
ATOM   12   C  CD  . LYS A 1 3   ? -14.722 -24.436 -13.876 1.00 61.46 ? 3    LYS A CD  1 
ATOM   13   C  CE  . LYS A 1 3   ? -14.805 -24.905 -12.418 1.00 61.83 ? 3    LYS A CE  1 
ATOM   14   N  NZ  . LYS A 1 3   ? -13.485 -25.204 -11.779 1.00 61.64 ? 3    LYS A NZ  1 
ATOM   15   N  N   . LEU A 1 4   ? -12.736 -20.052 -16.223 1.00 58.52 ? 4    LEU A N   1 
ATOM   16   C  CA  . LEU A 1 4   ? -11.901 -19.028 -15.553 1.00 57.43 ? 4    LEU A CA  1 
ATOM   17   C  C   . LEU A 1 4   ? -12.178 -17.619 -15.960 1.00 56.54 ? 4    LEU A C   1 
ATOM   18   O  O   . LEU A 1 4   ? -11.860 -17.241 -17.082 1.00 56.86 ? 4    LEU A O   1 
ATOM   19   C  CB  . LEU A 1 4   ? -10.420 -19.262 -15.858 1.00 57.57 ? 4    LEU A CB  1 
ATOM   20   C  CG  . LEU A 1 4   ? -9.572  -20.054 -14.866 1.00 57.78 ? 4    LEU A CG  1 
ATOM   21   C  CD1 . LEU A 1 4   ? -9.912  -21.577 -14.885 1.00 58.63 ? 4    LEU A CD1 1 
ATOM   22   C  CD2 . LEU A 1 4   ? -8.111  -19.784 -15.202 1.00 56.96 ? 4    LEU A CD2 1 
ATOM   23   N  N   . ASP A 1 5   ? -12.733 -16.821 -15.062 1.00 55.55 ? 5    ASP A N   1 
ATOM   24   C  CA  . ASP A 1 5   ? -12.776 -15.395 -15.314 1.00 55.10 ? 5    ASP A CA  1 
ATOM   25   C  C   . ASP A 1 5   ? -11.631 -14.806 -14.507 1.00 54.57 ? 5    ASP A C   1 
ATOM   26   O  O   . ASP A 1 5   ? -11.155 -15.443 -13.583 1.00 54.51 ? 5    ASP A O   1 
ATOM   27   C  CB  . ASP A 1 5   ? -14.180 -14.825 -15.075 1.00 55.14 ? 5    ASP A CB  1 
ATOM   28   C  CG  . ASP A 1 5   ? -14.389 -14.211 -13.703 1.00 56.56 ? 5    ASP A CG  1 
ATOM   29   O  OD1 . ASP A 1 5   ? -13.576 -14.392 -12.771 1.00 59.51 ? 5    ASP A OD1 1 
ATOM   30   O  OD2 . ASP A 1 5   ? -15.425 -13.526 -13.564 1.00 57.12 ? 5    ASP A OD2 1 
ATOM   31   N  N   . LYS A 1 6   ? -11.122 -13.642 -14.882 1.00 54.08 ? 6    LYS A N   1 
ATOM   32   C  CA  . LYS A 1 6   ? -9.891  -13.159 -14.265 1.00 53.82 ? 6    LYS A CA  1 
ATOM   33   C  C   . LYS A 1 6   ? -10.080 -12.865 -12.762 1.00 53.21 ? 6    LYS A C   1 
ATOM   34   O  O   . LYS A 1 6   ? -9.182  -13.139 -11.944 1.00 52.46 ? 6    LYS A O   1 
ATOM   35   C  CB  . LYS A 1 6   ? -9.266  -11.985 -15.058 1.00 53.85 ? 6    LYS A CB  1 
ATOM   36   C  CG  . LYS A 1 6   ? -9.691  -10.551 -14.681 1.00 55.04 ? 6    LYS A CG  1 
ATOM   37   C  CD  . LYS A 1 6   ? -8.539  -9.753  -14.040 1.00 56.41 ? 6    LYS A CD  1 
ATOM   38   C  CE  . LYS A 1 6   ? -9.020  -8.457  -13.285 1.00 56.28 ? 6    LYS A CE  1 
ATOM   39   N  NZ  . LYS A 1 6   ? -8.030  -7.964  -12.276 1.00 53.12 ? 6    LYS A NZ  1 
ATOM   40   N  N   . GLU A 1 7   ? -11.253 -12.368 -12.392 1.00 52.64 ? 7    GLU A N   1 
ATOM   41   C  CA  . GLU A 1 7   ? -11.498 -12.046 -10.995 1.00 52.90 ? 7    GLU A CA  1 
ATOM   42   C  C   . GLU A 1 7   ? -11.515 -13.302 -10.098 1.00 52.37 ? 7    GLU A C   1 
ATOM   43   O  O   . GLU A 1 7   ? -11.100 -13.224 -8.942  1.00 53.24 ? 7    GLU A O   1 
ATOM   44   C  CB  . GLU A 1 7   ? -12.772 -11.192 -10.813 1.00 53.08 ? 7    GLU A CB  1 
ATOM   45   C  CG  . GLU A 1 7   ? -14.083 -11.972 -10.635 1.00 53.87 ? 7    GLU A CG  1 
ATOM   46   C  CD  . GLU A 1 7   ? -15.162 -11.155 -9.915  1.00 55.05 ? 7    GLU A CD  1 
ATOM   47   O  OE1 . GLU A 1 7   ? -16.011 -11.769 -9.210  1.00 55.81 ? 7    GLU A OE1 1 
ATOM   48   O  OE2 . GLU A 1 7   ? -15.163 -9.900  -10.062 1.00 58.19 ? 7    GLU A OE2 1 
ATOM   49   N  N   . GLN A 1 8   ? -11.968 -14.450 -10.610 1.00 51.52 ? 8    GLN A N   1 
ATOM   50   C  CA  . GLN A 1 8   ? -11.896 -15.684 -9.831  1.00 51.20 ? 8    GLN A CA  1 
ATOM   51   C  C   . GLN A 1 8   ? -10.436 -16.062 -9.654  1.00 49.74 ? 8    GLN A C   1 
ATOM   52   O  O   . GLN A 1 8   ? -10.018 -16.512 -8.581  1.00 49.81 ? 8    GLN A O   1 
ATOM   53   C  CB  . GLN A 1 8   ? -12.694 -16.833 -10.469 1.00 51.19 ? 8    GLN A CB  1 
ATOM   54   C  CG  . GLN A 1 8   ? -11.905 -17.785 -11.426 1.00 52.14 ? 8    GLN A CG  1 
ATOM   55   C  CD  . GLN A 1 8   ? -12.696 -19.026 -11.826 1.00 52.76 ? 8    GLN A CD  1 
ATOM   56   O  OE1 . GLN A 1 8   ? -12.369 -20.149 -11.392 1.00 54.29 ? 8    GLN A OE1 1 
ATOM   57   N  NE2 . GLN A 1 8   ? -13.760 -18.833 -12.634 1.00 52.94 ? 8    GLN A NE2 1 
ATOM   58   N  N   . VAL A 1 9   ? -9.643  -15.857 -10.691 1.00 48.42 ? 9    VAL A N   1 
ATOM   59   C  CA  . VAL A 1 9   ? -8.245  -16.222 -10.603 1.00 48.22 ? 9    VAL A CA  1 
ATOM   60   C  C   . VAL A 1 9   ? -7.565  -15.356 -9.559  1.00 47.73 ? 9    VAL A C   1 
ATOM   61   O  O   . VAL A 1 9   ? -6.798  -15.834 -8.714  1.00 47.11 ? 9    VAL A O   1 
ATOM   62   C  CB  . VAL A 1 9   ? -7.509  -16.038 -11.935 1.00 48.39 ? 9    VAL A CB  1 
ATOM   63   C  CG1 . VAL A 1 9   ? -5.997  -16.202 -11.718 1.00 47.36 ? 9    VAL A CG1 1 
ATOM   64   C  CG2 . VAL A 1 9   ? -8.055  -17.010 -12.984 1.00 47.45 ? 9    VAL A CG2 1 
ATOM   65   N  N   . ILE A 1 10  ? -7.876  -14.075 -9.612  1.00 47.13 ? 10   ILE A N   1 
ATOM   66   C  CA  . ILE A 1 10  ? -7.254  -13.138 -8.710  1.00 47.05 ? 10   ILE A CA  1 
ATOM   67   C  C   . ILE A 1 10  ? -7.738  -13.389 -7.302  1.00 46.14 ? 10   ILE A C   1 
ATOM   68   O  O   . ILE A 1 10  ? -6.929  -13.388 -6.376  1.00 46.63 ? 10   ILE A O   1 
ATOM   69   C  CB  . ILE A 1 10  ? -7.469  -11.684 -9.158  1.00 46.78 ? 10   ILE A CB  1 
ATOM   70   C  CG1 . ILE A 1 10  ? -6.603  -11.433 -10.395 1.00 47.84 ? 10   ILE A CG1 1 
ATOM   71   C  CG2 . ILE A 1 10  ? -7.082  -10.715 -8.050  1.00 45.93 ? 10   ILE A CG2 1 
ATOM   72   C  CD1 . ILE A 1 10  ? -6.922  -10.085 -11.124 1.00 49.10 ? 10   ILE A CD1 1 
ATOM   73   N  N   . ASP A 1 11  ? -9.033  -13.644 -7.129  1.00 44.44 ? 11   ASP A N   1 
ATOM   74   C  CA  . ASP A 1 11  ? -9.500  -14.014 -5.812  1.00 43.40 ? 11   ASP A CA  1 
ATOM   75   C  C   . ASP A 1 11  ? -8.771  -15.268 -5.294  1.00 42.65 ? 11   ASP A C   1 
ATOM   76   O  O   . ASP A 1 11  ? -8.435  -15.326 -4.119  1.00 43.68 ? 11   ASP A O   1 
ATOM   77   C  CB  . ASP A 1 11  ? -11.024 -14.185 -5.785  1.00 43.04 ? 11   ASP A CB  1 
ATOM   78   C  CG  . ASP A 1 11  ? -11.751 -12.859 -5.852  1.00 42.75 ? 11   ASP A CG  1 
ATOM   79   O  OD1 . ASP A 1 11  ? -12.967 -12.835 -6.106  1.00 43.10 ? 11   ASP A OD1 1 
ATOM   80   O  OD2 . ASP A 1 11  ? -11.101 -11.821 -5.654  1.00 42.70 ? 11   ASP A OD2 1 
ATOM   81   N  N   . ASN A 1 12  ? -8.507  -16.268 -6.128  1.00 41.41 ? 12   ASN A N   1 
ATOM   82   C  CA  . ASN A 1 12  ? -7.774  -17.435 -5.622  1.00 40.63 ? 12   ASN A CA  1 
ATOM   83   C  C   . ASN A 1 12  ? -6.344  -17.067 -5.239  1.00 40.12 ? 12   ASN A C   1 
ATOM   84   O  O   . ASN A 1 12  ? -5.797  -17.555 -4.240  1.00 40.83 ? 12   ASN A O   1 
ATOM   85   C  CB  . ASN A 1 12  ? -7.816  -18.589 -6.608  1.00 40.28 ? 12   ASN A CB  1 
ATOM   86   C  CG  . ASN A 1 12  ? -9.019  -19.454 -6.400  1.00 40.20 ? 12   ASN A CG  1 
ATOM   87   O  OD1 . ASN A 1 12  ? -9.084  -20.185 -5.408  1.00 41.09 ? 12   ASN A OD1 1 
ATOM   88   N  ND2 . ASN A 1 12  ? -10.003 -19.369 -7.313  1.00 37.92 ? 12   ASN A ND2 1 
ATOM   89   N  N   . ALA A 1 13  ? -5.781  -16.152 -6.004  1.00 39.42 ? 13   ALA A N   1 
ATOM   90   C  CA  . ALA A 1 13  ? -4.463  -15.674 -5.784  1.00 38.92 ? 13   ALA A CA  1 
ATOM   91   C  C   . ALA A 1 13  ? -4.374  -14.906 -4.466  1.00 38.96 ? 13   ALA A C   1 
ATOM   92   O  O   . ALA A 1 13  ? -3.339  -14.974 -3.782  1.00 38.70 ? 13   ALA A O   1 
ATOM   93   C  CB  . ALA A 1 13  ? -4.084  -14.794 -6.922  1.00 38.78 ? 13   ALA A CB  1 
ATOM   94   N  N   . LEU A 1 14  ? -5.419  -14.150 -4.118  1.00 38.64 ? 14   LEU A N   1 
ATOM   95   C  CA  . LEU A 1 14  ? -5.423  -13.442 -2.838  1.00 39.02 ? 14   LEU A CA  1 
ATOM   96   C  C   . LEU A 1 14  ? -5.491  -14.416 -1.678  1.00 39.92 ? 14   LEU A C   1 
ATOM   97   O  O   . LEU A 1 14  ? -4.872  -14.169 -0.660  1.00 40.53 ? 14   LEU A O   1 
ATOM   98   C  CB  . LEU A 1 14  ? -6.545  -12.405 -2.706  1.00 38.98 ? 14   LEU A CB  1 
ATOM   99   C  CG  . LEU A 1 14  ? -6.299  -11.015 -3.305  1.00 36.27 ? 14   LEU A CG  1 
ATOM   100  C  CD1 . LEU A 1 14  ? -5.059  -10.274 -2.855  1.00 31.48 ? 14   LEU A CD1 1 
ATOM   101  C  CD2 . LEU A 1 14  ? -6.162  -11.275 -4.706  1.00 40.20 ? 14   LEU A CD2 1 
ATOM   102  N  N   . ILE A 1 15  ? -6.244  -15.510 -1.823  1.00 40.63 ? 15   ILE A N   1 
ATOM   103  C  CA  . ILE A 1 15  ? -6.276  -16.563 -0.789  1.00 40.75 ? 15   ILE A CA  1 
ATOM   104  C  C   . ILE A 1 15  ? -4.888  -17.192 -0.651  1.00 40.94 ? 15   ILE A C   1 
ATOM   105  O  O   . ILE A 1 15  ? -4.392  -17.386 0.462   1.00 41.85 ? 15   ILE A O   1 
ATOM   106  C  CB  . ILE A 1 15  ? -7.359  -17.659 -1.060  1.00 40.70 ? 15   ILE A CB  1 
ATOM   107  C  CG1 . ILE A 1 15  ? -8.754  -17.165 -0.669  1.00 41.23 ? 15   ILE A CG1 1 
ATOM   108  C  CG2 . ILE A 1 15  ? -7.119  -18.915 -0.220  1.00 39.79 ? 15   ILE A CG2 1 
ATOM   109  C  CD1 . ILE A 1 15  ? -9.395  -16.280 -1.627  1.00 40.73 ? 15   ILE A CD1 1 
ATOM   110  N  N   . LEU A 1 16  ? -4.248  -17.475 -1.772  1.00 40.72 ? 16   LEU A N   1 
ATOM   111  C  CA  . LEU A 1 16  ? -2.949  -18.124 -1.746  1.00 40.61 ? 16   LEU A CA  1 
ATOM   112  C  C   . LEU A 1 16  ? -1.867  -17.252 -1.110  1.00 40.27 ? 16   LEU A C   1 
ATOM   113  O  O   . LEU A 1 16  ? -1.033  -17.716 -0.323  1.00 41.48 ? 16   LEU A O   1 
ATOM   114  C  CB  . LEU A 1 16  ? -2.548  -18.524 -3.162  1.00 40.53 ? 16   LEU A CB  1 
ATOM   115  C  CG  . LEU A 1 16  ? -1.295  -19.405 -3.275  1.00 41.20 ? 16   LEU A CG  1 
ATOM   116  C  CD1 . LEU A 1 16  ? -1.445  -20.704 -2.464  1.00 39.87 ? 16   LEU A CD1 1 
ATOM   117  C  CD2 . LEU A 1 16  ? -1.006  -19.670 -4.763  1.00 40.73 ? 16   LEU A CD2 1 
ATOM   118  N  N   . LEU A 1 17  ? -1.890  -15.977 -1.422  1.00 39.83 ? 17   LEU A N   1 
ATOM   119  C  CA  . LEU A 1 17  ? -0.932  -15.050 -0.872  1.00 39.10 ? 17   LEU A CA  1 
ATOM   120  C  C   . LEU A 1 17  ? -0.970  -15.144 0.664   1.00 39.68 ? 17   LEU A C   1 
ATOM   121  O  O   . LEU A 1 17  ? 0.061   -15.261 1.340   1.00 39.12 ? 17   LEU A O   1 
ATOM   122  C  CB  . LEU A 1 17  ? -1.272  -13.632 -1.369  1.00 39.08 ? 17   LEU A CB  1 
ATOM   123  C  CG  . LEU A 1 17  ? -0.454  -12.468 -0.818  1.00 39.47 ? 17   LEU A CG  1 
ATOM   124  C  CD1 . LEU A 1 17  ? 1.078   -12.705 -1.091  1.00 36.32 ? 17   LEU A CD1 1 
ATOM   125  C  CD2 . LEU A 1 17  ? -0.981  -11.101 -1.304  1.00 37.29 ? 17   LEU A CD2 1 
ATOM   126  N  N   . ASN A 1 18  ? -2.172  -15.107 1.224   1.00 39.94 ? 18   ASN A N   1 
ATOM   127  C  CA  . ASN A 1 18  ? -2.311  -15.274 2.659   1.00 39.68 ? 18   ASN A CA  1 
ATOM   128  C  C   . ASN A 1 18  ? -1.823  -16.648 3.123   1.00 39.74 ? 18   ASN A C   1 
ATOM   129  O  O   . ASN A 1 18  ? -1.204  -16.756 4.192   1.00 38.79 ? 18   ASN A O   1 
ATOM   130  C  CB  . ASN A 1 18  ? -3.744  -15.036 3.109   1.00 39.43 ? 18   ASN A CB  1 
ATOM   131  C  CG  . ASN A 1 18  ? -4.093  -13.561 3.271   1.00 39.17 ? 18   ASN A CG  1 
ATOM   132  O  OD1 . ASN A 1 18  ? -3.224  -12.689 3.370   1.00 37.06 ? 18   ASN A OD1 1 
ATOM   133  N  ND2 . ASN A 1 18  ? -5.393  -13.285 3.343   1.00 38.99 ? 18   ASN A ND2 1 
ATOM   134  N  N   . GLU A 1 19  ? -2.086  -17.686 2.334   1.00 39.72 ? 19   GLU A N   1 
ATOM   135  C  CA  . GLU A 1 19  ? -1.709  -19.044 2.755   1.00 40.46 ? 19   GLU A CA  1 
ATOM   136  C  C   . GLU A 1 19  ? -0.193  -19.271 2.665   1.00 40.44 ? 19   GLU A C   1 
ATOM   137  O  O   . GLU A 1 19  ? 0.384   -19.875 3.544   1.00 39.85 ? 19   GLU A O   1 
ATOM   138  C  CB  . GLU A 1 19  ? -2.483  -20.139 1.964   1.00 40.77 ? 19   GLU A CB  1 
ATOM   139  C  CG  . GLU A 1 19  ? -3.978  -20.333 2.406   1.00 40.99 ? 19   GLU A CG  1 
ATOM   140  C  CD  . GLU A 1 19  ? -4.831  -21.151 1.417   1.00 40.85 ? 19   GLU A CD  1 
ATOM   141  O  OE1 . GLU A 1 19  ? -4.401  -21.361 0.243   1.00 40.94 ? 19   GLU A OE1 1 
ATOM   142  O  OE2 . GLU A 1 19  ? -5.935  -21.583 1.821   1.00 38.18 ? 19   GLU A OE2 1 
ATOM   143  N  N   . VAL A 1 20  ? 0.460   -18.783 1.618   1.00 41.39 ? 20   VAL A N   1 
ATOM   144  C  CA  . VAL A 1 20  ? 1.883   -19.116 1.428   1.00 41.75 ? 20   VAL A CA  1 
ATOM   145  C  C   . VAL A 1 20  ? 2.840   -17.935 1.366   1.00 41.96 ? 20   VAL A C   1 
ATOM   146  O  O   . VAL A 1 20  ? 4.043   -18.135 1.443   1.00 41.85 ? 20   VAL A O   1 
ATOM   147  C  CB  . VAL A 1 20  ? 2.083   -20.003 0.187   1.00 41.62 ? 20   VAL A CB  1 
ATOM   148  C  CG1 . VAL A 1 20  ? 1.143   -21.208 0.265   1.00 41.22 ? 20   VAL A CG1 1 
ATOM   149  C  CG2 . VAL A 1 20  ? 1.855   -19.215 -1.078  1.00 42.07 ? 20   VAL A CG2 1 
ATOM   150  N  N   . GLY A 1 21  ? 2.327   -16.713 1.238   1.00 42.46 ? 21   GLY A N   1 
ATOM   151  C  CA  . GLY A 1 21  ? 3.177   -15.507 1.238   1.00 42.27 ? 21   GLY A CA  1 
ATOM   152  C  C   . GLY A 1 21  ? 3.768   -15.226 -0.128  1.00 42.72 ? 21   GLY A C   1 
ATOM   153  O  O   . GLY A 1 21  ? 3.752   -16.069 -1.010  1.00 42.23 ? 21   GLY A O   1 
ATOM   154  N  N   . ILE A 1 22  ? 4.293   -14.024 -0.298  1.00 43.62 ? 22   ILE A N   1 
ATOM   155  C  CA  . ILE A 1 22  ? 4.797   -13.570 -1.593  1.00 44.28 ? 22   ILE A CA  1 
ATOM   156  C  C   . ILE A 1 22  ? 5.900   -14.462 -2.179  1.00 45.20 ? 22   ILE A C   1 
ATOM   157  O  O   . ILE A 1 22  ? 5.976   -14.597 -3.385  1.00 45.40 ? 22   ILE A O   1 
ATOM   158  C  CB  . ILE A 1 22  ? 5.317   -12.089 -1.510  1.00 44.28 ? 22   ILE A CB  1 
ATOM   159  C  CG1 . ILE A 1 22  ? 5.669   -11.540 -2.897  1.00 44.03 ? 22   ILE A CG1 1 
ATOM   160  C  CG2 . ILE A 1 22  ? 6.527   -11.978 -0.611  1.00 42.24 ? 22   ILE A CG2 1 
ATOM   161  C  CD1 . ILE A 1 22  ? 5.898   -10.047 -2.899  1.00 44.05 ? 22   ILE A CD1 1 
ATOM   162  N  N   . GLU A 1 23  ? 6.756   -15.046 -1.346  1.00 46.29 ? 23   GLU A N   1 
ATOM   163  C  CA  . GLU A 1 23  ? 7.868   -15.854 -1.877  1.00 48.30 ? 23   GLU A CA  1 
ATOM   164  C  C   . GLU A 1 23  ? 7.339   -17.170 -2.497  1.00 48.44 ? 23   GLU A C   1 
ATOM   165  O  O   . GLU A 1 23  ? 7.642   -17.491 -3.633  1.00 48.90 ? 23   GLU A O   1 
ATOM   166  C  CB  . GLU A 1 23  ? 8.958   -16.174 -0.826  1.00 48.94 ? 23   GLU A CB  1 
ATOM   167  C  CG  . GLU A 1 23  ? 9.008   -15.320 0.487   1.00 52.41 ? 23   GLU A CG  1 
ATOM   168  C  CD  . GLU A 1 23  ? 10.105  -14.229 0.531   0.50 55.42 ? 23   GLU A CD  1 
ATOM   169  O  OE1 . GLU A 1 23  ? 11.309  -14.570 0.761   1.00 57.60 ? 23   GLU A OE1 1 
ATOM   170  O  OE2 . GLU A 1 23  ? 9.742   -13.024 0.396   1.00 57.50 ? 23   GLU A OE2 1 
ATOM   171  N  N   . GLY A 1 24  ? 6.529   -17.903 -1.741  1.00 49.00 ? 24   GLY A N   1 
ATOM   172  C  CA  . GLY A 1 24  ? 5.977   -19.183 -2.162  1.00 48.81 ? 24   GLY A CA  1 
ATOM   173  C  C   . GLY A 1 24  ? 4.820   -19.099 -3.133  1.00 49.01 ? 24   GLY A C   1 
ATOM   174  O  O   . GLY A 1 24  ? 4.423   -20.107 -3.715  1.00 49.77 ? 24   GLY A O   1 
ATOM   175  N  N   . LEU A 1 25  ? 4.265   -17.914 -3.316  1.00 48.69 ? 25   LEU A N   1 
ATOM   176  C  CA  . LEU A 1 25  ? 3.265   -17.714 -4.355  1.00 49.10 ? 25   LEU A CA  1 
ATOM   177  C  C   . LEU A 1 25  ? 3.896   -17.900 -5.751  1.00 49.24 ? 25   LEU A C   1 
ATOM   178  O  O   . LEU A 1 25  ? 4.825   -17.180 -6.118  1.00 49.80 ? 25   LEU A O   1 
ATOM   179  C  CB  . LEU A 1 25  ? 2.675   -16.315 -4.210  1.00 49.10 ? 25   LEU A CB  1 
ATOM   180  C  CG  . LEU A 1 25  ? 1.519   -15.831 -5.072  1.00 48.71 ? 25   LEU A CG  1 
ATOM   181  C  CD1 . LEU A 1 25  ? 0.289   -16.679 -4.897  1.00 47.48 ? 25   LEU A CD1 1 
ATOM   182  C  CD2 . LEU A 1 25  ? 1.228   -14.345 -4.711  1.00 49.01 ? 25   LEU A CD2 1 
ATOM   183  N  N   . THR A 1 26  ? 3.433   -18.892 -6.507  1.00 48.95 ? 26   THR A N   1 
ATOM   184  C  CA  . THR A 1 26  ? 3.858   -19.020 -7.893  1.00 48.72 ? 26   THR A CA  1 
ATOM   185  C  C   . THR A 1 26  ? 2.687   -19.207 -8.844  1.00 49.28 ? 26   THR A C   1 
ATOM   186  O  O   . THR A 1 26  ? 1.565   -19.532 -8.467  1.00 49.18 ? 26   THR A O   1 
ATOM   187  C  CB  . THR A 1 26  ? 4.848   -20.184 -8.130  1.00 48.70 ? 26   THR A CB  1 
ATOM   188  O  OG1 . THR A 1 26  ? 4.225   -21.425 -7.792  1.00 48.02 ? 26   THR A OG1 1 
ATOM   189  C  CG2 . THR A 1 26  ? 6.150   -19.992 -7.344  1.00 49.12 ? 26   THR A CG2 1 
ATOM   190  N  N   . THR A 1 27  ? 2.978   -18.987 -10.109 1.00 50.12 ? 27   THR A N   1 
ATOM   191  C  CA  . THR A 1 27  ? 2.016   -19.184 -11.149 1.00 50.91 ? 27   THR A CA  1 
ATOM   192  C  C   . THR A 1 27  ? 1.593   -20.662 -11.116 1.00 51.81 ? 27   THR A C   1 
ATOM   193  O  O   . THR A 1 27  ? 0.398   -20.991 -11.131 1.00 51.01 ? 27   THR A O   1 
ATOM   194  C  CB  . THR A 1 27  ? 2.634   -18.749 -12.511 1.00 51.19 ? 27   THR A CB  1 
ATOM   195  O  OG1 . THR A 1 27  ? 1.816   -17.724 -13.085 1.00 51.99 ? 27   THR A OG1 1 
ATOM   196  C  CG2 . THR A 1 27  ? 2.852   -19.923 -13.482 1.00 49.27 ? 27   THR A CG2 1 
ATOM   197  N  N   . ARG A 1 28  ? 2.582   -21.545 -11.004 1.00 52.83 ? 28   ARG A N   1 
ATOM   198  C  CA  . ARG A 1 28  ? 2.302   -22.968 -10.987 1.00 53.89 ? 28   ARG A CA  1 
ATOM   199  C  C   . ARG A 1 28  ? 1.401   -23.340 -9.809  1.00 53.89 ? 28   ARG A C   1 
ATOM   200  O  O   . ARG A 1 28  ? 0.549   -24.213 -9.932  1.00 53.54 ? 28   ARG A O   1 
ATOM   201  C  CB  . ARG A 1 28  ? 3.593   -23.774 -10.967 1.00 54.29 ? 28   ARG A CB  1 
ATOM   202  C  CG  . ARG A 1 28  ? 3.377   -25.262 -10.873 1.00 56.91 ? 28   ARG A CG  1 
ATOM   203  C  CD  . ARG A 1 28  ? 2.598   -25.782 -12.089 1.00 60.75 ? 28   ARG A CD  1 
ATOM   204  N  NE  . ARG A 1 28  ? 1.784   -26.951 -11.772 1.00 61.46 ? 28   ARG A NE  1 
ATOM   205  C  CZ  . ARG A 1 28  ? 2.257   -28.178 -11.592 1.00 62.41 ? 28   ARG A CZ  1 
ATOM   206  N  NH1 . ARG A 1 28  ? 3.564   -28.414 -11.687 1.00 63.44 ? 28   ARG A NH1 1 
ATOM   207  N  NH2 . ARG A 1 28  ? 1.408   -29.170 -11.316 1.00 61.96 ? 28   ARG A NH2 1 
ATOM   208  N  N   . LYS A 1 29  ? 1.567   -22.664 -8.679  1.00 54.09 ? 29   LYS A N   1 
ATOM   209  C  CA  . LYS A 1 29  ? 0.747   -22.982 -7.510  1.00 54.46 ? 29   LYS A CA  1 
ATOM   210  C  C   . LYS A 1 29  ? -0.669  -22.404 -7.607  1.00 53.74 ? 29   LYS A C   1 
ATOM   211  O  O   . LYS A 1 29  ? -1.628  -23.009 -7.130  1.00 54.00 ? 29   LYS A O   1 
ATOM   212  C  CB  . LYS A 1 29  ? 1.459   -22.581 -6.219  1.00 54.46 ? 29   LYS A CB  1 
ATOM   213  C  CG  . LYS A 1 29  ? 2.367   -23.710 -5.690  1.00 55.14 ? 29   LYS A CG  1 
ATOM   214  C  CD  . LYS A 1 29  ? 3.536   -23.192 -4.852  1.00 56.02 ? 29   LYS A CD  1 
ATOM   215  C  CE  . LYS A 1 29  ? 3.154   -22.933 -3.382  1.00 58.00 ? 29   LYS A CE  1 
ATOM   216  N  NZ  . LYS A 1 29  ? 2.928   -24.217 -2.643  1.00 60.16 ? 29   LYS A NZ  1 
ATOM   217  N  N   . LEU A 1 30  ? -0.804  -21.256 -8.250  1.00 53.00 ? 30   LEU A N   1 
ATOM   218  C  CA  . LEU A 1 30  ? -2.117  -20.686 -8.487  1.00 52.40 ? 30   LEU A CA  1 
ATOM   219  C  C   . LEU A 1 30  ? -2.948  -21.665 -9.325  1.00 52.33 ? 30   LEU A C   1 
ATOM   220  O  O   . LEU A 1 30  ? -4.118  -21.900 -9.040  1.00 52.08 ? 30   LEU A O   1 
ATOM   221  C  CB  . LEU A 1 30  ? -1.990  -19.349 -9.209  1.00 52.10 ? 30   LEU A CB  1 
ATOM   222  C  CG  . LEU A 1 30  ? -3.046  -18.292 -8.932  1.00 51.42 ? 30   LEU A CG  1 
ATOM   223  C  CD1 . LEU A 1 30  ? -3.106  -17.286 -10.086 1.00 50.25 ? 30   LEU A CD1 1 
ATOM   224  C  CD2 . LEU A 1 30  ? -4.372  -18.914 -8.691  1.00 51.83 ? 30   LEU A CD2 1 
ATOM   225  N  N   . ALA A 1 31  ? -2.315  -22.240 -10.345 1.00 52.39 ? 31   ALA A N   1 
ATOM   226  C  CA  . ALA A 1 31  ? -2.949  -23.215 -11.233 1.00 52.09 ? 31   ALA A CA  1 
ATOM   227  C  C   . ALA A 1 31  ? -3.399  -24.475 -10.498 1.00 52.29 ? 31   ALA A C   1 
ATOM   228  O  O   . ALA A 1 31  ? -4.429  -25.058 -10.854 1.00 52.16 ? 31   ALA A O   1 
ATOM   229  C  CB  . ALA A 1 31  ? -2.001  -23.586 -12.360 1.00 51.74 ? 31   ALA A CB  1 
ATOM   230  N  N   . GLN A 1 32  ? -2.614  -24.902 -9.506  1.00 52.41 ? 32   GLN A N   1 
ATOM   231  C  CA  . GLN A 1 32  ? -2.984  -26.016 -8.622  1.00 52.50 ? 32   GLN A CA  1 
ATOM   232  C  C   . GLN A 1 32  ? -4.300  -25.658 -7.957  1.00 51.99 ? 32   GLN A C   1 
ATOM   233  O  O   . GLN A 1 32  ? -5.305  -26.305 -8.190  1.00 51.97 ? 32   GLN A O   1 
ATOM   234  C  CB  . GLN A 1 32  ? -1.850  -26.313 -7.582  1.00 53.06 ? 32   GLN A CB  1 
ATOM   235  C  CG  . GLN A 1 32  ? -2.242  -26.725 -6.077  1.00 53.19 ? 32   GLN A CG  1 
ATOM   236  C  CD  . GLN A 1 32  ? -1.283  -26.118 -4.960  1.00 53.52 ? 32   GLN A CD  1 
ATOM   237  O  OE1 . GLN A 1 32  ? -0.204  -26.672 -4.677  1.00 54.80 ? 32   GLN A OE1 1 
ATOM   238  N  NE2 . GLN A 1 32  ? -1.713  -25.014 -4.317  1.00 50.43 ? 32   GLN A NE2 1 
ATOM   239  N  N   . LYS A 1 33  ? -4.287  -24.589 -7.168  1.00 51.79 ? 33   LYS A N   1 
ATOM   240  C  CA  . LYS A 1 33  ? -5.431  -24.191 -6.351  1.00 51.54 ? 33   LYS A CA  1 
ATOM   241  C  C   . LYS A 1 33  ? -6.671  -24.033 -7.215  1.00 51.86 ? 33   LYS A C   1 
ATOM   242  O  O   . LYS A 1 33  ? -7.753  -24.479 -6.840  1.00 52.17 ? 33   LYS A O   1 
ATOM   243  C  CB  . LYS A 1 33  ? -5.100  -22.902 -5.555  1.00 51.52 ? 33   LYS A CB  1 
ATOM   244  C  CG  . LYS A 1 33  ? -6.315  -22.137 -4.990  1.00 51.57 ? 33   LYS A CG  1 
ATOM   245  C  CD  . LYS A 1 33  ? -5.948  -21.054 -3.933  1.00 50.15 ? 33   LYS A CD  1 
ATOM   246  C  CE  . LYS A 1 33  ? -6.378  -21.453 -2.515  1.00 48.34 ? 33   LYS A CE  1 
ATOM   247  N  NZ  . LYS A 1 33  ? -5.879  -22.793 -2.102  1.00 46.74 ? 33   LYS A NZ  1 
ATOM   248  N  N   . ILE A 1 34  ? -6.502  -23.438 -8.390  1.00 52.42 ? 34   ILE A N   1 
ATOM   249  C  CA  . ILE A 1 34  ? -7.631  -23.166 -9.285  1.00 53.13 ? 34   ILE A CA  1 
ATOM   250  C  C   . ILE A 1 34  ? -8.206  -24.431 -9.923  1.00 53.30 ? 34   ILE A C   1 
ATOM   251  O  O   . ILE A 1 34  ? -9.390  -24.460 -10.257 1.00 53.60 ? 34   ILE A O   1 
ATOM   252  C  CB  . ILE A 1 34  ? -7.251  -22.130 -10.372 1.00 53.02 ? 34   ILE A CB  1 
ATOM   253  C  CG1 . ILE A 1 34  ? -7.489  -20.708 -9.844  1.00 54.27 ? 34   ILE A CG1 1 
ATOM   254  C  CG2 . ILE A 1 34  ? -8.043  -22.322 -11.654 1.00 53.17 ? 34   ILE A CG2 1 
ATOM   255  C  CD1 . ILE A 1 34  ? -7.795  -19.667 -10.955 1.00 54.08 ? 34   ILE A CD1 1 
ATOM   256  N  N   . GLY A 1 35  ? -7.380  -25.467 -10.079 1.00 53.67 ? 35   GLY A N   1 
ATOM   257  C  CA  . GLY A 1 35  ? -7.808  -26.751 -10.655 1.00 53.65 ? 35   GLY A CA  1 
ATOM   258  C  C   . GLY A 1 35  ? -7.641  -26.770 -12.160 1.00 53.96 ? 35   GLY A C   1 
ATOM   259  O  O   . GLY A 1 35  ? -8.433  -27.390 -12.887 1.00 54.11 ? 35   GLY A O   1 
ATOM   260  N  N   . VAL A 1 36  ? -6.582  -26.118 -12.627 1.00 54.27 ? 36   VAL A N   1 
ATOM   261  C  CA  . VAL A 1 36  ? -6.418  -25.838 -14.046 1.00 54.29 ? 36   VAL A CA  1 
ATOM   262  C  C   . VAL A 1 36  ? -4.967  -26.022 -14.533 1.00 54.53 ? 36   VAL A C   1 
ATOM   263  O  O   . VAL A 1 36  ? -4.020  -26.062 -13.742 1.00 54.50 ? 36   VAL A O   1 
ATOM   264  C  CB  . VAL A 1 36  ? -6.911  -24.405 -14.348 1.00 54.41 ? 36   VAL A CB  1 
ATOM   265  C  CG1 . VAL A 1 36  ? -5.848  -23.371 -13.970 1.00 52.88 ? 36   VAL A CG1 1 
ATOM   266  C  CG2 . VAL A 1 36  ? -7.333  -24.277 -15.816 1.00 54.51 ? 36   VAL A CG2 1 
ATOM   267  N  N   . GLU A 1 37  ? -4.822  -26.145 -15.849 1.00 54.77 ? 37   GLU A N   1 
ATOM   268  C  CA  . GLU A 1 37  ? -3.521  -26.270 -16.497 1.00 54.95 ? 37   GLU A CA  1 
ATOM   269  C  C   . GLU A 1 37  ? -2.813  -24.899 -16.519 1.00 54.78 ? 37   GLU A C   1 
ATOM   270  O  O   . GLU A 1 37  ? -3.466  -23.851 -16.550 1.00 54.27 ? 37   GLU A O   1 
ATOM   271  C  CB  . GLU A 1 37  ? -3.713  -26.817 -17.929 1.00 55.25 ? 37   GLU A CB  1 
ATOM   272  C  CG  . GLU A 1 37  ? -2.599  -27.747 -18.450 1.00 56.20 ? 37   GLU A CG  1 
ATOM   273  C  CD  . GLU A 1 37  ? -2.704  -29.175 -17.924 1.00 56.78 ? 37   GLU A CD  1 
ATOM   274  O  OE1 . GLU A 1 37  ? -2.919  -29.352 -16.709 1.00 57.03 ? 37   GLU A OE1 1 
ATOM   275  O  OE2 . GLU A 1 37  ? -2.557  -30.125 -18.725 1.00 57.91 ? 37   GLU A OE2 1 
ATOM   276  N  N   . GLN A 1 38  ? -1.481  -24.919 -16.487 1.00 54.81 ? 38   GLN A N   1 
ATOM   277  C  CA  . GLN A 1 38  ? -0.664  -23.699 -16.630 1.00 54.65 ? 38   GLN A CA  1 
ATOM   278  C  C   . GLN A 1 38  ? -1.099  -22.773 -17.807 1.00 54.57 ? 38   GLN A C   1 
ATOM   279  O  O   . GLN A 1 38  ? -1.421  -21.595 -17.590 1.00 54.43 ? 38   GLN A O   1 
ATOM   280  C  CB  . GLN A 1 38  ? 0.832   -24.067 -16.749 1.00 54.71 ? 38   GLN A CB  1 
ATOM   281  C  CG  . GLN A 1 38  ? 1.581   -24.203 -15.405 1.00 55.20 ? 38   GLN A CG  1 
ATOM   282  C  CD  . GLN A 1 38  ? 1.990   -22.839 -14.804 1.00 54.90 ? 38   GLN A CD  1 
ATOM   283  O  OE1 . GLN A 1 38  ? 1.167   -21.955 -14.619 1.00 53.82 ? 38   GLN A OE1 1 
ATOM   284  N  NE2 . GLN A 1 38  ? 3.265   -22.685 -14.505 1.00 55.90 ? 38   GLN A NE2 1 
ATOM   285  N  N   . PRO A 1 39  ? -1.111  -23.299 -19.054 1.00 54.22 ? 39   PRO A N   1 
ATOM   286  C  CA  . PRO A 1 39  ? -1.365  -22.416 -20.198 1.00 54.00 ? 39   PRO A CA  1 
ATOM   287  C  C   . PRO A 1 39  ? -2.800  -21.885 -20.324 1.00 53.45 ? 39   PRO A C   1 
ATOM   288  O  O   . PRO A 1 39  ? -3.058  -21.055 -21.203 1.00 53.58 ? 39   PRO A O   1 
ATOM   289  C  CB  . PRO A 1 39  ? -0.998  -23.287 -21.421 1.00 54.23 ? 39   PRO A CB  1 
ATOM   290  C  CG  . PRO A 1 39  ? -1.168  -24.695 -20.960 1.00 54.35 ? 39   PRO A CG  1 
ATOM   291  C  CD  . PRO A 1 39  ? -0.869  -24.695 -19.468 1.00 54.18 ? 39   PRO A CD  1 
ATOM   292  N  N   . THR A 1 40  ? -3.726  -22.353 -19.488 1.00 52.54 ? 40   THR A N   1 
ATOM   293  C  CA  . THR A 1 40  ? -5.041  -21.700 -19.400 1.00 51.97 ? 40   THR A CA  1 
ATOM   294  C  C   . THR A 1 40  ? -5.003  -20.540 -18.397 1.00 50.70 ? 40   THR A C   1 
ATOM   295  O  O   . THR A 1 40  ? -5.687  -19.532 -18.592 1.00 49.81 ? 40   THR A O   1 
ATOM   296  C  CB  . THR A 1 40  ? -6.250  -22.694 -19.169 1.00 52.22 ? 40   THR A CB  1 
ATOM   297  O  OG1 . THR A 1 40  ? -7.142  -22.179 -18.167 1.00 53.17 ? 40   THR A OG1 1 
ATOM   298  C  CG2 . THR A 1 40  ? -5.791  -24.112 -18.781 1.00 53.11 ? 40   THR A CG2 1 
ATOM   299  N  N   . LEU A 1 41  ? -4.182  -20.680 -17.356 1.00 49.96 ? 41   LEU A N   1 
ATOM   300  C  CA  . LEU A 1 41  ? -3.900  -19.570 -16.416 1.00 49.71 ? 41   LEU A CA  1 
ATOM   301  C  C   . LEU A 1 41  ? -3.132  -18.463 -17.125 1.00 49.14 ? 41   LEU A C   1 
ATOM   302  O  O   . LEU A 1 41  ? -3.456  -17.278 -16.975 1.00 48.51 ? 41   LEU A O   1 
ATOM   303  C  CB  . LEU A 1 41  ? -3.089  -20.055 -15.213 1.00 49.77 ? 41   LEU A CB  1 
ATOM   304  C  CG  . LEU A 1 41  ? -2.673  -19.034 -14.143 1.00 49.48 ? 41   LEU A CG  1 
ATOM   305  C  CD1 . LEU A 1 41  ? -3.866  -18.248 -13.592 1.00 46.91 ? 41   LEU A CD1 1 
ATOM   306  C  CD2 . LEU A 1 41  ? -1.939  -19.780 -13.013 1.00 49.36 ? 41   LEU A CD2 1 
ATOM   307  N  N   . TYR A 1 42  ? -2.158  -18.893 -17.938 1.00 48.40 ? 42   TYR A N   1 
ATOM   308  C  CA  . TYR A 1 42  ? -1.299  -18.013 -18.713 1.00 47.70 ? 42   TYR A CA  1 
ATOM   309  C  C   . TYR A 1 42  ? -2.016  -16.874 -19.412 1.00 47.39 ? 42   TYR A C   1 
ATOM   310  O  O   . TYR A 1 42  ? -1.400  -15.849 -19.675 1.00 48.14 ? 42   TYR A O   1 
ATOM   311  C  CB  . TYR A 1 42  ? -0.520  -18.827 -19.747 1.00 47.68 ? 42   TYR A CB  1 
ATOM   312  C  CG  . TYR A 1 42  ? 0.224   -17.997 -20.769 1.00 47.48 ? 42   TYR A CG  1 
ATOM   313  C  CD1 . TYR A 1 42  ? -0.306  -17.792 -22.041 1.00 48.39 ? 42   TYR A CD1 1 
ATOM   314  C  CD2 . TYR A 1 42  ? 1.457   -17.425 -20.477 1.00 47.50 ? 42   TYR A CD2 1 
ATOM   315  C  CE1 . TYR A 1 42  ? 0.363   -17.037 -22.991 1.00 47.82 ? 42   TYR A CE1 1 
ATOM   316  C  CE2 . TYR A 1 42  ? 2.141   -16.662 -21.429 1.00 46.92 ? 42   TYR A CE2 1 
ATOM   317  C  CZ  . TYR A 1 42  ? 1.579   -16.470 -22.677 1.00 47.32 ? 42   TYR A CZ  1 
ATOM   318  O  OH  . TYR A 1 42  ? 2.221   -15.722 -23.629 1.00 48.32 ? 42   TYR A OH  1 
ATOM   319  N  N   . TRP A 1 43  ? -3.289  -17.040 -19.748 1.00 46.63 ? 43   TRP A N   1 
ATOM   320  C  CA  . TRP A 1 43  ? -3.982  -15.992 -20.488 1.00 46.38 ? 43   TRP A CA  1 
ATOM   321  C  C   . TRP A 1 43  ? -4.417  -14.852 -19.554 1.00 46.38 ? 43   TRP A C   1 
ATOM   322  O  O   . TRP A 1 43  ? -4.625  -13.724 -19.991 1.00 46.32 ? 43   TRP A O   1 
ATOM   323  C  CB  . TRP A 1 43  ? -5.170  -16.554 -21.291 1.00 45.93 ? 43   TRP A CB  1 
ATOM   324  C  CG  . TRP A 1 43  ? -4.779  -17.602 -22.302 1.00 45.68 ? 43   TRP A CG  1 
ATOM   325  C  CD1 . TRP A 1 43  ? -5.110  -18.930 -22.282 1.00 45.61 ? 43   TRP A CD1 1 
ATOM   326  C  CD2 . TRP A 1 43  ? -3.969  -17.416 -23.464 1.00 44.48 ? 43   TRP A CD2 1 
ATOM   327  N  NE1 . TRP A 1 43  ? -4.556  -19.577 -23.362 1.00 44.67 ? 43   TRP A NE1 1 
ATOM   328  C  CE2 . TRP A 1 43  ? -3.850  -18.673 -24.102 1.00 44.00 ? 43   TRP A CE2 1 
ATOM   329  C  CE3 . TRP A 1 43  ? -3.328  -16.311 -24.029 1.00 45.01 ? 43   TRP A CE3 1 
ATOM   330  C  CZ2 . TRP A 1 43  ? -3.119  -18.855 -25.278 1.00 45.58 ? 43   TRP A CZ2 1 
ATOM   331  C  CZ3 . TRP A 1 43  ? -2.598  -16.491 -25.219 1.00 45.82 ? 43   TRP A CZ3 1 
ATOM   332  C  CH2 . TRP A 1 43  ? -2.500  -17.754 -25.824 1.00 45.64 ? 43   TRP A CH2 1 
ATOM   333  N  N   . HIS A 1 44  ? -4.549  -15.145 -18.270 1.00 46.39 ? 44   HIS A N   1 
ATOM   334  C  CA  . HIS A 1 44  ? -4.972  -14.137 -17.292 1.00 46.43 ? 44   HIS A CA  1 
ATOM   335  C  C   . HIS A 1 44  ? -3.770  -13.432 -16.676 1.00 46.24 ? 44   HIS A C   1 
ATOM   336  O  O   . HIS A 1 44  ? -3.720  -12.210 -16.538 1.00 46.43 ? 44   HIS A O   1 
ATOM   337  C  CB  . HIS A 1 44  ? -5.816  -14.815 -16.210 1.00 46.58 ? 44   HIS A CB  1 
ATOM   338  C  CG  . HIS A 1 44  ? -7.066  -15.424 -16.748 1.00 46.07 ? 44   HIS A CG  1 
ATOM   339  N  ND1 . HIS A 1 44  ? -8.187  -14.677 -17.034 1.00 45.67 ? 44   HIS A ND1 1 
ATOM   340  C  CD2 . HIS A 1 44  ? -7.358  -16.699 -17.094 1.00 47.06 ? 44   HIS A CD2 1 
ATOM   341  C  CE1 . HIS A 1 44  ? -9.126  -15.473 -17.520 1.00 47.64 ? 44   HIS A CE1 1 
ATOM   342  N  NE2 . HIS A 1 44  ? -8.646  -16.703 -17.576 1.00 46.80 ? 44   HIS A NE2 1 
ATOM   343  N  N   . VAL A 1 45  ? -2.781  -14.246 -16.357 1.00 46.00 ? 45   VAL A N   1 
ATOM   344  C  CA  . VAL A 1 45  ? -1.581  -13.824 -15.685 1.00 44.96 ? 45   VAL A CA  1 
ATOM   345  C  C   . VAL A 1 45  ? -0.412  -14.537 -16.393 1.00 44.70 ? 45   VAL A C   1 
ATOM   346  O  O   . VAL A 1 45  ? -0.240  -15.760 -16.236 1.00 43.83 ? 45   VAL A O   1 
ATOM   347  C  CB  . VAL A 1 45  ? -1.760  -14.235 -14.232 1.00 45.56 ? 45   VAL A CB  1 
ATOM   348  C  CG1 . VAL A 1 45  ? -0.481  -14.745 -13.633 1.00 44.91 ? 45   VAL A CG1 1 
ATOM   349  C  CG2 . VAL A 1 45  ? -2.472  -13.071 -13.437 1.00 45.01 ? 45   VAL A CG2 1 
ATOM   350  N  N   . LYS A 1 46  ? 0.361   -13.785 -17.197 1.00 43.78 ? 46   LYS A N   1 
ATOM   351  C  CA  . LYS A 1 46  ? 1.370   -14.392 -18.093 1.00 43.51 ? 46   LYS A CA  1 
ATOM   352  C  C   . LYS A 1 46  ? 2.692   -14.812 -17.403 1.00 42.25 ? 46   LYS A C   1 
ATOM   353  O  O   . LYS A 1 46  ? 3.432   -15.689 -17.908 1.00 41.70 ? 46   LYS A O   1 
ATOM   354  C  CB  . LYS A 1 46  ? 1.665   -13.482 -19.296 1.00 43.49 ? 46   LYS A CB  1 
ATOM   355  C  CG  . LYS A 1 46  ? 0.660   -13.618 -20.444 1.00 43.96 ? 46   LYS A CG  1 
ATOM   356  C  CD  . LYS A 1 46  ? 1.021   -12.740 -21.659 1.00 44.23 ? 46   LYS A CD  1 
ATOM   357  C  CE  . LYS A 1 46  ? 2.504   -12.902 -22.106 1.00 45.04 ? 46   LYS A CE  1 
ATOM   358  N  NZ  . LYS A 1 46  ? 2.764   -12.534 -23.542 1.00 43.53 ? 46   LYS A NZ  1 
ATOM   359  N  N   . ASN A 1 47  ? 2.986   -14.175 -16.275 1.00 40.57 ? 47   ASN A N   1 
ATOM   360  C  CA  . ASN A 1 47  ? 4.129   -14.548 -15.435 1.00 39.26 ? 47   ASN A CA  1 
ATOM   361  C  C   . ASN A 1 47  ? 3.881   -14.100 -13.998 1.00 38.14 ? 47   ASN A C   1 
ATOM   362  O  O   . ASN A 1 47  ? 2.837   -13.507 -13.717 1.00 37.28 ? 47   ASN A O   1 
ATOM   363  C  CB  . ASN A 1 47  ? 5.431   -13.961 -15.989 1.00 38.90 ? 47   ASN A CB  1 
ATOM   364  C  CG  . ASN A 1 47  ? 5.367   -12.455 -16.175 1.00 39.71 ? 47   ASN A CG  1 
ATOM   365  O  OD1 . ASN A 1 47  ? 4.940   -11.714 -15.286 1.00 38.95 ? 47   ASN A OD1 1 
ATOM   366  N  ND2 . ASN A 1 47  ? 5.804   -11.992 -17.332 1.00 40.86 ? 47   ASN A ND2 1 
ATOM   367  N  N   . LYS A 1 48  ? 4.842   -14.390 -13.116 1.00 37.45 ? 48   LYS A N   1 
ATOM   368  C  CA  . LYS A 1 48  ? 4.771   -14.060 -11.706 1.00 37.33 ? 48   LYS A CA  1 
ATOM   369  C  C   . LYS A 1 48  ? 4.657   -12.556 -11.485 1.00 37.46 ? 48   LYS A C   1 
ATOM   370  O  O   . LYS A 1 48  ? 3.847   -12.113 -10.655 1.00 37.75 ? 48   LYS A O   1 
ATOM   371  C  CB  . LYS A 1 48  ? 5.970   -14.625 -10.922 1.00 37.25 ? 48   LYS A CB  1 
ATOM   372  C  CG  . LYS A 1 48  ? 5.896   -14.276 -9.423  1.00 38.03 ? 48   LYS A CG  1 
ATOM   373  C  CD  . LYS A 1 48  ? 6.529   -15.299 -8.448  1.00 38.32 ? 48   LYS A CD  1 
ATOM   374  C  CE  . LYS A 1 48  ? 6.334   -14.798 -6.977  1.00 38.12 ? 48   LYS A CE  1 
ATOM   375  N  NZ  . LYS A 1 48  ? 6.874   -15.701 -5.915  1.00 36.58 ? 48   LYS A NZ  1 
ATOM   376  N  N   . ARG A 1 49  ? 5.430   -11.787 -12.243 1.00 36.96 ? 49   ARG A N   1 
ATOM   377  C  CA  . ARG A 1 49  ? 5.409   -10.336 -12.151 1.00 37.24 ? 49   ARG A CA  1 
ATOM   378  C  C   . ARG A 1 49  ? 4.034   -9.806  -12.480 1.00 36.82 ? 49   ARG A C   1 
ATOM   379  O  O   . ARG A 1 49  ? 3.492   -8.956  -11.782 1.00 37.17 ? 49   ARG A O   1 
ATOM   380  C  CB  . ARG A 1 49  ? 6.419   -9.719  -13.114 1.00 37.63 ? 49   ARG A CB  1 
ATOM   381  C  CG  . ARG A 1 49  ? 6.746   -8.267  -12.848 1.00 39.43 ? 49   ARG A CG  1 
ATOM   382  C  CD  . ARG A 1 49  ? 7.339   -8.058  -11.448 1.00 42.50 ? 49   ARG A CD  1 
ATOM   383  N  NE  . ARG A 1 49  ? 6.340   -7.520  -10.524 1.00 45.77 ? 49   ARG A NE  1 
ATOM   384  C  CZ  . ARG A 1 49  ? 6.529   -7.305  -9.224  1.00 44.47 ? 49   ARG A CZ  1 
ATOM   385  N  NH1 . ARG A 1 49  ? 7.693   -7.602  -8.662  1.00 43.11 ? 49   ARG A NH1 1 
ATOM   386  N  NH2 . ARG A 1 49  ? 5.527   -6.797  -8.490  1.00 44.63 ? 49   ARG A NH2 1 
ATOM   387  N  N   . ALA A 1 50  ? 3.460   -10.316 -13.551 1.00 36.27 ? 50   ALA A N   1 
ATOM   388  C  CA  . ALA A 1 50  ? 2.149   -9.873  -13.947 1.00 35.65 ? 50   ALA A CA  1 
ATOM   389  C  C   . ALA A 1 50  ? 1.184   -10.147 -12.794 1.00 35.32 ? 50   ALA A C   1 
ATOM   390  O  O   . ALA A 1 50  ? 0.341   -9.305  -12.486 1.00 35.44 ? 50   ALA A O   1 
ATOM   391  C  CB  . ALA A 1 50  ? 1.716   -10.585 -15.237 1.00 34.98 ? 50   ALA A CB  1 
ATOM   392  N  N   . LEU A 1 51  ? 1.357   -11.305 -12.143 1.00 34.97 ? 51   LEU A N   1 
ATOM   393  C  CA  . LEU A 1 51  ? 0.431   -11.797 -11.115 1.00 34.57 ? 51   LEU A CA  1 
ATOM   394  C  C   . LEU A 1 51  ? 0.458   -10.884 -9.918  1.00 34.47 ? 51   LEU A C   1 
ATOM   395  O  O   . LEU A 1 51  ? -0.578  -10.442 -9.447  1.00 35.57 ? 51   LEU A O   1 
ATOM   396  C  CB  . LEU A 1 51  ? 0.808   -13.227 -10.697 1.00 34.87 ? 51   LEU A CB  1 
ATOM   397  C  CG  . LEU A 1 51  ? 0.193   -13.844 -9.426  1.00 34.30 ? 51   LEU A CG  1 
ATOM   398  C  CD1 . LEU A 1 51  ? -1.309  -13.763 -9.473  1.00 33.93 ? 51   LEU A CD1 1 
ATOM   399  C  CD2 . LEU A 1 51  ? 0.667   -15.286 -9.238  1.00 33.62 ? 51   LEU A CD2 1 
ATOM   400  N  N   . LEU A 1 52  ? 1.669   -10.621 -9.446  1.00 34.43 ? 52   LEU A N   1 
ATOM   401  C  CA  . LEU A 1 52  ? 1.958   -9.689  -8.360  1.00 33.91 ? 52   LEU A CA  1 
ATOM   402  C  C   . LEU A 1 52  ? 1.488   -8.267  -8.660  1.00 33.48 ? 52   LEU A C   1 
ATOM   403  O  O   . LEU A 1 52  ? 1.122   -7.518  -7.747  1.00 33.09 ? 52   LEU A O   1 
ATOM   404  C  CB  . LEU A 1 52  ? 3.492   -9.644  -8.101  1.00 33.71 ? 52   LEU A CB  1 
ATOM   405  C  CG  . LEU A 1 52  ? 4.174   -10.894 -7.527  1.00 32.60 ? 52   LEU A CG  1 
ATOM   406  C  CD1 . LEU A 1 52  ? 5.613   -10.634 -7.239  1.00 30.71 ? 52   LEU A CD1 1 
ATOM   407  C  CD2 . LEU A 1 52  ? 3.497   -11.361 -6.266  1.00 32.33 ? 52   LEU A CD2 1 
ATOM   408  N  N   . ASP A 1 53  ? 1.556   -7.866  -9.921  1.00 32.75 ? 53   ASP A N   1 
ATOM   409  C  CA  . ASP A 1 53  ? 1.107   -6.528  -10.255 1.00 33.32 ? 53   ASP A CA  1 
ATOM   410  C  C   . ASP A 1 53  ? -0.432  -6.497  -10.177 1.00 33.05 ? 53   ASP A C   1 
ATOM   411  O  O   . ASP A 1 53  ? -1.034  -5.534  -9.705  1.00 31.81 ? 53   ASP A O   1 
ATOM   412  C  CB  . ASP A 1 53  ? 1.611   -6.114  -11.630 1.00 33.28 ? 53   ASP A CB  1 
ATOM   413  C  CG  . ASP A 1 53  ? 3.119   -5.800  -11.646 1.00 34.38 ? 53   ASP A CG  1 
ATOM   414  O  OD1 . ASP A 1 53  ? 3.739   -5.555  -10.581 1.00 38.82 ? 53   ASP A OD1 1 
ATOM   415  O  OD2 . ASP A 1 53  ? 3.693   -5.794  -12.744 1.00 35.47 ? 53   ASP A OD2 1 
ATOM   416  N  N   . ALA A 1 54  ? -1.028  -7.591  -10.627 1.00 32.79 ? 54   ALA A N   1 
ATOM   417  C  CA  . ALA A 1 54  ? -2.433  -7.808  -10.496 1.00 33.14 ? 54   ALA A CA  1 
ATOM   418  C  C   . ALA A 1 54  ? -2.857  -7.755  -9.005  1.00 33.17 ? 54   ALA A C   1 
ATOM   419  O  O   . ALA A 1 54  ? -3.723  -6.975  -8.649  1.00 33.17 ? 54   ALA A O   1 
ATOM   420  C  CB  . ALA A 1 54  ? -2.809  -9.121  -11.179 1.00 32.66 ? 54   ALA A CB  1 
ATOM   421  N  N   . LEU A 1 55  ? -2.218  -8.502  -8.114  1.00 33.39 ? 55   LEU A N   1 
ATOM   422  C  CA  . LEU A 1 55  ? -2.563  -8.379  -6.677  1.00 33.37 ? 55   LEU A CA  1 
ATOM   423  C  C   . LEU A 1 55  ? -2.456  -6.973  -6.123  1.00 32.86 ? 55   LEU A C   1 
ATOM   424  O  O   . LEU A 1 55  ? -3.309  -6.511  -5.342  1.00 31.68 ? 55   LEU A O   1 
ATOM   425  C  CB  . LEU A 1 55  ? -1.673  -9.266  -5.826  1.00 33.62 ? 55   LEU A CB  1 
ATOM   426  C  CG  . LEU A 1 55  ? -1.876  -10.774 -5.930  1.00 33.23 ? 55   LEU A CG  1 
ATOM   427  C  CD1 . LEU A 1 55  ? -3.258  -11.128 -6.435  1.00 33.03 ? 55   LEU A CD1 1 
ATOM   428  C  CD2 . LEU A 1 55  ? -0.845  -11.306 -6.855  1.00 34.13 ? 55   LEU A CD2 1 
ATOM   429  N  N   . ALA A 1 56  ? -1.370  -6.313  -6.502  1.00 33.08 ? 56   ALA A N   1 
ATOM   430  C  CA  . ALA A 1 56  ? -1.075  -4.981  -6.018  1.00 33.51 ? 56   ALA A CA  1 
ATOM   431  C  C   . ALA A 1 56  ? -2.268  -4.084  -6.308  1.00 34.24 ? 56   ALA A C   1 
ATOM   432  O  O   . ALA A 1 56  ? -2.739  -3.352  -5.444  1.00 34.31 ? 56   ALA A O   1 
ATOM   433  C  CB  . ALA A 1 56  ? 0.154   -4.449  -6.695  1.00 32.62 ? 56   ALA A CB  1 
ATOM   434  N  N   . GLU A 1 57  ? -2.766  -4.177  -7.532  1.00 34.37 ? 57   GLU A N   1 
ATOM   435  C  CA  . GLU A 1 57  ? -3.822  -3.314  -7.983  1.00 35.69 ? 57   GLU A CA  1 
ATOM   436  C  C   . GLU A 1 57  ? -5.156  -3.630  -7.315  1.00 35.23 ? 57   GLU A C   1 
ATOM   437  O  O   . GLU A 1 57  ? -5.866  -2.725  -6.824  1.00 35.80 ? 57   GLU A O   1 
ATOM   438  C  CB  . GLU A 1 57  ? -3.970  -3.469  -9.483  1.00 35.40 ? 57   GLU A CB  1 
ATOM   439  C  CG  . GLU A 1 57  ? -4.975  -2.564  -10.109 1.00 36.61 ? 57   GLU A CG  1 
ATOM   440  C  CD  . GLU A 1 57  ? -5.240  -2.925  -11.568 1.00 37.85 ? 57   GLU A CD  1 
ATOM   441  O  OE1 . GLU A 1 57  ? -4.827  -4.032  -11.989 1.00 39.55 ? 57   GLU A OE1 1 
ATOM   442  O  OE2 . GLU A 1 57  ? -5.860  -2.103  -12.286 1.00 41.01 ? 57   GLU A OE2 1 
ATOM   443  N  N   . THR A 1 58  ? -5.482  -4.916  -7.341  1.00 34.83 ? 58   THR A N   1 
ATOM   444  C  CA  . THR A 1 58  ? -6.783  -5.421  -6.936  1.00 34.39 ? 58   THR A CA  1 
ATOM   445  C  C   . THR A 1 58  ? -6.978  -5.324  -5.422  1.00 33.97 ? 58   THR A C   1 
ATOM   446  O  O   . THR A 1 58  ? -8.113  -5.081  -4.952  1.00 32.19 ? 58   THR A O   1 
ATOM   447  C  CB  . THR A 1 58  ? -7.041  -6.886  -7.469  1.00 34.31 ? 58   THR A CB  1 
ATOM   448  O  OG1 . THR A 1 58  ? -7.914  -7.607  -6.563  1.00 34.56 ? 58   THR A OG1 1 
ATOM   449  C  CG2 . THR A 1 58  ? -5.792  -7.611  -7.590  1.00 33.93 ? 58   THR A CG2 1 
ATOM   450  N  N   . ILE A 1 59  ? -5.877  -5.516  -4.676  1.00 33.60 ? 59   ILE A N   1 
ATOM   451  C  CA  . ILE A 1 59  ? -5.860  -5.252  -3.231  1.00 33.13 ? 59   ILE A CA  1 
ATOM   452  C  C   . ILE A 1 59  ? -6.254  -3.786  -3.015  1.00 33.28 ? 59   ILE A C   1 
ATOM   453  O  O   . ILE A 1 59  ? -6.967  -3.464  -2.078  1.00 33.90 ? 59   ILE A O   1 
ATOM   454  C  CB  . ILE A 1 59  ? -4.468  -5.517  -2.596  1.00 33.01 ? 59   ILE A CB  1 
ATOM   455  C  CG1 . ILE A 1 59  ? -4.219  -7.004  -2.440  1.00 33.91 ? 59   ILE A CG1 1 
ATOM   456  C  CG2 . ILE A 1 59  ? -4.343  -4.877  -1.220  1.00 30.86 ? 59   ILE A CG2 1 
ATOM   457  C  CD1 . ILE A 1 59  ? -2.782  -7.339  -2.016  1.00 32.90 ? 59   ILE A CD1 1 
ATOM   458  N  N   . LEU A 1 60  ? -5.811  -2.885  -3.878  1.00 33.46 ? 60   LEU A N   1 
ATOM   459  C  CA  . LEU A 1 60  ? -6.134  -1.463  -3.666  1.00 34.32 ? 60   LEU A CA  1 
ATOM   460  C  C   . LEU A 1 60  ? -7.561  -1.228  -4.125  1.00 33.99 ? 60   LEU A C   1 
ATOM   461  O  O   . LEU A 1 60  ? -8.303  -0.563  -3.424  1.00 34.30 ? 60   LEU A O   1 
ATOM   462  C  CB  . LEU A 1 60  ? -5.153  -0.503  -4.365  1.00 33.73 ? 60   LEU A CB  1 
ATOM   463  C  CG  . LEU A 1 60  ? -3.732  -0.332  -3.801  1.00 33.76 ? 60   LEU A CG  1 
ATOM   464  C  CD1 . LEU A 1 60  ? -3.013  0.836   -4.519  1.00 31.82 ? 60   LEU A CD1 1 
ATOM   465  C  CD2 . LEU A 1 60  ? -3.708  -0.083  -2.328  1.00 31.28 ? 60   LEU A CD2 1 
ATOM   466  N  N   . GLN A 1 61  ? -7.947  -1.798  -5.269  1.00 34.29 ? 61   GLN A N   1 
ATOM   467  C  CA  . GLN A 1 61  ? -9.368  -1.740  -5.723  1.00 35.84 ? 61   GLN A CA  1 
ATOM   468  C  C   . GLN A 1 61  ? -10.331 -2.221  -4.612  1.00 34.91 ? 61   GLN A C   1 
ATOM   469  O  O   . GLN A 1 61  ? -11.360 -1.614  -4.395  1.00 35.25 ? 61   GLN A O   1 
ATOM   470  C  CB  . GLN A 1 61  ? -9.641  -2.549  -7.039  1.00 35.93 ? 61   GLN A CB  1 
ATOM   471  C  CG  . GLN A 1 61  ? -8.983  -1.987  -8.324  1.00 38.65 ? 61   GLN A CG  1 
ATOM   472  C  CD  . GLN A 1 61  ? -9.099  -2.921  -9.590  1.00 38.78 ? 61   GLN A CD  1 
ATOM   473  O  OE1 . GLN A 1 61  ? -8.686  -4.092  -9.569  1.00 41.14 ? 61   GLN A OE1 1 
ATOM   474  N  NE2 . GLN A 1 61  ? -9.674  -2.375  -10.686 1.00 42.43 ? 61   GLN A NE2 1 
ATOM   475  N  N   . LYS A 1 62  ? -9.959  -3.277  -3.902  1.00 34.29 ? 62   LYS A N   1 
ATOM   476  C  CA  . LYS A 1 62  ? -10.824 -3.886  -2.903  1.00 34.35 ? 62   LYS A CA  1 
ATOM   477  C  C   . LYS A 1 62  ? -10.827 -3.178  -1.548  1.00 34.13 ? 62   LYS A C   1 
ATOM   478  O  O   . LYS A 1 62  ? -11.864 -3.096  -0.883  1.00 33.94 ? 62   LYS A O   1 
ATOM   479  C  CB  . LYS A 1 62  ? -10.423 -5.358  -2.713  1.00 34.76 ? 62   LYS A CB  1 
ATOM   480  C  CG  . LYS A 1 62  ? -10.815 -6.213  -3.896  1.00 33.84 ? 62   LYS A CG  1 
ATOM   481  C  CD  . LYS A 1 62  ? -10.481 -7.673  -3.685  1.00 35.36 ? 62   LYS A CD  1 
ATOM   482  C  CE  . LYS A 1 62  ? -11.109 -8.559  -4.822  1.00 35.92 ? 62   LYS A CE  1 
ATOM   483  N  NZ  . LYS A 1 62  ? -11.688 -9.780  -4.270  1.00 37.94 ? 62   LYS A NZ  1 
ATOM   484  N  N   . HIS A 1 63  ? -9.682  -2.645  -1.134  1.00 33.51 ? 63   HIS A N   1 
ATOM   485  C  CA  . HIS A 1 63  ? -9.577  -2.140  0.220   1.00 32.90 ? 63   HIS A CA  1 
ATOM   486  C  C   . HIS A 1 63  ? -9.121  -0.701  0.393   1.00 32.90 ? 63   HIS A C   1 
ATOM   487  O  O   . HIS A 1 63  ? -9.205  -0.178  1.516   1.00 32.21 ? 63   HIS A O   1 
ATOM   488  C  CB  . HIS A 1 63  ? -8.705  -3.098  0.996   1.00 32.21 ? 63   HIS A CB  1 
ATOM   489  C  CG  . HIS A 1 63  ? -9.309  -4.459  1.086   1.00 32.48 ? 63   HIS A CG  1 
ATOM   490  N  ND1 . HIS A 1 63  ? -10.305 -4.766  1.987   1.00 30.33 ? 63   HIS A ND1 1 
ATOM   491  C  CD2 . HIS A 1 63  ? -9.093  -5.580  0.362   1.00 31.13 ? 63   HIS A CD2 1 
ATOM   492  C  CE1 . HIS A 1 63  ? -10.672 -6.022  1.814   1.00 30.14 ? 63   HIS A CE1 1 
ATOM   493  N  NE2 . HIS A 1 63  ? -9.943  -6.543  0.849   1.00 30.46 ? 63   HIS A NE2 1 
ATOM   494  N  N   . HIS A 1 64  ? -8.665  -0.075  -0.701  1.00 32.96 ? 64   HIS A N   1 
ATOM   495  C  CA  . HIS A 1 64  ? -8.237  1.331   -0.706  1.00 33.30 ? 64   HIS A CA  1 
ATOM   496  C  C   . HIS A 1 64  ? -9.324  2.166   -1.332  1.00 34.13 ? 64   HIS A C   1 
ATOM   497  O  O   . HIS A 1 64  ? -9.335  2.371   -2.560  1.00 35.88 ? 64   HIS A O   1 
ATOM   498  C  CB  . HIS A 1 64  ? -6.918  1.542   -1.478  1.00 32.77 ? 64   HIS A CB  1 
ATOM   499  C  CG  . HIS A 1 64  ? -6.355  2.937   -1.394  1.00 32.11 ? 64   HIS A CG  1 
ATOM   500  N  ND1 . HIS A 1 64  ? -6.365  3.690   -0.240  1.00 28.63 ? 64   HIS A ND1 1 
ATOM   501  C  CD2 . HIS A 1 64  ? -5.727  3.696   -2.328  1.00 31.49 ? 64   HIS A CD2 1 
ATOM   502  C  CE1 . HIS A 1 64  ? -5.785  4.854   -0.470  1.00 31.00 ? 64   HIS A CE1 1 
ATOM   503  N  NE2 . HIS A 1 64  ? -5.402  4.893   -1.736  1.00 30.10 ? 64   HIS A NE2 1 
ATOM   504  N  N   . HIS A 1 65  ? -10.198 2.671   -0.461  1.00 34.29 ? 65   HIS A N   1 
ATOM   505  C  CA  . HIS A 1 65  ? -11.394 3.420   -0.826  1.00 34.28 ? 65   HIS A CA  1 
ATOM   506  C  C   . HIS A 1 65  ? -11.299 4.927   -0.612  1.00 33.84 ? 65   HIS A C   1 
ATOM   507  O  O   . HIS A 1 65  ? -12.127 5.655   -1.119  1.00 33.13 ? 65   HIS A O   1 
ATOM   508  C  CB  . HIS A 1 65  ? -12.569 2.864   -0.033  1.00 34.21 ? 65   HIS A CB  1 
ATOM   509  C  CG  . HIS A 1 65  ? -12.766 1.396   -0.253  1.00 35.39 ? 65   HIS A CG  1 
ATOM   510  N  ND1 . HIS A 1 65  ? -12.791 0.836   -1.518  1.00 35.54 ? 65   HIS A ND1 1 
ATOM   511  C  CD2 . HIS A 1 65  ? -12.932 0.374   0.614   1.00 35.68 ? 65   HIS A CD2 1 
ATOM   512  C  CE1 . HIS A 1 65  ? -12.956 -0.469  -1.416  1.00 35.76 ? 65   HIS A CE1 1 
ATOM   513  N  NE2 . HIS A 1 65  ? -13.047 -0.778  -0.134  1.00 36.35 ? 65   HIS A NE2 1 
ATOM   514  N  N   . HIS A 1 66  ? -10.308 5.420   0.118   1.00 34.14 ? 66   HIS A N   1 
ATOM   515  C  CA  . HIS A 1 66  ? -10.182 6.878   0.206   1.00 34.67 ? 66   HIS A CA  1 
ATOM   516  C  C   . HIS A 1 66  ? -9.280  7.451   -0.902  1.00 35.30 ? 66   HIS A C   1 
ATOM   517  O  O   . HIS A 1 66  ? -8.314  8.149   -0.613  1.00 36.30 ? 66   HIS A O   1 
ATOM   518  C  CB  . HIS A 1 66  ? -9.726  7.337   1.581   1.00 33.89 ? 66   HIS A CB  1 
ATOM   519  C  CG  . HIS A 1 66  ? -10.187 8.721   1.920   1.00 33.66 ? 66   HIS A CG  1 
ATOM   520  N  ND1 . HIS A 1 66  ? -9.482  9.843   1.561   1.00 35.99 ? 66   HIS A ND1 1 
ATOM   521  C  CD2 . HIS A 1 66  ? -11.302 9.165   2.546   1.00 33.94 ? 66   HIS A CD2 1 
ATOM   522  C  CE1 . HIS A 1 66  ? -10.118 10.921  1.985   1.00 32.81 ? 66   HIS A CE1 1 
ATOM   523  N  NE2 . HIS A 1 66  ? -11.225 10.535  2.587   1.00 32.63 ? 66   HIS A NE2 1 
ATOM   524  N  N   . VAL A 1 67  ? -9.659  7.201   -2.155  1.00 35.34 ? 67   VAL A N   1 
ATOM   525  C  CA  . VAL A 1 67  ? -8.839  7.525   -3.302  1.00 35.74 ? 67   VAL A CA  1 
ATOM   526  C  C   . VAL A 1 67  ? -8.919  9.012   -3.704  1.00 36.84 ? 67   VAL A C   1 
ATOM   527  O  O   . VAL A 1 67  ? -8.100  9.506   -4.478  1.00 36.30 ? 67   VAL A O   1 
ATOM   528  C  CB  . VAL A 1 67  ? -9.219  6.588   -4.511  1.00 36.07 ? 67   VAL A CB  1 
ATOM   529  C  CG1 . VAL A 1 67  ? -9.085  5.091   -4.127  1.00 36.48 ? 67   VAL A CG1 1 
ATOM   530  C  CG2 . VAL A 1 67  ? -10.628 6.835   -5.010  1.00 34.41 ? 67   VAL A CG2 1 
ATOM   531  N  N   . LEU A 1 68  ? -9.910  9.727   -3.173  1.00 38.36 ? 68   LEU A N   1 
ATOM   532  C  CA  . LEU A 1 68  ? -10.288 11.050  -3.686  1.00 38.91 ? 68   LEU A CA  1 
ATOM   533  C  C   . LEU A 1 68  ? -10.674 11.952  -2.537  1.00 39.15 ? 68   LEU A C   1 
ATOM   534  O  O   . LEU A 1 68  ? -11.185 11.464  -1.526  1.00 40.34 ? 68   LEU A O   1 
ATOM   535  C  CB  . LEU A 1 68  ? -11.477 10.935  -4.654  1.00 38.93 ? 68   LEU A CB  1 
ATOM   536  C  CG  . LEU A 1 68  ? -11.245 11.203  -6.153  1.00 40.42 ? 68   LEU A CG  1 
ATOM   537  C  CD1 . LEU A 1 68  ? -9.866  10.780  -6.603  1.00 40.02 ? 68   LEU A CD1 1 
ATOM   538  C  CD2 . LEU A 1 68  ? -12.335 10.530  -7.022  1.00 38.63 ? 68   LEU A CD2 1 
ATOM   539  N  N   . PRO A 1 69  ? -10.426 13.270  -2.671  1.00 39.01 ? 69   PRO A N   1 
ATOM   540  C  CA  . PRO A 1 69  ? -10.870 14.192  -1.641  1.00 39.04 ? 69   PRO A CA  1 
ATOM   541  C  C   . PRO A 1 69  ? -12.387 14.236  -1.538  1.00 39.03 ? 69   PRO A C   1 
ATOM   542  O  O   . PRO A 1 69  ? -13.082 14.240  -2.545  1.00 39.32 ? 69   PRO A O   1 
ATOM   543  C  CB  . PRO A 1 69  ? -10.300 15.538  -2.098  1.00 39.70 ? 69   PRO A CB  1 
ATOM   544  C  CG  . PRO A 1 69  ? -9.997  15.361  -3.521  1.00 40.09 ? 69   PRO A CG  1 
ATOM   545  C  CD  . PRO A 1 69  ? -9.670  13.945  -3.733  1.00 38.64 ? 69   PRO A CD  1 
ATOM   546  N  N   . LEU A 1 70  ? -12.894 14.224  -0.321  1.00 38.98 ? 70   LEU A N   1 
ATOM   547  C  CA  . LEU A 1 70  ? -14.327 14.242  -0.105  1.00 39.17 ? 70   LEU A CA  1 
ATOM   548  C  C   . LEU A 1 70  ? -14.724 15.716  -0.106  1.00 39.26 ? 70   LEU A C   1 
ATOM   549  O  O   . LEU A 1 70  ? -13.955 16.552  0.329   1.00 39.11 ? 70   LEU A O   1 
ATOM   550  C  CB  . LEU A 1 70  ? -14.668 13.599  1.244   1.00 39.21 ? 70   LEU A CB  1 
ATOM   551  C  CG  . LEU A 1 70  ? -15.115 12.146  1.462   1.00 39.83 ? 70   LEU A CG  1 
ATOM   552  C  CD1 . LEU A 1 70  ? -14.794 11.151  0.331   1.00 41.23 ? 70   LEU A CD1 1 
ATOM   553  C  CD2 . LEU A 1 70  ? -14.534 11.681  2.789   1.00 39.21 ? 70   LEU A CD2 1 
ATOM   554  N  N   . PRO A 1 71  ? -15.934 16.037  -0.577  1.00 39.63 ? 71   PRO A N   1 
ATOM   555  C  CA  . PRO A 1 71  ? -16.388 17.418  -0.649  1.00 40.08 ? 71   PRO A CA  1 
ATOM   556  C  C   . PRO A 1 71  ? -15.979 18.300  0.551   1.00 40.45 ? 71   PRO A C   1 
ATOM   557  O  O   . PRO A 1 71  ? -15.605 19.451  0.362   1.00 40.04 ? 71   PRO A O   1 
ATOM   558  C  CB  . PRO A 1 71  ? -17.890 17.257  -0.702  1.00 39.81 ? 71   PRO A CB  1 
ATOM   559  C  CG  . PRO A 1 71  ? -18.079 15.966  -1.437  1.00 39.91 ? 71   PRO A CG  1 
ATOM   560  C  CD  . PRO A 1 71  ? -16.965 15.096  -1.055  1.00 39.81 ? 71   PRO A CD  1 
ATOM   561  N  N   . ASN A 1 72  ? -16.027 17.739  1.761   1.00 41.04 ? 72   ASN A N   1 
ATOM   562  C  CA  . ASN A 1 72  ? -15.776 18.487  2.997   1.00 41.33 ? 72   ASN A CA  1 
ATOM   563  C  C   . ASN A 1 72  ? -14.326 18.516  3.415   1.00 41.54 ? 72   ASN A C   1 
ATOM   564  O  O   . ASN A 1 72  ? -14.024 18.998  4.509   1.00 42.59 ? 72   ASN A O   1 
ATOM   565  C  CB  . ASN A 1 72  ? -16.608 17.915  4.170   1.00 42.20 ? 72   ASN A CB  1 
ATOM   566  C  CG  . ASN A 1 72  ? -16.412 16.397  4.380   1.00 43.08 ? 72   ASN A CG  1 
ATOM   567  O  OD1 . ASN A 1 72  ? -17.068 15.588  3.730   1.00 42.95 ? 72   ASN A OD1 1 
ATOM   568  N  ND2 . ASN A 1 72  ? -15.520 16.021  5.304   1.00 44.22 ? 72   ASN A ND2 1 
ATOM   569  N  N   . GLU A 1 73  ? -13.427 18.027  2.559   1.00 40.82 ? 73   GLU A N   1 
ATOM   570  C  CA  . GLU A 1 73  ? -12.025 17.851  2.947   1.00 40.62 ? 73   GLU A CA  1 
ATOM   571  C  C   . GLU A 1 73  ? -11.050 18.963  2.475   1.00 39.91 ? 73   GLU A C   1 
ATOM   572  O  O   . GLU A 1 73  ? -11.048 19.377  1.293   1.00 39.58 ? 73   GLU A O   1 
ATOM   573  C  CB  . GLU A 1 73  ? -11.491 16.481  2.476   1.00 40.27 ? 73   GLU A CB  1 
ATOM   574  C  CG  . GLU A 1 73  ? -11.859 15.343  3.391   1.00 40.77 ? 73   GLU A CG  1 
ATOM   575  C  CD  . GLU A 1 73  ? -11.232 14.002  2.984   1.00 40.78 ? 73   GLU A CD  1 
ATOM   576  O  OE1 . GLU A 1 73  ? -10.956 13.827  1.780   1.00 39.91 ? 73   GLU A OE1 1 
ATOM   577  O  OE2 . GLU A 1 73  ? -11.051 13.125  3.869   1.00 40.45 ? 73   GLU A OE2 1 
ATOM   578  N  N   . THR A 1 74  ? -10.213 19.395  3.420   1.00 38.69 ? 74   THR A N   1 
ATOM   579  C  CA  . THR A 1 74  ? -8.977  20.124  3.126   1.00 38.06 ? 74   THR A CA  1 
ATOM   580  C  C   . THR A 1 74  ? -7.965  19.136  2.551   1.00 37.69 ? 74   THR A C   1 
ATOM   581  O  O   . THR A 1 74  ? -8.031  17.949  2.818   1.00 36.93 ? 74   THR A O   1 
ATOM   582  C  CB  . THR A 1 74  ? -8.373  20.702  4.410   1.00 37.71 ? 74   THR A CB  1 
ATOM   583  O  OG1 . THR A 1 74  ? -8.153  19.618  5.328   1.00 36.30 ? 74   THR A OG1 1 
ATOM   584  C  CG2 . THR A 1 74  ? -9.336  21.718  5.038   1.00 35.79 ? 74   THR A CG2 1 
ATOM   585  N  N   . TRP A 1 75  ? -7.019  19.636  1.777   1.00 37.77 ? 75   TRP A N   1 
ATOM   586  C  CA  . TRP A 1 75  ? -5.918  18.802  1.320   1.00 38.43 ? 75   TRP A CA  1 
ATOM   587  C  C   . TRP A 1 75  ? -5.189  18.098  2.486   1.00 38.51 ? 75   TRP A C   1 
ATOM   588  O  O   . TRP A 1 75  ? -4.732  16.970  2.353   1.00 38.09 ? 75   TRP A O   1 
ATOM   589  C  CB  . TRP A 1 75  ? -4.956  19.603  0.424   1.00 38.04 ? 75   TRP A CB  1 
ATOM   590  C  CG  . TRP A 1 75  ? -4.202  20.612  1.138   1.00 38.87 ? 75   TRP A CG  1 
ATOM   591  C  CD1 . TRP A 1 75  ? -4.486  21.962  1.235   1.00 38.70 ? 75   TRP A CD1 1 
ATOM   592  C  CD2 . TRP A 1 75  ? -3.012  20.398  1.881   1.00 39.24 ? 75   TRP A CD2 1 
ATOM   593  N  NE1 . TRP A 1 75  ? -3.540  22.578  2.001   1.00 38.46 ? 75   TRP A NE1 1 
ATOM   594  C  CE2 . TRP A 1 75  ? -2.618  21.647  2.408   1.00 38.42 ? 75   TRP A CE2 1 
ATOM   595  C  CE3 . TRP A 1 75  ? -2.230  19.263  2.156   1.00 38.91 ? 75   TRP A CE3 1 
ATOM   596  C  CZ2 . TRP A 1 75  ? -1.479  21.794  3.200   1.00 38.43 ? 75   TRP A CZ2 1 
ATOM   597  C  CZ3 . TRP A 1 75  ? -1.095  19.410  2.926   1.00 38.99 ? 75   TRP A CZ3 1 
ATOM   598  C  CH2 . TRP A 1 75  ? -0.730  20.670  3.451   1.00 38.78 ? 75   TRP A CH2 1 
ATOM   599  N  N   . GLN A 1 76  ? -5.087  18.783  3.621   1.00 39.25 ? 76   GLN A N   1 
ATOM   600  C  CA  . GLN A 1 76  ? -4.657  18.169  4.867   1.00 39.07 ? 76   GLN A CA  1 
ATOM   601  C  C   . GLN A 1 76  ? -5.509  16.934  5.165   1.00 39.57 ? 76   GLN A C   1 
ATOM   602  O  O   . GLN A 1 76  ? -4.964  15.846  5.391   1.00 39.92 ? 76   GLN A O   1 
ATOM   603  C  CB  . GLN A 1 76  ? -4.794  19.159  6.032   1.00 38.50 ? 76   GLN A CB  1 
ATOM   604  C  CG  . GLN A 1 76  ? -3.742  20.223  6.094   1.00 39.28 ? 76   GLN A CG  1 
ATOM   605  C  CD  . GLN A 1 76  ? -4.201  21.560  5.579   1.00 39.98 ? 76   GLN A CD  1 
ATOM   606  O  OE1 . GLN A 1 76  ? -5.035  21.631  4.691   1.00 40.63 ? 76   GLN A OE1 1 
ATOM   607  N  NE2 . GLN A 1 76  ? -3.640  22.635  6.129   1.00 38.13 ? 76   GLN A NE2 1 
ATOM   608  N  N   . ASP A 1 77  ? -6.838  17.112  5.203   1.00 39.45 ? 77   ASP A N   1 
ATOM   609  C  CA  . ASP A 1 77  ? -7.729  16.007  5.555   1.00 39.33 ? 77   ASP A CA  1 
ATOM   610  C  C   . ASP A 1 77  ? -7.502  14.921  4.551   1.00 38.83 ? 77   ASP A C   1 
ATOM   611  O  O   . ASP A 1 77  ? -7.384  13.763  4.915   1.00 38.82 ? 77   ASP A O   1 
ATOM   612  C  CB  . ASP A 1 77  ? -9.222  16.373  5.503   1.00 39.45 ? 77   ASP A CB  1 
ATOM   613  C  CG  . ASP A 1 77  ? -9.625  17.443  6.508   1.00 41.73 ? 77   ASP A CG  1 
ATOM   614  O  OD1 . ASP A 1 77  ? -10.486 18.313  6.157   1.00 42.97 ? 77   ASP A OD1 1 
ATOM   615  O  OD2 . ASP A 1 77  ? -9.080  17.415  7.634   1.00 42.69 ? 77   ASP A OD2 1 
ATOM   616  N  N   . PHE A 1 78  ? -7.464  15.284  3.274   1.00 38.63 ? 78   PHE A N   1 
ATOM   617  C  CA  . PHE A 1 78  ? -7.368  14.266  2.254   1.00 39.14 ? 78   PHE A CA  1 
ATOM   618  C  C   . PHE A 1 78  ? -6.112  13.400  2.439   1.00 39.68 ? 78   PHE A C   1 
ATOM   619  O  O   . PHE A 1 78  ? -6.181  12.177  2.500   1.00 39.60 ? 78   PHE A O   1 
ATOM   620  C  CB  . PHE A 1 78  ? -7.383  14.838  0.844   1.00 39.21 ? 78   PHE A CB  1 
ATOM   621  C  CG  . PHE A 1 78  ? -7.005  13.821  -0.184  1.00 38.57 ? 78   PHE A CG  1 
ATOM   622  C  CD1 . PHE A 1 78  ? -7.820  12.751  -0.416  1.00 39.43 ? 78   PHE A CD1 1 
ATOM   623  C  CD2 . PHE A 1 78  ? -5.803  13.891  -0.854  1.00 40.32 ? 78   PHE A CD2 1 
ATOM   624  C  CE1 . PHE A 1 78  ? -7.479  11.780  -1.340  1.00 40.28 ? 78   PHE A CE1 1 
ATOM   625  C  CE2 . PHE A 1 78  ? -5.447  12.911  -1.759  1.00 41.62 ? 78   PHE A CE2 1 
ATOM   626  C  CZ  . PHE A 1 78  ? -6.294  11.856  -1.994  1.00 40.50 ? 78   PHE A CZ  1 
ATOM   627  N  N   . LEU A 1 79  ? -4.971  14.061  2.511   1.00 40.08 ? 79   LEU A N   1 
ATOM   628  C  CA  . LEU A 1 79  ? -3.709  13.378  2.674   1.00 41.04 ? 79   LEU A CA  1 
ATOM   629  C  C   . LEU A 1 79  ? -3.756  12.424  3.885   1.00 40.67 ? 79   LEU A C   1 
ATOM   630  O  O   . LEU A 1 79  ? -3.343  11.254  3.794   1.00 40.08 ? 79   LEU A O   1 
ATOM   631  C  CB  . LEU A 1 79  ? -2.572  14.402  2.800   1.00 40.88 ? 79   LEU A CB  1 
ATOM   632  C  CG  . LEU A 1 79  ? -1.647  14.575  1.584   1.00 42.93 ? 79   LEU A CG  1 
ATOM   633  C  CD1 . LEU A 1 79  ? -2.254  14.186  0.206   1.00 41.98 ? 79   LEU A CD1 1 
ATOM   634  C  CD2 . LEU A 1 79  ? -1.098  16.008  1.571   1.00 41.86 ? 79   LEU A CD2 1 
ATOM   635  N  N   . ARG A 1 80  ? -4.270  12.923  5.003   1.00 39.69 ? 80   ARG A N   1 
ATOM   636  C  CA  . ARG A 1 80  ? -4.361  12.100  6.181   1.00 39.89 ? 80   ARG A CA  1 
ATOM   637  C  C   . ARG A 1 80  ? -5.203  10.859  5.880   1.00 38.94 ? 80   ARG A C   1 
ATOM   638  O  O   . ARG A 1 80  ? -4.743  9.718   6.020   1.00 39.04 ? 80   ARG A O   1 
ATOM   639  C  CB  . ARG A 1 80  ? -4.963  12.895  7.320   1.00 39.73 ? 80   ARG A CB  1 
ATOM   640  C  CG  . ARG A 1 80  ? -4.859  12.212  8.661   1.00 41.99 ? 80   ARG A CG  1 
ATOM   641  C  CD  . ARG A 1 80  ? -5.222  13.159  9.829   1.00 42.64 ? 80   ARG A CD  1 
ATOM   642  N  NE  . ARG A 1 80  ? -4.220  14.221  9.961   1.00 46.13 ? 80   ARG A NE  1 
ATOM   643  C  CZ  . ARG A 1 80  ? -4.426  15.523  9.719   1.00 48.84 ? 80   ARG A CZ  1 
ATOM   644  N  NH1 . ARG A 1 80  ? -5.619  15.982  9.322   1.00 50.42 ? 80   ARG A NH1 1 
ATOM   645  N  NH2 . ARG A 1 80  ? -3.415  16.389  9.882   1.00 48.59 ? 80   ARG A NH2 1 
ATOM   646  N  N   . ASN A 1 81  ? -6.416  11.074  5.400   1.00 37.69 ? 81   ASN A N   1 
ATOM   647  C  CA  . ASN A 1 81  ? -7.317  9.967   5.236   1.00 37.02 ? 81   ASN A CA  1 
ATOM   648  C  C   . ASN A 1 81  ? -6.917  9.058   4.073   1.00 36.78 ? 81   ASN A C   1 
ATOM   649  O  O   . ASN A 1 81  ? -7.127  7.860   4.139   1.00 37.13 ? 81   ASN A O   1 
ATOM   650  C  CB  . ASN A 1 81  ? -8.755  10.460  5.140   1.00 36.50 ? 81   ASN A CB  1 
ATOM   651  C  CG  . ASN A 1 81  ? -9.253  11.054  6.442   1.00 35.97 ? 81   ASN A CG  1 
ATOM   652  O  OD1 . ASN A 1 81  ? -8.797  10.664  7.522   1.00 36.34 ? 81   ASN A OD1 1 
ATOM   653  N  ND2 . ASN A 1 81  ? -10.174 12.038  6.351   1.00 34.37 ? 81   ASN A ND2 1 
ATOM   654  N  N   . ASN A 1 82  ? -6.328  9.624   3.027   1.00 36.79 ? 82   ASN A N   1 
ATOM   655  C  CA  . ASN A 1 82  ? -5.727  8.840   1.955   1.00 37.16 ? 82   ASN A CA  1 
ATOM   656  C  C   . ASN A 1 82  ? -4.646  7.900   2.495   1.00 37.51 ? 82   ASN A C   1 
ATOM   657  O  O   . ASN A 1 82  ? -4.620  6.727   2.175   1.00 38.05 ? 82   ASN A O   1 
ATOM   658  C  CB  . ASN A 1 82  ? -5.117  9.774   0.915   1.00 37.21 ? 82   ASN A CB  1 
ATOM   659  C  CG  . ASN A 1 82  ? -4.447  9.033   -0.237  1.00 37.46 ? 82   ASN A CG  1 
ATOM   660  O  OD1 . ASN A 1 82  ? -3.226  9.117   -0.417  1.00 38.47 ? 82   ASN A OD1 1 
ATOM   661  N  ND2 . ASN A 1 82  ? -5.235  8.324   -1.029  1.00 36.61 ? 82   ASN A ND2 1 
ATOM   662  N  N   . ALA A 1 83  ? -3.760  8.421   3.341   1.00 37.74 ? 83   ALA A N   1 
ATOM   663  C  CA  . ALA A 1 83  ? -2.617  7.655   3.788   1.00 37.41 ? 83   ALA A CA  1 
ATOM   664  C  C   . ALA A 1 83  ? -3.104  6.524   4.717   1.00 37.70 ? 83   ALA A C   1 
ATOM   665  O  O   . ALA A 1 83  ? -2.709  5.376   4.551   1.00 37.92 ? 83   ALA A O   1 
ATOM   666  C  CB  . ALA A 1 83  ? -1.592  8.571   4.447   1.00 36.64 ? 83   ALA A CB  1 
ATOM   667  N  N   . LYS A 1 84  ? -4.017  6.851   5.633   1.00 37.84 ? 84   LYS A N   1 
ATOM   668  C  CA  . LYS A 1 84  ? -4.615  5.871   6.550   1.00 37.38 ? 84   LYS A CA  1 
ATOM   669  C  C   . LYS A 1 84  ? -5.252  4.734   5.775   1.00 36.10 ? 84   LYS A C   1 
ATOM   670  O  O   . LYS A 1 84  ? -5.097  3.571   6.114   1.00 35.18 ? 84   LYS A O   1 
ATOM   671  C  CB  . LYS A 1 84  ? -5.677  6.539   7.434   1.00 37.00 ? 84   LYS A CB  1 
ATOM   672  C  CG  . LYS A 1 84  ? -5.138  7.506   8.488   1.00 38.32 ? 84   LYS A CG  1 
ATOM   673  C  CD  . LYS A 1 84  ? -6.211  7.826   9.599   1.00 38.20 ? 84   LYS A CD  1 
ATOM   674  C  CE  . LYS A 1 84  ? -5.770  8.977   10.521  1.00 38.61 ? 84   LYS A CE  1 
ATOM   675  N  NZ  . LYS A 1 84  ? -6.897  9.738   11.279  1.00 39.57 ? 84   LYS A NZ  1 
ATOM   676  N  N   . SER A 1 85  ? -5.974  5.094   4.728   1.00 36.16 ? 85   SER A N   1 
ATOM   677  C  CA  . SER A 1 85  ? -6.684  4.121   3.866   1.00 36.24 ? 85   SER A CA  1 
ATOM   678  C  C   . SER A 1 85  ? -5.715  3.221   3.100   1.00 35.27 ? 85   SER A C   1 
ATOM   679  O  O   . SER A 1 85  ? -5.913  2.017   3.003   1.00 34.73 ? 85   SER A O   1 
ATOM   680  C  CB  . SER A 1 85  ? -7.575  4.864   2.871   1.00 36.12 ? 85   SER A CB  1 
ATOM   681  O  OG  . SER A 1 85  ? -8.146  3.979   1.911   1.00 39.28 ? 85   SER A OG  1 
ATOM   682  N  N   . PHE A 1 86  ? -4.664  3.824   2.569   1.00 34.56 ? 86   PHE A N   1 
ATOM   683  C  CA  . PHE A 1 86  ? -3.600  3.080   1.901   1.00 35.06 ? 86   PHE A CA  1 
ATOM   684  C  C   . PHE A 1 86  ? -2.893  2.055   2.834   1.00 34.99 ? 86   PHE A C   1 
ATOM   685  O  O   . PHE A 1 86  ? -2.595  0.905   2.451   1.00 35.53 ? 86   PHE A O   1 
ATOM   686  C  CB  . PHE A 1 86  ? -2.619  4.099   1.320   1.00 34.97 ? 86   PHE A CB  1 
ATOM   687  C  CG  . PHE A 1 86  ? -1.536  3.504   0.496   1.00 34.45 ? 86   PHE A CG  1 
ATOM   688  C  CD1 . PHE A 1 86  ? -1.840  2.738   -0.618  1.00 35.57 ? 86   PHE A CD1 1 
ATOM   689  C  CD2 . PHE A 1 86  ? -0.214  3.750   0.786   1.00 33.90 ? 86   PHE A CD2 1 
ATOM   690  C  CE1 . PHE A 1 86  ? -0.838  2.195   -1.419  1.00 34.29 ? 86   PHE A CE1 1 
ATOM   691  C  CE2 . PHE A 1 86  ? 0.782   3.204   -0.007  1.00 36.08 ? 86   PHE A CE2 1 
ATOM   692  C  CZ  . PHE A 1 86  ? 0.462   2.411   -1.104  1.00 35.63 ? 86   PHE A CZ  1 
ATOM   693  N  N   . ARG A 1 87  ? -2.667  2.464   4.069   1.00 34.30 ? 87   ARG A N   1 
ATOM   694  C  CA  . ARG A 1 87  ? -1.978  1.628   5.019   1.00 34.94 ? 87   ARG A CA  1 
ATOM   695  C  C   . ARG A 1 87  ? -2.820  0.446   5.480   1.00 34.17 ? 87   ARG A C   1 
ATOM   696  O  O   . ARG A 1 87  ? -2.304  -0.685  5.621   1.00 34.87 ? 87   ARG A O   1 
ATOM   697  C  CB  . ARG A 1 87  ? -1.555  2.464   6.229   1.00 35.31 ? 87   ARG A CB  1 
ATOM   698  C  CG  . ARG A 1 87  ? -0.905  1.691   7.328   1.00 34.52 ? 87   ARG A CG  1 
ATOM   699  C  CD  . ARG A 1 87  ? -0.263  2.634   8.306   1.00 36.94 ? 87   ARG A CD  1 
ATOM   700  N  NE  . ARG A 1 87  ? 0.440   1.875   9.337   1.00 39.54 ? 87   ARG A NE  1 
ATOM   701  C  CZ  . ARG A 1 87  ? -0.073  1.548   10.520  1.00 41.94 ? 87   ARG A CZ  1 
ATOM   702  N  NH1 . ARG A 1 87  ? -1.285  1.931   10.871  1.00 45.59 ? 87   ARG A NH1 1 
ATOM   703  N  NH2 . ARG A 1 87  ? 0.642   0.859   11.375  1.00 44.06 ? 87   ARG A NH2 1 
ATOM   704  N  N   . GLN A 1 88  ? -4.093  0.691   5.753   1.00 32.77 ? 88   GLN A N   1 
ATOM   705  C  CA  . GLN A 1 88  ? -4.957  -0.411  6.173   1.00 32.40 ? 88   GLN A CA  1 
ATOM   706  C  C   . GLN A 1 88  ? -5.081  -1.343  4.991   1.00 31.89 ? 88   GLN A C   1 
ATOM   707  O  O   . GLN A 1 88  ? -5.222  -2.534  5.171   1.00 30.50 ? 88   GLN A O   1 
ATOM   708  C  CB  . GLN A 1 88  ? -6.339  0.069   6.622   1.00 32.57 ? 88   GLN A CB  1 
ATOM   709  C  CG  . GLN A 1 88  ? -6.380  0.848   7.971   1.00 34.77 ? 88   GLN A CG  1 
ATOM   710  C  CD  . GLN A 1 88  ? -5.391  0.314   9.041   1.00 38.28 ? 88   GLN A CD  1 
ATOM   711  O  OE1 . GLN A 1 88  ? -4.442  1.032   9.455   1.00 41.69 ? 88   GLN A OE1 1 
ATOM   712  N  NE2 . GLN A 1 88  ? -5.577  -0.939  9.452   1.00 36.16 ? 88   GLN A NE2 1 
ATOM   713  N  N   . ALA A 1 89  ? -4.988  -0.797  3.770   1.00 31.55 ? 89   ALA A N   1 
ATOM   714  C  CA  . ALA A 1 89  ? -5.152  -1.621  2.601   1.00 31.36 ? 89   ALA A CA  1 
ATOM   715  C  C   . ALA A 1 89  ? -3.925  -2.515  2.422   1.00 31.75 ? 89   ALA A C   1 
ATOM   716  O  O   . ALA A 1 89  ? -4.063  -3.704  2.063   1.00 30.72 ? 89   ALA A O   1 
ATOM   717  C  CB  . ALA A 1 89  ? -5.435  -0.771  1.375   1.00 31.55 ? 89   ALA A CB  1 
ATOM   718  N  N   . LEU A 1 90  ? -2.736  -1.963  2.713   1.00 31.82 ? 90   LEU A N   1 
ATOM   719  C  CA  . LEU A 1 90  ? -1.494  -2.757  2.657   1.00 31.59 ? 90   LEU A CA  1 
ATOM   720  C  C   . LEU A 1 90  ? -1.418  -3.819  3.774   1.00 32.23 ? 90   LEU A C   1 
ATOM   721  O  O   . LEU A 1 90  ? -0.862  -4.941  3.595   1.00 32.14 ? 90   LEU A O   1 
ATOM   722  C  CB  . LEU A 1 90  ? -0.280  -1.824  2.741   1.00 31.75 ? 90   LEU A CB  1 
ATOM   723  C  CG  . LEU A 1 90  ? -0.041  -0.859  1.569   1.00 29.06 ? 90   LEU A CG  1 
ATOM   724  C  CD1 . LEU A 1 90  ? 1.221   -0.045  1.820   1.00 26.56 ? 90   LEU A CD1 1 
ATOM   725  C  CD2 . LEU A 1 90  ? 0.051   -1.617  0.284   1.00 24.02 ? 90   LEU A CD2 1 
ATOM   726  N  N   . LEU A 1 91  ? -1.984  -3.477  4.921   1.00 32.63 ? 91   LEU A N   1 
ATOM   727  C  CA  . LEU A 1 91  ? -2.029  -4.412  6.046   1.00 33.54 ? 91   LEU A CA  1 
ATOM   728  C  C   . LEU A 1 91  ? -2.973  -5.577  5.851   1.00 33.93 ? 91   LEU A C   1 
ATOM   729  O  O   . LEU A 1 91  ? -2.864  -6.581  6.531   1.00 34.30 ? 91   LEU A O   1 
ATOM   730  C  CB  . LEU A 1 91  ? -2.399  -3.679  7.339   1.00 32.71 ? 91   LEU A CB  1 
ATOM   731  C  CG  . LEU A 1 91  ? -1.237  -2.855  7.892   1.00 33.53 ? 91   LEU A CG  1 
ATOM   732  C  CD1 . LEU A 1 91  ? -1.717  -1.852  8.936   1.00 31.43 ? 91   LEU A CD1 1 
ATOM   733  C  CD2 . LEU A 1 91  ? -0.088  -3.784  8.442   1.00 30.30 ? 91   LEU A CD2 1 
ATOM   734  N  N   . MET A 1 92  ? -3.912  -5.437  4.942   1.00 35.66 ? 92   MET A N   1 
ATOM   735  C  CA  . MET A 1 92  ? -4.961  -6.434  4.786   1.00 36.22 ? 92   MET A CA  1 
ATOM   736  C  C   . MET A 1 92  ? -4.392  -7.793  4.397   1.00 35.87 ? 92   MET A C   1 
ATOM   737  O  O   . MET A 1 92  ? -4.835  -8.787  4.883   1.00 36.59 ? 92   MET A O   1 
ATOM   738  C  CB  . MET A 1 92  ? -6.006  -6.001  3.741   1.00 36.29 ? 92   MET A CB  1 
ATOM   739  C  CG  . MET A 1 92  ? -7.225  -6.971  3.698   1.00 38.24 ? 92   MET A CG  1 
ATOM   740  S  SD  . MET A 1 92  ? -8.339  -6.757  5.111   1.00 40.88 ? 92   MET A SD  1 
ATOM   741  C  CE  . MET A 1 92  ? -7.830  -5.096  5.571   1.00 44.73 ? 92   MET A CE  1 
ATOM   742  N  N   . TYR A 1 93  ? -3.392  -7.821  3.535   1.00 36.22 ? 93   TYR A N   1 
ATOM   743  C  CA  . TYR A 1 93  ? -2.825  -9.085  3.062   1.00 36.21 ? 93   TYR A CA  1 
ATOM   744  C  C   . TYR A 1 93  ? -1.393  -9.315  3.581   1.00 36.17 ? 93   TYR A C   1 
ATOM   745  O  O   . TYR A 1 93  ? -0.632  -8.373  3.803   1.00 35.85 ? 93   TYR A O   1 
ATOM   746  C  CB  . TYR A 1 93  ? -2.924  -9.143  1.525   1.00 36.12 ? 93   TYR A CB  1 
ATOM   747  C  CG  . TYR A 1 93  ? -4.324  -9.512  1.125   1.00 35.71 ? 93   TYR A CG  1 
ATOM   748  C  CD1 . TYR A 1 93  ? -4.671  -10.834 0.851   1.00 35.30 ? 93   TYR A CD1 1 
ATOM   749  C  CD2 . TYR A 1 93  ? -5.329  -8.559  1.141   1.00 36.20 ? 93   TYR A CD2 1 
ATOM   750  C  CE1 . TYR A 1 93  ? -5.954  -11.165 0.556   1.00 35.65 ? 93   TYR A CE1 1 
ATOM   751  C  CE2 . TYR A 1 93  ? -6.615  -8.881  0.861   1.00 35.37 ? 93   TYR A CE2 1 
ATOM   752  C  CZ  . TYR A 1 93  ? -6.934  -10.178 0.565   1.00 36.46 ? 93   TYR A CZ  1 
ATOM   753  O  OH  . TYR A 1 93  ? -8.255  -10.478 0.282   1.00 37.52 ? 93   TYR A OH  1 
ATOM   754  N  N   . ARG A 1 94  ? -1.079  -10.585 3.831   1.00 36.05 ? 94   ARG A N   1 
ATOM   755  C  CA  . ARG A 1 94  ? 0.272   -11.035 4.112   1.00 35.73 ? 94   ARG A CA  1 
ATOM   756  C  C   . ARG A 1 94  ? 1.184   -10.561 2.985   1.00 35.50 ? 94   ARG A C   1 
ATOM   757  O  O   . ARG A 1 94  ? 0.841   -10.680 1.837   1.00 35.86 ? 94   ARG A O   1 
ATOM   758  C  CB  . ARG A 1 94  ? 0.307   -12.570 4.309   1.00 36.45 ? 94   ARG A CB  1 
ATOM   759  C  CG  . ARG A 1 94  ? 1.576   -13.262 3.790   1.00 37.96 ? 94   ARG A CG  1 
ATOM   760  C  CD  . ARG A 1 94  ? 2.239   -14.202 4.734   1.00 37.00 ? 94   ARG A CD  1 
ATOM   761  N  NE  . ARG A 1 94  ? 1.634   -15.517 4.761   1.00 37.95 ? 94   ARG A NE  1 
ATOM   762  C  CZ  . ARG A 1 94  ? 2.301   -16.682 4.900   1.00 36.18 ? 94   ARG A CZ  1 
ATOM   763  N  NH1 . ARG A 1 94  ? 3.617   -16.746 4.989   1.00 32.25 ? 94   ARG A NH1 1 
ATOM   764  N  NH2 . ARG A 1 94  ? 1.616   -17.818 4.940   1.00 38.55 ? 94   ARG A NH2 1 
ATOM   765  N  N   . ASP A 1 95  ? 2.314   -9.953  3.344   1.00 35.80 ? 95   ASP A N   1 
ATOM   766  C  CA  . ASP A 1 95  ? 3.294   -9.376  2.401   1.00 35.39 ? 95   ASP A CA  1 
ATOM   767  C  C   . ASP A 1 95  ? 2.702   -8.272  1.537   1.00 34.98 ? 95   ASP A C   1 
ATOM   768  O  O   . ASP A 1 95  ? 3.244   -7.922  0.509   1.00 34.16 ? 95   ASP A O   1 
ATOM   769  C  CB  . ASP A 1 95  ? 3.926   -10.470 1.523   1.00 35.74 ? 95   ASP A CB  1 
ATOM   770  C  CG  . ASP A 1 95  ? 4.699   -11.496 2.334   1.00 33.38 ? 95   ASP A CG  1 
ATOM   771  O  OD1 . ASP A 1 95  ? 5.493   -11.111 3.178   1.00 35.47 ? 95   ASP A OD1 1 
ATOM   772  O  OD2 . ASP A 1 95  ? 4.568   -12.680 2.098   1.00 33.47 ? 95   ASP A OD2 1 
ATOM   773  N  N   . GLY A 1 96  ? 1.594   -7.706  1.992   1.00 34.89 ? 96   GLY A N   1 
ATOM   774  C  CA  . GLY A 1 96  ? 0.932   -6.631  1.273   1.00 34.42 ? 96   GLY A CA  1 
ATOM   775  C  C   . GLY A 1 96  ? 1.895   -5.517  0.957   1.00 33.98 ? 96   GLY A C   1 
ATOM   776  O  O   . GLY A 1 96  ? 1.787   -4.894  -0.092  1.00 34.83 ? 96   GLY A O   1 
ATOM   777  N  N   . GLY A 1 97  ? 2.861   -5.268  1.833   1.00 33.00 ? 97   GLY A N   1 
ATOM   778  C  CA  . GLY A 1 97  ? 3.816   -4.199  1.580   1.00 31.98 ? 97   GLY A CA  1 
ATOM   779  C  C   . GLY A 1 97  ? 4.795   -4.557  0.482   1.00 31.64 ? 97   GLY A C   1 
ATOM   780  O  O   . GLY A 1 97  ? 5.106   -3.739  -0.395  1.00 32.28 ? 97   GLY A O   1 
ATOM   781  N  N   . LYS A 1 98  ? 5.296   -5.781  0.514   1.00 30.75 ? 98   LYS A N   1 
ATOM   782  C  CA  . LYS A 1 98  ? 6.136   -6.245  -0.556  1.00 30.61 ? 98   LYS A CA  1 
ATOM   783  C  C   . LYS A 1 98  ? 5.336   -6.456  -1.826  1.00 30.76 ? 98   LYS A C   1 
ATOM   784  O  O   . LYS A 1 98  ? 5.896   -6.368  -2.886  1.00 31.43 ? 98   LYS A O   1 
ATOM   785  C  CB  . LYS A 1 98  ? 6.830   -7.561  -0.208  1.00 31.05 ? 98   LYS A CB  1 
ATOM   786  C  CG  . LYS A 1 98  ? 7.711   -7.516  0.987   1.00 31.01 ? 98   LYS A CG  1 
ATOM   787  C  CD  . LYS A 1 98  ? 8.200   -8.873  1.284   1.00 32.98 ? 98   LYS A CD  1 
ATOM   788  C  CE  . LYS A 1 98  ? 8.874   -8.970  2.616   1.00 32.26 ? 98   LYS A CE  1 
ATOM   789  N  NZ  . LYS A 1 98  ? 8.701   -10.426 3.030   1.00 36.71 ? 98   LYS A NZ  1 
ATOM   790  N  N   . ILE A 1 99  ? 4.038   -6.730  -1.768  1.00 31.83 ? 99   ILE A N   1 
ATOM   791  C  CA  . ILE A 1 99  ? 3.285   -6.863  -3.045  1.00 32.07 ? 99   ILE A CA  1 
ATOM   792  C  C   . ILE A 1 99  ? 3.256   -5.507  -3.767  1.00 32.73 ? 99   ILE A C   1 
ATOM   793  O  O   . ILE A 1 99  ? 3.497   -5.429  -4.969  1.00 31.28 ? 99   ILE A O   1 
ATOM   794  C  CB  . ILE A 1 99  ? 1.877   -7.376  -2.842  1.00 32.00 ? 99   ILE A CB  1 
ATOM   795  C  CG1 . ILE A 1 99  ? 1.891   -8.852  -2.470  1.00 31.14 ? 99   ILE A CG1 1 
ATOM   796  C  CG2 . ILE A 1 99  ? 1.015   -7.149  -4.136  1.00 33.03 ? 99   ILE A CG2 1 
ATOM   797  C  CD1 . ILE A 1 99  ? 2.214   -9.772  -3.616  1.00 31.45 ? 99   ILE A CD1 1 
ATOM   798  N  N   . HIS A 1 100 ? 3.012   -4.433  -3.005  1.00 33.87 ? 100  HIS A N   1 
ATOM   799  C  CA  . HIS A 1 100 ? 2.914   -3.094  -3.611  1.00 34.58 ? 100  HIS A CA  1 
ATOM   800  C  C   . HIS A 1 100 ? 4.278   -2.591  -4.096  1.00 34.80 ? 100  HIS A C   1 
ATOM   801  O  O   . HIS A 1 100 ? 4.390   -2.001  -5.171  1.00 36.07 ? 100  HIS A O   1 
ATOM   802  C  CB  . HIS A 1 100 ? 2.329   -2.099  -2.621  1.00 34.51 ? 100  HIS A CB  1 
ATOM   803  C  CG  . HIS A 1 100 ? 2.018   -0.775  -3.235  1.00 35.72 ? 100  HIS A CG  1 
ATOM   804  N  ND1 . HIS A 1 100 ? 0.753   -0.435  -3.651  1.00 34.88 ? 100  HIS A ND1 1 
ATOM   805  C  CD2 . HIS A 1 100 ? 2.812   0.282   -3.534  1.00 35.93 ? 100  HIS A CD2 1 
ATOM   806  C  CE1 . HIS A 1 100 ? 0.781   0.770   -4.195  1.00 35.19 ? 100  HIS A CE1 1 
ATOM   807  N  NE2 . HIS A 1 100 ? 2.016   1.230   -4.131  1.00 36.12 ? 100  HIS A NE2 1 
ATOM   808  N  N   . ALA A 1 101 ? 5.326   -2.843  -3.333  1.00 34.85 ? 101  ALA A N   1 
ATOM   809  C  CA  . ALA A 1 101 ? 6.596   -2.170  -3.591  1.00 35.10 ? 101  ALA A CA  1 
ATOM   810  C  C   . ALA A 1 101 ? 7.046   -2.336  -5.025  1.00 35.00 ? 101  ALA A C   1 
ATOM   811  O  O   . ALA A 1 101 ? 7.071   -3.458  -5.532  1.00 35.94 ? 101  ALA A O   1 
ATOM   812  C  CB  . ALA A 1 101 ? 7.695   -2.696  -2.642  1.00 35.42 ? 101  ALA A CB  1 
ATOM   813  N  N   . GLY A 1 102 ? 7.461   -1.228  -5.640  1.00 34.86 ? 102  GLY A N   1 
ATOM   814  C  CA  . GLY A 1 102 ? 7.998   -1.224  -6.992  1.00 35.07 ? 102  GLY A CA  1 
ATOM   815  C  C   . GLY A 1 102 ? 6.963   -1.151  -8.124  1.00 34.64 ? 102  GLY A C   1 
ATOM   816  O  O   . GLY A 1 102 ? 7.338   -1.119  -9.279  1.00 34.16 ? 102  GLY A O   1 
ATOM   817  N  N   . THR A 1 103 ? 5.672   -1.131  -7.800  1.00 33.82 ? 103  THR A N   1 
ATOM   818  C  CA  . THR A 1 103 ? 4.660   -1.012  -8.829  1.00 33.13 ? 103  THR A CA  1 
ATOM   819  C  C   . THR A 1 103 ? 4.544   0.454   -9.201  1.00 33.44 ? 103  THR A C   1 
ATOM   820  O  O   . THR A 1 103 ? 5.172   1.315   -8.618  1.00 32.46 ? 103  THR A O   1 
ATOM   821  C  CB  . THR A 1 103 ? 3.244   -1.598  -8.390  1.00 32.60 ? 103  THR A CB  1 
ATOM   822  O  OG1 . THR A 1 103 ? 2.783   -0.922  -7.224  1.00 31.61 ? 103  THR A OG1 1 
ATOM   823  C  CG2 . THR A 1 103 ? 3.319   -3.098  -8.083  1.00 30.31 ? 103  THR A CG2 1 
ATOM   824  N  N   . ARG A 1 104 ? 3.767   0.703   -10.243 1.00 35.16 ? 104  ARG A N   1 
ATOM   825  C  CA  . ARG A 1 104 ? 3.378   2.036   -10.638 1.00 35.86 ? 104  ARG A CA  1 
ATOM   826  C  C   . ARG A 1 104 ? 1.869   2.010   -10.757 1.00 35.93 ? 104  ARG A C   1 
ATOM   827  O  O   . ARG A 1 104 ? 1.298   0.952   -10.975 1.00 34.72 ? 104  ARG A O   1 
ATOM   828  C  CB  . ARG A 1 104 ? 4.042   2.411   -11.945 1.00 36.43 ? 104  ARG A CB  1 
ATOM   829  C  CG  . ARG A 1 104 ? 5.574   2.605   -11.814 1.00 37.45 ? 104  ARG A CG  1 
ATOM   830  C  CD  . ARG A 1 104 ? 5.950   3.896   -11.060 1.00 38.50 ? 104  ARG A CD  1 
ATOM   831  N  NE  . ARG A 1 104 ? 7.409   4.063   -10.949 1.00 39.60 ? 104  ARG A NE  1 
ATOM   832  C  CZ  . ARG A 1 104 ? 8.149   3.750   -9.868  1.00 41.59 ? 104  ARG A CZ  1 
ATOM   833  N  NH1 . ARG A 1 104 ? 7.601   3.239   -8.761  1.00 42.50 ? 104  ARG A NH1 1 
ATOM   834  N  NH2 . ARG A 1 104 ? 9.463   3.956   -9.881  1.00 40.64 ? 104  ARG A NH2 1 
ATOM   835  N  N   . PRO A 1 105 ? 1.219   3.165   -10.599 1.00 36.80 ? 105  PRO A N   1 
ATOM   836  C  CA  . PRO A 1 105 ? -0.225  3.130   -10.582 1.00 37.23 ? 105  PRO A CA  1 
ATOM   837  C  C   . PRO A 1 105 ? -0.786  2.502   -11.866 1.00 37.30 ? 105  PRO A C   1 
ATOM   838  O  O   . PRO A 1 105 ? -0.170  2.567   -12.944 1.00 36.56 ? 105  PRO A O   1 
ATOM   839  C  CB  . PRO A 1 105 ? -0.618  4.612   -10.416 1.00 37.72 ? 105  PRO A CB  1 
ATOM   840  C  CG  . PRO A 1 105 ? 0.553   5.376   -11.001 1.00 38.16 ? 105  PRO A CG  1 
ATOM   841  C  CD  . PRO A 1 105 ? 1.734   4.547   -10.510 1.00 37.76 ? 105  PRO A CD  1 
ATOM   842  N  N   . SER A 1 106 ? -1.937  1.853   -11.712 1.00 38.18 ? 106  SER A N   1 
ATOM   843  C  CA  . SER A 1 106 ? -2.557  1.041   -12.758 1.00 38.32 ? 106  SER A CA  1 
ATOM   844  C  C   . SER A 1 106 ? -3.523  1.850   -13.582 1.00 39.07 ? 106  SER A C   1 
ATOM   845  O  O   . SER A 1 106 ? -3.999  2.888   -13.116 1.00 37.95 ? 106  SER A O   1 
ATOM   846  C  CB  . SER A 1 106 ? -3.347  -0.073  -12.111 1.00 37.64 ? 106  SER A CB  1 
ATOM   847  O  OG  . SER A 1 106 ? -2.452  -0.964  -11.548 1.00 38.42 ? 106  SER A OG  1 
ATOM   848  N  N   . GLU A 1 107 ? -3.871  1.318   -14.761 1.00 40.73 ? 107  GLU A N   1 
ATOM   849  C  CA  . GLU A 1 107 ? -4.900  1.914   -15.603 1.00 42.31 ? 107  GLU A CA  1 
ATOM   850  C  C   . GLU A 1 107 ? -6.144  2.171   -14.752 1.00 42.45 ? 107  GLU A C   1 
ATOM   851  O  O   . GLU A 1 107 ? -6.722  3.269   -14.831 1.00 42.74 ? 107  GLU A O   1 
ATOM   852  C  CB  . GLU A 1 107 ? -5.262  1.066   -16.854 1.00 43.25 ? 107  GLU A CB  1 
ATOM   853  C  CG  . GLU A 1 107 ? -4.098  0.376   -17.641 1.00 47.28 ? 107  GLU A CG  1 
ATOM   854  C  CD  . GLU A 1 107 ? -3.933  -1.162  -17.322 1.00 53.90 ? 107  GLU A CD  1 
ATOM   855  O  OE1 . GLU A 1 107 ? -3.519  -1.538  -16.171 1.00 54.74 ? 107  GLU A OE1 1 
ATOM   856  O  OE2 . GLU A 1 107 ? -4.222  -1.989  -18.239 1.00 55.67 ? 107  GLU A OE2 1 
ATOM   857  N  N   . SER A 1 108 ? -6.522  1.210   -13.898 1.00 41.80 ? 108  SER A N   1 
ATOM   858  C  CA  . SER A 1 108 ? -7.726  1.378   -13.074 1.00 42.01 ? 108  SER A CA  1 
ATOM   859  C  C   . SER A 1 108 ? -7.628  2.520   -12.044 1.00 41.79 ? 108  SER A C   1 
ATOM   860  O  O   . SER A 1 108 ? -8.650  2.930   -11.453 1.00 41.39 ? 108  SER A O   1 
ATOM   861  C  CB  . SER A 1 108 ? -8.122  0.072   -12.382 1.00 41.87 ? 108  SER A CB  1 
ATOM   862  O  OG  . SER A 1 108 ? -7.338  -0.162  -11.210 1.00 44.30 ? 108  SER A OG  1 
ATOM   863  N  N   . GLN A 1 109 ? -6.412  3.031   -11.854 1.00 41.48 ? 109  GLN A N   1 
ATOM   864  C  CA  . GLN A 1 109 ? -6.126  4.065   -10.874 1.00 41.76 ? 109  GLN A CA  1 
ATOM   865  C  C   . GLN A 1 109 ? -5.750  5.409   -11.525 1.00 40.98 ? 109  GLN A C   1 
ATOM   866  O  O   . GLN A 1 109 ? -5.396  6.351   -10.821 1.00 40.97 ? 109  GLN A O   1 
ATOM   867  C  CB  . GLN A 1 109 ? -4.973  3.580   -9.981  1.00 41.68 ? 109  GLN A CB  1 
ATOM   868  C  CG  . GLN A 1 109 ? -5.199  2.190   -9.319  1.00 43.56 ? 109  GLN A CG  1 
ATOM   869  C  CD  . GLN A 1 109 ? -3.906  1.514   -8.770  1.00 44.31 ? 109  GLN A CD  1 
ATOM   870  O  OE1 . GLN A 1 109 ? -2.780  1.914   -9.085  1.00 47.14 ? 109  GLN A OE1 1 
ATOM   871  N  NE2 . GLN A 1 109 ? -4.086  0.469   -7.968  1.00 47.63 ? 109  GLN A NE2 1 
ATOM   872  N  N   . PHE A 1 110 ? -5.815  5.511   -12.850 1.00 40.49 ? 110  PHE A N   1 
ATOM   873  C  CA  . PHE A 1 110 ? -5.261  6.695   -13.538 1.00 40.70 ? 110  PHE A CA  1 
ATOM   874  C  C   . PHE A 1 110 ? -6.054  7.957   -13.277 1.00 41.35 ? 110  PHE A C   1 
ATOM   875  O  O   . PHE A 1 110 ? -5.494  9.025   -13.130 1.00 40.92 ? 110  PHE A O   1 
ATOM   876  C  CB  . PHE A 1 110 ? -5.204  6.512   -15.051 1.00 39.70 ? 110  PHE A CB  1 
ATOM   877  C  CG  . PHE A 1 110 ? -4.082  5.642   -15.541 1.00 38.95 ? 110  PHE A CG  1 
ATOM   878  C  CD1 . PHE A 1 110 ? -4.008  5.322   -16.891 1.00 37.65 ? 110  PHE A CD1 1 
ATOM   879  C  CD2 . PHE A 1 110 ? -3.093  5.155   -14.695 1.00 37.02 ? 110  PHE A CD2 1 
ATOM   880  C  CE1 . PHE A 1 110 ? -2.995  4.525   -17.369 1.00 37.36 ? 110  PHE A CE1 1 
ATOM   881  C  CE2 . PHE A 1 110 ? -2.075  4.350   -15.187 1.00 36.16 ? 110  PHE A CE2 1 
ATOM   882  C  CZ  . PHE A 1 110 ? -2.032  4.030   -16.506 1.00 37.04 ? 110  PHE A CZ  1 
ATOM   883  N  N   . GLU A 1 111 ? -7.370  7.818   -13.238 1.00 42.86 ? 111  GLU A N   1 
ATOM   884  C  CA  . GLU A 1 111 ? -8.266  8.962   -13.179 1.00 44.14 ? 111  GLU A CA  1 
ATOM   885  C  C   . GLU A 1 111 ? -8.301  9.529   -11.777 1.00 44.16 ? 111  GLU A C   1 
ATOM   886  O  O   . GLU A 1 111 ? -8.406  10.741  -11.595 1.00 44.80 ? 111  GLU A O   1 
ATOM   887  C  CB  . GLU A 1 111 ? -9.673  8.610   -13.705 1.00 44.70 ? 111  GLU A CB  1 
ATOM   888  C  CG  . GLU A 1 111 ? -10.264 7.234   -13.272 1.00 48.09 ? 111  GLU A CG  1 
ATOM   889  C  CD  . GLU A 1 111 ? -9.729  5.955   -14.054 1.00 50.39 ? 111  GLU A CD  1 
ATOM   890  O  OE1 . GLU A 1 111 ? -8.632  5.436   -13.724 1.00 49.09 ? 111  GLU A OE1 1 
ATOM   891  O  OE2 . GLU A 1 111 ? -10.456 5.437   -14.950 1.00 52.26 ? 111  GLU A OE2 1 
ATOM   892  N  N   . THR A 1 112 ? -8.182  8.661   -10.779 1.00 43.99 ? 112  THR A N   1 
ATOM   893  C  CA  . THR A 1 112 ? -8.155  9.113   -9.405  1.00 43.23 ? 112  THR A CA  1 
ATOM   894  C  C   . THR A 1 112 ? -6.754  9.627   -9.092  1.00 43.02 ? 112  THR A C   1 
ATOM   895  O  O   . THR A 1 112 ? -6.599  10.706  -8.512  1.00 42.51 ? 112  THR A O   1 
ATOM   896  C  CB  . THR A 1 112 ? -8.605  7.995   -8.433  1.00 43.28 ? 112  THR A CB  1 
ATOM   897  O  OG1 . THR A 1 112 ? -7.745  6.860   -8.572  1.00 43.98 ? 112  THR A OG1 1 
ATOM   898  C  CG2 . THR A 1 112 ? -10.044 7.579   -8.742  1.00 42.41 ? 112  THR A CG2 1 
ATOM   899  N  N   . SER A 1 113 ? -5.715  8.885   -9.478  1.00 42.41 ? 113  SER A N   1 
ATOM   900  C  CA  . SER A 1 113 ? -4.366  9.343   -9.143  1.00 42.26 ? 113  SER A CA  1 
ATOM   901  C  C   . SER A 1 113 ? -4.041  10.663  -9.835  1.00 41.30 ? 113  SER A C   1 
ATOM   902  O  O   . SER A 1 113 ? -3.531  11.587  -9.230  1.00 41.01 ? 113  SER A O   1 
ATOM   903  C  CB  . SER A 1 113 ? -3.338  8.271   -9.453  1.00 42.64 ? 113  SER A CB  1 
ATOM   904  O  OG  . SER A 1 113 ? -3.485  7.189   -8.531  1.00 44.21 ? 113  SER A OG  1 
ATOM   905  N  N   . GLU A 1 114 ? -4.377  10.752  -11.110 1.00 41.08 ? 114  GLU A N   1 
ATOM   906  C  CA  . GLU A 1 114 ? -4.378  12.028  -11.823 1.00 40.38 ? 114  GLU A CA  1 
ATOM   907  C  C   . GLU A 1 114 ? -5.052  13.113  -11.016 1.00 39.82 ? 114  GLU A C   1 
ATOM   908  O  O   . GLU A 1 114 ? -4.563  14.244  -10.945 1.00 39.57 ? 114  GLU A O   1 
ATOM   909  C  CB  . GLU A 1 114 ? -5.123  11.893  -13.150 1.00 40.28 ? 114  GLU A CB  1 
ATOM   910  C  CG  . GLU A 1 114 ? -5.006  13.102  -14.024 1.00 40.62 ? 114  GLU A CG  1 
ATOM   911  C  CD  . GLU A 1 114 ? -3.596  13.313  -14.534 1.00 42.29 ? 114  GLU A CD  1 
ATOM   912  O  OE1 . GLU A 1 114 ? -2.773  12.383  -14.514 1.00 44.94 ? 114  GLU A OE1 1 
ATOM   913  O  OE2 . GLU A 1 114 ? -3.303  14.420  -14.984 1.00 45.57 ? 114  GLU A OE2 1 
ATOM   914  N  N   . GLN A 1 115 ? -6.199  12.766  -10.436 1.00 38.95 ? 115  GLN A N   1 
ATOM   915  C  CA  . GLN A 1 115 ? -6.999  13.722  -9.660  1.00 38.48 ? 115  GLN A CA  1 
ATOM   916  C  C   . GLN A 1 115 ? -6.317  14.125  -8.374  1.00 37.74 ? 115  GLN A C   1 
ATOM   917  O  O   . GLN A 1 115 ? -6.427  15.274  -7.963  1.00 38.06 ? 115  GLN A O   1 
ATOM   918  C  CB  . GLN A 1 115 ? -8.370  13.135  -9.341  1.00 38.68 ? 115  GLN A CB  1 
ATOM   919  C  CG  . GLN A 1 115 ? -9.511  14.125  -9.291  1.00 41.43 ? 115  GLN A CG  1 
ATOM   920  C  CD  . GLN A 1 115 ? -10.820 13.542  -9.854  1.00 46.01 ? 115  GLN A CD  1 
ATOM   921  O  OE1 . GLN A 1 115 ? -10.887 12.370  -10.287 1.00 46.48 ? 115  GLN A OE1 1 
ATOM   922  N  NE2 . GLN A 1 115 ? -11.873 14.368  -9.846  1.00 49.10 ? 115  GLN A NE2 1 
ATOM   923  N  N   . GLN A 1 116 ? -5.611  13.185  -7.741  1.00 36.87 ? 116  GLN A N   1 
ATOM   924  C  CA  . GLN A 1 116 ? -4.918  13.463  -6.492  1.00 36.01 ? 116  GLN A CA  1 
ATOM   925  C  C   . GLN A 1 116 ? -3.868  14.509  -6.735  1.00 35.38 ? 116  GLN A C   1 
ATOM   926  O  O   . GLN A 1 116 ? -3.685  15.407  -5.906  1.00 36.31 ? 116  GLN A O   1 
ATOM   927  C  CB  . GLN A 1 116 ? -4.263  12.208  -5.891  1.00 36.00 ? 116  GLN A CB  1 
ATOM   928  C  CG  . GLN A 1 116 ? -5.240  11.197  -5.292  1.00 35.74 ? 116  GLN A CG  1 
ATOM   929  C  CD  . GLN A 1 116 ? -4.574  9.867   -4.889  1.00 35.37 ? 116  GLN A CD  1 
ATOM   930  O  OE1 . GLN A 1 116 ? -3.355  9.781   -4.767  1.00 33.93 ? 116  GLN A OE1 1 
ATOM   931  N  NE2 . GLN A 1 116 ? -5.385  8.825   -4.698  1.00 32.51 ? 116  GLN A NE2 1 
ATOM   932  N  N   . LEU A 1 117 ? -3.171  14.409  -7.864  1.00 34.51 ? 117  LEU A N   1 
ATOM   933  C  CA  . LEU A 1 117 ? -2.117  15.388  -8.172  1.00 33.98 ? 117  LEU A CA  1 
ATOM   934  C  C   . LEU A 1 117 ? -2.747  16.740  -8.529  1.00 34.46 ? 117  LEU A C   1 
ATOM   935  O  O   . LEU A 1 117 ? -2.327  17.777  -8.046  1.00 34.58 ? 117  LEU A O   1 
ATOM   936  C  CB  . LEU A 1 117 ? -1.210  14.897  -9.289  1.00 33.31 ? 117  LEU A CB  1 
ATOM   937  C  CG  . LEU A 1 117 ? -0.321  13.668  -9.054  1.00 31.43 ? 117  LEU A CG  1 
ATOM   938  C  CD1 . LEU A 1 117 ? -0.020  12.967  -10.406 1.00 31.63 ? 117  LEU A CD1 1 
ATOM   939  C  CD2 . LEU A 1 117 ? 0.989   14.013  -8.305  1.00 26.68 ? 117  LEU A CD2 1 
ATOM   940  N  N   . GLN A 1 118 ? -3.784  16.726  -9.353  1.00 34.87 ? 118  GLN A N   1 
ATOM   941  C  CA  . GLN A 1 118 ? -4.437  17.963  -9.695  1.00 35.38 ? 118  GLN A CA  1 
ATOM   942  C  C   . GLN A 1 118 ? -4.893  18.643  -8.401  1.00 35.84 ? 118  GLN A C   1 
ATOM   943  O  O   . GLN A 1 118 ? -4.641  19.823  -8.163  1.00 35.67 ? 118  GLN A O   1 
ATOM   944  C  CB  . GLN A 1 118 ? -5.607  17.696  -10.631 1.00 35.14 ? 118  GLN A CB  1 
ATOM   945  C  CG  . GLN A 1 118 ? -6.266  18.952  -11.189 1.00 35.54 ? 118  GLN A CG  1 
ATOM   946  C  CD  . GLN A 1 118 ? -5.312  19.841  -11.980 1.00 34.45 ? 118  GLN A CD  1 
ATOM   947  O  OE1 . GLN A 1 118 ? -4.838  19.449  -13.043 1.00 34.50 ? 118  GLN A OE1 1 
ATOM   948  N  NE2 . GLN A 1 118 ? -5.040  21.039  -11.469 1.00 29.63 ? 118  GLN A NE2 1 
ATOM   949  N  N   . PHE A 1 119 ? -5.542  17.873  -7.550  1.00 36.26 ? 119  PHE A N   1 
ATOM   950  C  CA  . PHE A 1 119 ? -6.056  18.421  -6.324  1.00 36.99 ? 119  PHE A CA  1 
ATOM   951  C  C   . PHE A 1 119 ? -4.937  19.139  -5.546  1.00 37.37 ? 119  PHE A C   1 
ATOM   952  O  O   . PHE A 1 119 ? -5.148  20.232  -5.024  1.00 37.05 ? 119  PHE A O   1 
ATOM   953  C  CB  . PHE A 1 119 ? -6.723  17.310  -5.496  1.00 37.33 ? 119  PHE A CB  1 
ATOM   954  C  CG  . PHE A 1 119 ? -7.089  17.729  -4.113  1.00 37.44 ? 119  PHE A CG  1 
ATOM   955  C  CD1 . PHE A 1 119 ? -8.156  18.601  -3.893  1.00 37.77 ? 119  PHE A CD1 1 
ATOM   956  C  CD2 . PHE A 1 119 ? -6.350  17.273  -3.032  1.00 37.06 ? 119  PHE A CD2 1 
ATOM   957  C  CE1 . PHE A 1 119 ? -8.495  19.011  -2.607  1.00 37.75 ? 119  PHE A CE1 1 
ATOM   958  C  CE2 . PHE A 1 119 ? -6.675  17.656  -1.756  1.00 37.95 ? 119  PHE A CE2 1 
ATOM   959  C  CZ  . PHE A 1 119 ? -7.752  18.544  -1.530  1.00 38.15 ? 119  PHE A CZ  1 
ATOM   960  N  N   . LEU A 1 120 ? -3.751  18.535  -5.489  1.00 38.05 ? 120  LEU A N   1 
ATOM   961  C  CA  . LEU A 1 120 ? -2.623  19.141  -4.765  1.00 38.61 ? 120  LEU A CA  1 
ATOM   962  C  C   . LEU A 1 120 ? -2.071  20.421  -5.466  1.00 38.89 ? 120  LEU A C   1 
ATOM   963  O  O   . LEU A 1 120 ? -1.684  21.395  -4.800  1.00 38.95 ? 120  LEU A O   1 
ATOM   964  C  CB  . LEU A 1 120 ? -1.515  18.094  -4.518  1.00 38.46 ? 120  LEU A CB  1 
ATOM   965  C  CG  . LEU A 1 120 ? -1.679  17.035  -3.386  1.00 37.94 ? 120  LEU A CG  1 
ATOM   966  C  CD1 . LEU A 1 120 ? -0.406  16.227  -3.200  1.00 34.06 ? 120  LEU A CD1 1 
ATOM   967  C  CD2 . LEU A 1 120 ? -2.053  17.635  -2.048  1.00 36.39 ? 120  LEU A CD2 1 
ATOM   968  N  N   . CYS A 1 121 ? -2.066  20.420  -6.798  1.00 39.37 ? 121  CYS A N   1 
ATOM   969  C  CA  . CYS A 1 121 ? -1.650  21.593  -7.587  1.00 39.68 ? 121  CYS A CA  1 
ATOM   970  C  C   . CYS A 1 121 ? -2.604  22.736  -7.391  1.00 40.56 ? 121  CYS A C   1 
ATOM   971  O  O   . CYS A 1 121 ? -2.200  23.896  -7.302  1.00 39.99 ? 121  CYS A O   1 
ATOM   972  C  CB  . CYS A 1 121 ? -1.616  21.281  -9.080  1.00 39.87 ? 121  CYS A CB  1 
ATOM   973  S  SG  . CYS A 1 121 ? -0.314  20.154  -9.560  1.00 38.57 ? 121  CYS A SG  1 
ATOM   974  N  N   . ASP A 1 122 ? -3.885  22.391  -7.351  1.00 41.61 ? 122  ASP A N   1 
ATOM   975  C  CA  . ASP A 1 122 ? -4.917  23.369  -7.096  1.00 42.35 ? 122  ASP A CA  1 
ATOM   976  C  C   . ASP A 1 122 ? -4.776  23.893  -5.682  1.00 42.76 ? 122  ASP A C   1 
ATOM   977  O  O   . ASP A 1 122 ? -5.269  24.964  -5.391  1.00 44.44 ? 122  ASP A O   1 
ATOM   978  C  CB  . ASP A 1 122 ? -6.316  22.770  -7.307  1.00 42.42 ? 122  ASP A CB  1 
ATOM   979  C  CG  . ASP A 1 122 ? -6.611  22.462  -8.774  1.00 42.74 ? 122  ASP A CG  1 
ATOM   980  O  OD1 . ASP A 1 122 ? -5.854  22.917  -9.659  1.00 41.78 ? 122  ASP A OD1 1 
ATOM   981  O  OD2 . ASP A 1 122 ? -7.604  21.760  -9.051  1.00 43.86 ? 122  ASP A OD2 1 
ATOM   982  N  N   . ALA A 1 123 ? -4.096  23.165  -4.806  1.00 42.49 ? 123  ALA A N   1 
ATOM   983  C  CA  . ALA A 1 123 ? -3.990  23.587  -3.422  1.00 42.46 ? 123  ALA A CA  1 
ATOM   984  C  C   . ALA A 1 123 ? -2.897  24.643  -3.205  1.00 42.15 ? 123  ALA A C   1 
ATOM   985  O  O   . ALA A 1 123 ? -2.886  25.316  -2.169  1.00 42.14 ? 123  ALA A O   1 
ATOM   986  C  CB  . ALA A 1 123 ? -3.742  22.367  -2.518  1.00 42.46 ? 123  ALA A CB  1 
ATOM   987  N  N   . GLY A 1 124 ? -1.983  24.770  -4.165  1.00 41.40 ? 124  GLY A N   1 
ATOM   988  C  CA  . GLY A 1 124 ? -0.820  25.650  -4.030  1.00 40.61 ? 124  GLY A CA  1 
ATOM   989  C  C   . GLY A 1 124 ? 0.498   25.002  -4.440  1.00 40.12 ? 124  GLY A C   1 
ATOM   990  O  O   . GLY A 1 124 ? 1.429   25.693  -4.817  1.00 39.72 ? 124  GLY A O   1 
ATOM   991  N  N   . PHE A 1 125 ? 0.572   23.672  -4.371  1.00 39.40 ? 125  PHE A N   1 
ATOM   992  C  CA  . PHE A 1 125 ? 1.783   22.932  -4.690  1.00 38.69 ? 125  PHE A CA  1 
ATOM   993  C  C   . PHE A 1 125 ? 2.145   22.949  -6.176  1.00 38.09 ? 125  PHE A C   1 
ATOM   994  O  O   . PHE A 1 125 ? 1.287   22.766  -7.027  1.00 38.05 ? 125  PHE A O   1 
ATOM   995  C  CB  . PHE A 1 125 ? 1.613   21.472  -4.239  1.00 39.00 ? 125  PHE A CB  1 
ATOM   996  C  CG  . PHE A 1 125 ? 1.454   21.317  -2.755  1.00 39.22 ? 125  PHE A CG  1 
ATOM   997  C  CD1 . PHE A 1 125 ? 0.216   20.988  -2.201  1.00 39.51 ? 125  PHE A CD1 1 
ATOM   998  C  CD2 . PHE A 1 125 ? 2.544   21.534  -1.900  1.00 39.73 ? 125  PHE A CD2 1 
ATOM   999  C  CE1 . PHE A 1 125 ? 0.061   20.850  -0.825  1.00 39.61 ? 125  PHE A CE1 1 
ATOM   1000 C  CE2 . PHE A 1 125 ? 2.409   21.385  -0.505  1.00 39.62 ? 125  PHE A CE2 1 
ATOM   1001 C  CZ  . PHE A 1 125 ? 1.169   21.051  0.034   1.00 39.28 ? 125  PHE A CZ  1 
ATOM   1002 N  N   . SER A 1 126 ? 3.422   23.128  -6.496  1.00 37.51 ? 126  SER A N   1 
ATOM   1003 C  CA  . SER A 1 126 ? 3.888   22.830  -7.854  1.00 37.03 ? 126  SER A CA  1 
ATOM   1004 C  C   . SER A 1 126 ? 3.711   21.324  -8.101  1.00 36.79 ? 126  SER A C   1 
ATOM   1005 O  O   . SER A 1 126 ? 3.479   20.553  -7.174  1.00 36.65 ? 126  SER A O   1 
ATOM   1006 C  CB  . SER A 1 126 ? 5.357   23.221  -8.040  1.00 37.11 ? 126  SER A CB  1 
ATOM   1007 O  OG  . SER A 1 126 ? 6.223   22.250  -7.477  1.00 35.78 ? 126  SER A OG  1 
ATOM   1008 N  N   . LEU A 1 127 ? 3.819   20.914  -9.356  1.00 36.57 ? 127  LEU A N   1 
ATOM   1009 C  CA  . LEU A 1 127 ? 3.696   19.509  -9.713  1.00 36.38 ? 127  LEU A CA  1 
ATOM   1010 C  C   . LEU A 1 127 ? 4.710   18.722  -8.927  1.00 36.18 ? 127  LEU A C   1 
ATOM   1011 O  O   . LEU A 1 127 ? 4.359   17.808  -8.182  1.00 36.11 ? 127  LEU A O   1 
ATOM   1012 C  CB  . LEU A 1 127 ? 3.936   19.294  -11.210 1.00 36.23 ? 127  LEU A CB  1 
ATOM   1013 C  CG  . LEU A 1 127 ? 2.924   18.396  -11.904 1.00 36.81 ? 127  LEU A CG  1 
ATOM   1014 C  CD1 . LEU A 1 127 ? 3.161   18.462  -13.412 1.00 37.03 ? 127  LEU A CD1 1 
ATOM   1015 C  CD2 . LEU A 1 127 ? 2.969   16.977  -11.392 1.00 35.64 ? 127  LEU A CD2 1 
ATOM   1016 N  N   . SER A 1 128 ? 5.974   19.093  -9.079  1.00 36.11 ? 128  SER A N   1 
ATOM   1017 C  CA  . SER A 1 128 ? 7.057   18.373  -8.412  1.00 36.61 ? 128  SER A CA  1 
ATOM   1018 C  C   . SER A 1 128 ? 6.652   18.060  -6.986  1.00 36.03 ? 128  SER A C   1 
ATOM   1019 O  O   . SER A 1 128 ? 6.696   16.928  -6.560  1.00 36.08 ? 128  SER A O   1 
ATOM   1020 C  CB  . SER A 1 128 ? 8.340   19.203  -8.378  1.00 36.33 ? 128  SER A CB  1 
ATOM   1021 O  OG  . SER A 1 128 ? 8.836   19.376  -9.676  1.00 37.32 ? 128  SER A OG  1 
ATOM   1022 N  N   . GLN A 1 129 ? 6.252   19.106  -6.287  1.00 35.96 ? 129  GLN A N   1 
ATOM   1023 C  CA  . GLN A 1 129 ? 5.867   19.059  -4.891  1.00 36.14 ? 129  GLN A CA  1 
ATOM   1024 C  C   . GLN A 1 129 ? 4.769   18.072  -4.614  1.00 36.43 ? 129  GLN A C   1 
ATOM   1025 O  O   . GLN A 1 129 ? 4.852   17.318  -3.638  1.00 37.05 ? 129  GLN A O   1 
ATOM   1026 C  CB  . GLN A 1 129 ? 5.400   20.435  -4.433  1.00 35.81 ? 129  GLN A CB  1 
ATOM   1027 C  CG  . GLN A 1 129 ? 6.529   21.392  -4.317  1.00 34.94 ? 129  GLN A CG  1 
ATOM   1028 C  CD  . GLN A 1 129 ? 6.085   22.752  -3.921  1.00 35.37 ? 129  GLN A CD  1 
ATOM   1029 O  OE1 . GLN A 1 129 ? 5.050   23.279  -4.399  1.00 34.46 ? 129  GLN A OE1 1 
ATOM   1030 N  NE2 . GLN A 1 129 ? 6.867   23.365  -3.047  1.00 33.11 ? 129  GLN A NE2 1 
ATOM   1031 N  N   . ALA A 1 130 ? 3.749   18.100  -5.465  1.00 35.89 ? 130  ALA A N   1 
ATOM   1032 C  CA  . ALA A 1 130 ? 2.630   17.193  -5.353  1.00 35.48 ? 130  ALA A CA  1 
ATOM   1033 C  C   . ALA A 1 130 ? 3.127   15.762  -5.595  1.00 35.38 ? 130  ALA A C   1 
ATOM   1034 O  O   . ALA A 1 130 ? 2.833   14.843  -4.826  1.00 35.09 ? 130  ALA A O   1 
ATOM   1035 C  CB  . ALA A 1 130 ? 1.542   17.586  -6.358  1.00 35.23 ? 130  ALA A CB  1 
ATOM   1036 N  N   . VAL A 1 131 ? 3.915   15.590  -6.650  1.00 35.20 ? 131  VAL A N   1 
ATOM   1037 C  CA  . VAL A 1 131 ? 4.456   14.280  -6.998  1.00 34.54 ? 131  VAL A CA  1 
ATOM   1038 C  C   . VAL A 1 131 ? 5.281   13.759  -5.855  1.00 34.74 ? 131  VAL A C   1 
ATOM   1039 O  O   . VAL A 1 131 ? 5.151   12.592  -5.475  1.00 35.24 ? 131  VAL A O   1 
ATOM   1040 C  CB  . VAL A 1 131 ? 5.373   14.348  -8.209  1.00 34.60 ? 131  VAL A CB  1 
ATOM   1041 C  CG1 . VAL A 1 131 ? 5.965   12.956  -8.534  1.00 32.58 ? 131  VAL A CG1 1 
ATOM   1042 C  CG2 . VAL A 1 131 ? 4.618   14.956  -9.401  1.00 33.03 ? 131  VAL A CG2 1 
ATOM   1043 N  N   . TYR A 1 132 ? 6.118   14.619  -5.277  1.00 34.14 ? 132  TYR A N   1 
ATOM   1044 C  CA  . TYR A 1 132 ? 7.007   14.154  -4.211  1.00 33.53 ? 132  TYR A CA  1 
ATOM   1045 C  C   . TYR A 1 132 ? 6.250   13.799  -2.926  1.00 33.88 ? 132  TYR A C   1 
ATOM   1046 O  O   . TYR A 1 132 ? 6.674   12.926  -2.203  1.00 33.92 ? 132  TYR A O   1 
ATOM   1047 C  CB  . TYR A 1 132 ? 8.069   15.183  -3.870  1.00 32.12 ? 132  TYR A CB  1 
ATOM   1048 C  CG  . TYR A 1 132 ? 9.031   15.546  -4.951  1.00 31.88 ? 132  TYR A CG  1 
ATOM   1049 C  CD1 . TYR A 1 132 ? 9.442   14.634  -5.924  1.00 32.01 ? 132  TYR A CD1 1 
ATOM   1050 C  CD2 . TYR A 1 132 ? 9.607   16.817  -4.958  1.00 31.83 ? 132  TYR A CD2 1 
ATOM   1051 C  CE1 . TYR A 1 132 ? 10.388  15.009  -6.899  1.00 31.23 ? 132  TYR A CE1 1 
ATOM   1052 C  CE2 . TYR A 1 132 ? 10.504  17.200  -5.917  1.00 31.30 ? 132  TYR A CE2 1 
ATOM   1053 C  CZ  . TYR A 1 132 ? 10.909  16.300  -6.882  1.00 30.99 ? 132  TYR A CZ  1 
ATOM   1054 O  OH  . TYR A 1 132 ? 11.837  16.748  -7.813  1.00 32.12 ? 132  TYR A OH  1 
ATOM   1055 N  N   . ALA A 1 133 ? 5.174   14.526  -2.638  1.00 34.59 ? 133  ALA A N   1 
ATOM   1056 C  CA  . ALA A 1 133 ? 4.373   14.352  -1.431  1.00 35.36 ? 133  ALA A CA  1 
ATOM   1057 C  C   . ALA A 1 133 ? 3.544   13.045  -1.468  1.00 35.86 ? 133  ALA A C   1 
ATOM   1058 O  O   . ALA A 1 133 ? 3.489   12.315  -0.480  1.00 35.52 ? 133  ALA A O   1 
ATOM   1059 C  CB  . ALA A 1 133 ? 3.438   15.590  -1.220  1.00 34.71 ? 133  ALA A CB  1 
ATOM   1060 N  N   . LEU A 1 134 ? 2.897   12.780  -2.603  1.00 36.38 ? 134  LEU A N   1 
ATOM   1061 C  CA  . LEU A 1 134 ? 2.108   11.555  -2.804  1.00 36.44 ? 134  LEU A CA  1 
ATOM   1062 C  C   . LEU A 1 134 ? 2.996   10.323  -2.840  1.00 37.01 ? 134  LEU A C   1 
ATOM   1063 O  O   . LEU A 1 134 ? 2.771   9.366   -2.098  1.00 36.92 ? 134  LEU A O   1 
ATOM   1064 C  CB  . LEU A 1 134 ? 1.325   11.638  -4.119  1.00 36.80 ? 134  LEU A CB  1 
ATOM   1065 C  CG  . LEU A 1 134 ? -0.054  12.309  -4.154  1.00 36.54 ? 134  LEU A CG  1 
ATOM   1066 C  CD1 . LEU A 1 134 ? -0.333  13.084  -2.912  1.00 34.17 ? 134  LEU A CD1 1 
ATOM   1067 C  CD2 . LEU A 1 134 ? -0.153  13.189  -5.399  1.00 34.63 ? 134  LEU A CD2 1 
ATOM   1068 N  N   . SER A 1 135 ? 3.978   10.345  -3.740  1.00 37.20 ? 135  SER A N   1 
ATOM   1069 C  CA  . SER A 1 135 ? 5.036   9.351   -3.776  1.00 37.53 ? 135  SER A CA  1 
ATOM   1070 C  C   . SER A 1 135 ? 5.520   8.999   -2.372  1.00 37.79 ? 135  SER A C   1 
ATOM   1071 O  O   . SER A 1 135 ? 5.518   7.827   -1.977  1.00 37.95 ? 135  SER A O   1 
ATOM   1072 C  CB  . SER A 1 135 ? 6.252   9.919   -4.512  1.00 37.31 ? 135  SER A CB  1 
ATOM   1073 O  OG  . SER A 1 135 ? 6.029   9.856   -5.890  1.00 39.90 ? 135  SER A OG  1 
ATOM   1074 N  N   . SER A 1 136 ? 5.953   10.023  -1.637  1.00 36.95 ? 136  SER A N   1 
ATOM   1075 C  CA  . SER A 1 136 ? 6.716   9.782   -0.443  1.00 36.99 ? 136  SER A CA  1 
ATOM   1076 C  C   . SER A 1 136 ? 5.817   9.303   0.731   1.00 37.52 ? 136  SER A C   1 
ATOM   1077 O  O   . SER A 1 136 ? 6.218   8.412   1.475   1.00 38.17 ? 136  SER A O   1 
ATOM   1078 C  CB  . SER A 1 136 ? 7.555   11.014  -0.096  1.00 37.56 ? 136  SER A CB  1 
ATOM   1079 O  OG  . SER A 1 136 ? 8.380   11.481  -1.194  1.00 35.27 ? 136  SER A OG  1 
ATOM   1080 N  N   . ILE A 1 137 ? 4.602   9.847   0.871   1.00 37.27 ? 137  ILE A N   1 
ATOM   1081 C  CA  . ILE A 1 137 ? 3.591   9.307   1.798   1.00 36.89 ? 137  ILE A CA  1 
ATOM   1082 C  C   . ILE A 1 137 ? 3.271   7.807   1.542   1.00 36.73 ? 137  ILE A C   1 
ATOM   1083 O  O   . ILE A 1 137 ? 3.016   7.037   2.491   1.00 36.20 ? 137  ILE A O   1 
ATOM   1084 C  CB  . ILE A 1 137 ? 2.289   10.105  1.697   1.00 37.50 ? 137  ILE A CB  1 
ATOM   1085 C  CG1 . ILE A 1 137 ? 2.478   11.542  2.177   1.00 38.70 ? 137  ILE A CG1 1 
ATOM   1086 C  CG2 . ILE A 1 137 ? 1.182   9.492   2.535   1.00 38.73 ? 137  ILE A CG2 1 
ATOM   1087 C  CD1 . ILE A 1 137 ? 1.501   12.482  1.484   1.00 39.39 ? 137  ILE A CD1 1 
ATOM   1088 N  N   . ALA A 1 138 ? 3.280   7.401   0.270   1.00 36.08 ? 138  ALA A N   1 
ATOM   1089 C  CA  . ALA A 1 138 ? 3.240   5.994   -0.091  1.00 35.78 ? 138  ALA A CA  1 
ATOM   1090 C  C   . ALA A 1 138 ? 4.464   5.257   0.452   1.00 35.77 ? 138  ALA A C   1 
ATOM   1091 O  O   . ALA A 1 138 ? 4.347   4.253   1.147   1.00 35.98 ? 138  ALA A O   1 
ATOM   1092 C  CB  . ALA A 1 138 ? 3.159   5.830   -1.629  1.00 36.22 ? 138  ALA A CB  1 
ATOM   1093 N  N   . HIS A 1 139 ? 5.644   5.762   0.140   1.00 35.75 ? 139  HIS A N   1 
ATOM   1094 C  CA  . HIS A 1 139 ? 6.882   5.184   0.645   1.00 36.03 ? 139  HIS A CA  1 
ATOM   1095 C  C   . HIS A 1 139 ? 6.869   5.111   2.182   1.00 36.15 ? 139  HIS A C   1 
ATOM   1096 O  O   . HIS A 1 139 ? 7.291   4.136   2.798   1.00 36.54 ? 139  HIS A O   1 
ATOM   1097 C  CB  . HIS A 1 139 ? 8.094   6.021   0.179   1.00 35.61 ? 139  HIS A CB  1 
ATOM   1098 C  CG  . HIS A 1 139 ? 8.294   6.034   -1.304  1.00 36.41 ? 139  HIS A CG  1 
ATOM   1099 N  ND1 . HIS A 1 139 ? 8.988   7.029   -1.954  1.00 35.97 ? 139  HIS A ND1 1 
ATOM   1100 C  CD2 . HIS A 1 139 ? 7.936   5.142   -2.261  1.00 38.16 ? 139  HIS A CD2 1 
ATOM   1101 C  CE1 . HIS A 1 139 ? 9.024   6.762   -3.248  1.00 35.56 ? 139  HIS A CE1 1 
ATOM   1102 N  NE2 . HIS A 1 139 ? 8.402   5.620   -3.458  1.00 36.53 ? 139  HIS A NE2 1 
ATOM   1103 N  N   . PHE A 1 140 ? 6.407   6.167   2.811   1.00 36.29 ? 140  PHE A N   1 
ATOM   1104 C  CA  . PHE A 1 140 ? 6.389   6.178   4.261   1.00 37.34 ? 140  PHE A CA  1 
ATOM   1105 C  C   . PHE A 1 140 ? 5.479   5.102   4.816   1.00 36.68 ? 140  PHE A C   1 
ATOM   1106 O  O   . PHE A 1 140 ? 5.834   4.376   5.715   1.00 35.94 ? 140  PHE A O   1 
ATOM   1107 C  CB  . PHE A 1 140 ? 5.917   7.541   4.751   1.00 38.52 ? 140  PHE A CB  1 
ATOM   1108 C  CG  . PHE A 1 140 ? 5.575   7.558   6.165   1.00 38.55 ? 140  PHE A CG  1 
ATOM   1109 C  CD1 . PHE A 1 140 ? 6.415   6.947   7.092   1.00 41.35 ? 140  PHE A CD1 1 
ATOM   1110 C  CD2 . PHE A 1 140 ? 4.436   8.211   6.602   1.00 40.10 ? 140  PHE A CD2 1 
ATOM   1111 C  CE1 . PHE A 1 140 ? 6.090   6.953   8.479   1.00 42.53 ? 140  PHE A CE1 1 
ATOM   1112 C  CE2 . PHE A 1 140 ? 4.122   8.260   7.956   1.00 40.39 ? 140  PHE A CE2 1 
ATOM   1113 C  CZ  . PHE A 1 140 ? 4.947   7.641   8.899   1.00 41.21 ? 140  PHE A CZ  1 
ATOM   1114 N  N   . THR A 1 141 ? 4.275   5.059   4.271   1.00 37.21 ? 141  THR A N   1 
ATOM   1115 C  CA  . THR A 1 141 ? 3.250   4.134   4.674   1.00 37.08 ? 141  THR A CA  1 
ATOM   1116 C  C   . THR A 1 141 ? 3.673   2.700   4.418   1.00 37.11 ? 141  THR A C   1 
ATOM   1117 O  O   . THR A 1 141 ? 3.505   1.807   5.265   1.00 35.62 ? 141  THR A O   1 
ATOM   1118 C  CB  . THR A 1 141 ? 1.977   4.467   3.900   1.00 37.55 ? 141  THR A CB  1 
ATOM   1119 O  OG1 . THR A 1 141 ? 1.610   5.804   4.249   1.00 36.73 ? 141  THR A OG1 1 
ATOM   1120 C  CG2 . THR A 1 141 ? 0.805   3.447   4.205   1.00 35.79 ? 141  THR A CG2 1 
ATOM   1121 N  N   . LEU A 1 142 ? 4.242   2.500   3.240   1.00 37.64 ? 142  LEU A N   1 
ATOM   1122 C  CA  . LEU A 1 142 ? 4.697   1.178   2.820   1.00 37.60 ? 142  LEU A CA  1 
ATOM   1123 C  C   . LEU A 1 142 ? 5.848   0.725   3.705   1.00 37.82 ? 142  LEU A C   1 
ATOM   1124 O  O   . LEU A 1 142 ? 5.945   -0.442  4.101   1.00 38.31 ? 142  LEU A O   1 
ATOM   1125 C  CB  . LEU A 1 142 ? 5.092   1.261   1.354   1.00 38.08 ? 142  LEU A CB  1 
ATOM   1126 C  CG  . LEU A 1 142 ? 5.612   0.037   0.598   1.00 38.74 ? 142  LEU A CG  1 
ATOM   1127 C  CD1 . LEU A 1 142 ? 7.069   -0.217  1.036   1.00 39.33 ? 142  LEU A CD1 1 
ATOM   1128 C  CD2 . LEU A 1 142 ? 4.731   -1.140  0.879   1.00 38.58 ? 142  LEU A CD2 1 
ATOM   1129 N  N   . GLY A 1 143 ? 6.720   1.655   4.061   1.00 37.22 ? 143  GLY A N   1 
ATOM   1130 C  CA  . GLY A 1 143 ? 7.863   1.303   4.884   1.00 36.69 ? 143  GLY A CA  1 
ATOM   1131 C  C   . GLY A 1 143 ? 7.351   0.971   6.255   1.00 36.57 ? 143  GLY A C   1 
ATOM   1132 O  O   . GLY A 1 143 ? 7.728   -0.030  6.878   1.00 37.79 ? 143  GLY A O   1 
ATOM   1133 N  N   . SER A 1 144 ? 6.413   1.767   6.712   1.00 36.62 ? 144  SER A N   1 
ATOM   1134 C  CA  . SER A 1 144 ? 5.830   1.512   8.001   1.00 36.54 ? 144  SER A CA  1 
ATOM   1135 C  C   . SER A 1 144 ? 5.230   0.116   8.016   1.00 35.61 ? 144  SER A C   1 
ATOM   1136 O  O   . SER A 1 144 ? 5.486   -0.633  8.916   1.00 36.86 ? 144  SER A O   1 
ATOM   1137 C  CB  . SER A 1 144 ? 4.829   2.605   8.359   1.00 36.52 ? 144  SER A CB  1 
ATOM   1138 O  OG  . SER A 1 144 ? 4.069   2.243   9.499   1.00 37.77 ? 144  SER A OG  1 
ATOM   1139 N  N   . VAL A 1 145 ? 4.509   -0.254  6.978   1.00 35.75 ? 145  VAL A N   1 
ATOM   1140 C  CA  . VAL A 1 145 ? 3.796   -1.532  6.925   1.00 35.27 ? 145  VAL A CA  1 
ATOM   1141 C  C   . VAL A 1 145 ? 4.710   -2.736  6.661   1.00 36.21 ? 145  VAL A C   1 
ATOM   1142 O  O   . VAL A 1 145 ? 4.501   -3.833  7.195   1.00 36.24 ? 145  VAL A O   1 
ATOM   1143 C  CB  . VAL A 1 145 ? 2.697   -1.454  5.856   1.00 35.21 ? 145  VAL A CB  1 
ATOM   1144 C  CG1 . VAL A 1 145 ? 2.156   -2.841  5.451   1.00 35.39 ? 145  VAL A CG1 1 
ATOM   1145 C  CG2 . VAL A 1 145 ? 1.594   -0.591  6.346   1.00 31.97 ? 145  VAL A CG2 1 
ATOM   1146 N  N   . LEU A 1 146 ? 5.717   -2.562  5.825   1.00 37.12 ? 146  LEU A N   1 
ATOM   1147 C  CA  . LEU A 1 146 ? 6.656   -3.678  5.568   1.00 37.04 ? 146  LEU A CA  1 
ATOM   1148 C  C   . LEU A 1 146 ? 7.412   -4.008  6.861   1.00 36.30 ? 146  LEU A C   1 
ATOM   1149 O  O   . LEU A 1 146 ? 7.686   -5.153  7.148   1.00 34.32 ? 146  LEU A O   1 
ATOM   1150 C  CB  . LEU A 1 146 ? 7.668   -3.313  4.463   1.00 37.13 ? 146  LEU A CB  1 
ATOM   1151 C  CG  . LEU A 1 146 ? 8.325   -4.390  3.575   1.00 38.96 ? 146  LEU A CG  1 
ATOM   1152 C  CD1 . LEU A 1 146 ? 9.775   -3.981  3.381   1.00 43.97 ? 146  LEU A CD1 1 
ATOM   1153 C  CD2 . LEU A 1 146 ? 8.318   -5.830  4.095   1.00 40.39 ? 146  LEU A CD2 1 
ATOM   1154 N  N   . GLU A 1 147 ? 7.752   -2.980  7.639   1.00 36.36 ? 147  GLU A N   1 
ATOM   1155 C  CA  . GLU A 1 147 ? 8.506   -3.219  8.853   1.00 36.27 ? 147  GLU A CA  1 
ATOM   1156 C  C   . GLU A 1 147 ? 7.679   -3.968  9.868   1.00 36.45 ? 147  GLU A C   1 
ATOM   1157 O  O   . GLU A 1 147 ? 8.098   -5.051  10.339  1.00 36.62 ? 147  GLU A O   1 
ATOM   1158 C  CB  . GLU A 1 147 ? 9.043   -1.919  9.433   1.00 36.34 ? 147  GLU A CB  1 
ATOM   1159 C  CG  . GLU A 1 147 ? 10.186  -1.341  8.595   1.00 36.68 ? 147  GLU A CG  1 
ATOM   1160 C  CD  . GLU A 1 147 ? 11.533  -1.494  9.267   1.00 36.18 ? 147  GLU A CD  1 
ATOM   1161 O  OE1 . GLU A 1 147 ? 11.718  -2.536  9.897   1.00 36.22 ? 147  GLU A OE1 1 
ATOM   1162 O  OE2 . GLU A 1 147 ? 12.391  -0.575  9.176   1.00 36.65 ? 147  GLU A OE2 1 
ATOM   1163 N  N   . THR A 1 148 ? 6.498   -3.442  10.176  1.00 36.38 ? 148  THR A N   1 
ATOM   1164 C  CA  . THR A 1 148 ? 5.628   -4.115  11.167  1.00 36.94 ? 148  THR A CA  1 
ATOM   1165 C  C   . THR A 1 148 ? 5.225   -5.524  10.676  1.00 36.40 ? 148  THR A C   1 
ATOM   1166 O  O   . THR A 1 148 ? 5.153   -6.433  11.459  1.00 36.95 ? 148  THR A O   1 
ATOM   1167 C  CB  . THR A 1 148 ? 4.391   -3.240  11.611  1.00 36.86 ? 148  THR A CB  1 
ATOM   1168 O  OG1 . THR A 1 148 ? 3.284   -3.454  10.741  1.00 38.50 ? 148  THR A OG1 1 
ATOM   1169 C  CG2 . THR A 1 148 ? 4.732   -1.699  11.612  1.00 38.47 ? 148  THR A CG2 1 
ATOM   1170 N  N   . GLN A 1 149 ? 5.043   -5.736  9.386   1.00 36.61 ? 149  GLN A N   1 
ATOM   1171 C  CA  . GLN A 1 149 ? 4.662   -7.071  8.901   1.00 37.99 ? 149  GLN A CA  1 
ATOM   1172 C  C   . GLN A 1 149 ? 5.794   -8.080  8.993   1.00 38.36 ? 149  GLN A C   1 
ATOM   1173 O  O   . GLN A 1 149 ? 5.611   -9.209  9.452   1.00 38.48 ? 149  GLN A O   1 
ATOM   1174 C  CB  . GLN A 1 149 ? 4.114   -7.024  7.461   1.00 38.26 ? 149  GLN A CB  1 
ATOM   1175 C  CG  . GLN A 1 149 ? 2.620   -6.680  7.420   1.00 38.70 ? 149  GLN A CG  1 
ATOM   1176 C  CD  . GLN A 1 149 ? 2.057   -6.518  6.013   1.00 38.75 ? 149  GLN A CD  1 
ATOM   1177 O  OE1 . GLN A 1 149 ? 2.786   -6.221  5.038   1.00 39.80 ? 149  GLN A OE1 1 
ATOM   1178 N  NE2 . GLN A 1 149 ? 0.747   -6.702  5.901   1.00 37.12 ? 149  GLN A NE2 1 
ATOM   1179 N  N   . GLU A 1 150 ? 6.969   -7.667  8.552   1.00 39.30 ? 150  GLU A N   1 
ATOM   1180 C  CA  . GLU A 1 150 ? 8.143   -8.512  8.607   1.00 39.98 ? 150  GLU A CA  1 
ATOM   1181 C  C   . GLU A 1 150 ? 8.554   -8.727  10.058  1.00 40.76 ? 150  GLU A C   1 
ATOM   1182 O  O   . GLU A 1 150 ? 9.021   -9.808  10.412  1.00 39.52 ? 150  GLU A O   1 
ATOM   1183 C  CB  . GLU A 1 150 ? 9.264   -7.889  7.776   1.00 40.19 ? 150  GLU A CB  1 
ATOM   1184 C  CG  . GLU A 1 150 ? 10.362  -8.858  7.392   1.00 42.04 ? 150  GLU A CG  1 
ATOM   1185 C  CD  . GLU A 1 150 ? 9.935   -9.835  6.330   1.00 43.21 ? 150  GLU A CD  1 
ATOM   1186 O  OE1 . GLU A 1 150 ? 9.075   -9.464  5.519   1.00 43.31 ? 150  GLU A OE1 1 
ATOM   1187 O  OE2 . GLU A 1 150 ? 10.485  -10.955 6.300   1.00 45.95 ? 150  GLU A OE2 1 
ATOM   1188 N  N   . HIS A 1 151 ? 8.337   -7.718  10.913  1.00 42.72 ? 151  HIS A N   1 
ATOM   1189 C  CA  . HIS A 1 151 ? 8.586   -7.889  12.350  1.00 44.47 ? 151  HIS A CA  1 
ATOM   1190 C  C   . HIS A 1 151 ? 7.739   -8.987  13.013  1.00 46.16 ? 151  HIS A C   1 
ATOM   1191 O  O   . HIS A 1 151 ? 8.289   -9.906  13.611  1.00 46.81 ? 151  HIS A O   1 
ATOM   1192 C  CB  . HIS A 1 151 ? 8.425   -6.595  13.129  1.00 44.28 ? 151  HIS A CB  1 
ATOM   1193 C  CG  . HIS A 1 151 ? 8.664   -6.764  14.600  1.00 45.16 ? 151  HIS A CG  1 
ATOM   1194 N  ND1 . HIS A 1 151 ? 9.913   -7.034  15.129  1.00 44.88 ? 151  HIS A ND1 1 
ATOM   1195 C  CD2 . HIS A 1 151 ? 7.807   -6.726  15.654  1.00 45.46 ? 151  HIS A CD2 1 
ATOM   1196 C  CE1 . HIS A 1 151 ? 9.812   -7.157  16.441  1.00 44.83 ? 151  HIS A CE1 1 
ATOM   1197 N  NE2 . HIS A 1 151 ? 8.549   -6.969  16.787  1.00 44.55 ? 151  HIS A NE2 1 
ATOM   1198 N  N   . GLN A 1 152 ? 6.414   -8.911  12.913  1.00 48.12 ? 152  GLN A N   1 
ATOM   1199 C  CA  . GLN A 1 152 ? 5.569   -9.891  13.612  1.00 49.61 ? 152  GLN A CA  1 
ATOM   1200 C  C   . GLN A 1 152 ? 5.668   -11.300 13.004  1.00 50.74 ? 152  GLN A C   1 
ATOM   1201 O  O   . GLN A 1 152 ? 5.413   -12.293 13.682  1.00 50.77 ? 152  GLN A O   1 
ATOM   1202 C  CB  . GLN A 1 152 ? 4.114   -9.404  13.729  1.00 49.60 ? 152  GLN A CB  1 
ATOM   1203 C  CG  . GLN A 1 152 ? 3.336   -9.236  12.434  1.00 50.28 ? 152  GLN A CG  1 
ATOM   1204 C  CD  . GLN A 1 152 ? 2.221   -8.122  12.503  1.00 50.92 ? 152  GLN A CD  1 
ATOM   1205 O  OE1 . GLN A 1 152 ? 2.370   -7.101  13.205  1.00 49.75 ? 152  GLN A OE1 1 
ATOM   1206 N  NE2 . GLN A 1 152 ? 1.125   -8.328  11.746  1.00 49.26 ? 152  GLN A NE2 1 
ATOM   1207 N  N   . GLU A 1 153 ? 6.064   -11.380 11.744  1.00 52.10 ? 153  GLU A N   1 
ATOM   1208 C  CA  . GLU A 1 153 ? 6.430   -12.653 11.128  1.00 54.35 ? 153  GLU A CA  1 
ATOM   1209 C  C   . GLU A 1 153 ? 7.772   -13.209 11.657  1.00 54.68 ? 153  GLU A C   1 
ATOM   1210 O  O   . GLU A 1 153 ? 8.041   -14.392 11.523  1.00 54.25 ? 153  GLU A O   1 
ATOM   1211 C  CB  . GLU A 1 153 ? 6.524   -12.444 9.626   1.00 54.27 ? 153  GLU A CB  1 
ATOM   1212 C  CG  . GLU A 1 153 ? 6.435   -13.673 8.756   1.00 55.51 ? 153  GLU A CG  1 
ATOM   1213 C  CD  . GLU A 1 153 ? 6.720   -13.315 7.291   1.00 56.63 ? 153  GLU A CD  1 
ATOM   1214 O  OE1 . GLU A 1 153 ? 7.929   -13.285 6.924   1.00 57.64 ? 153  GLU A OE1 1 
ATOM   1215 O  OE2 . GLU A 1 153 ? 5.739   -13.033 6.530   1.00 59.50 ? 153  GLU A OE2 1 
ATOM   1216 N  N   . SER A 1 154 ? 8.607   -12.348 12.249  1.00 56.09 ? 154  SER A N   1 
ATOM   1217 C  CA  . SER A 1 154 ? 9.914   -12.756 12.765  1.00 56.73 ? 154  SER A CA  1 
ATOM   1218 C  C   . SER A 1 154 ? 9.800   -13.485 14.105  1.00 58.31 ? 154  SER A C   1 
ATOM   1219 O  O   . SER A 1 154 ? 9.509   -12.882 15.158  1.00 58.52 ? 154  SER A O   1 
ATOM   1220 C  CB  . SER A 1 154 ? 10.872  -11.565 12.868  1.00 57.12 ? 154  SER A CB  1 
ATOM   1221 O  OG  . SER A 1 154 ? 11.354  -11.181 11.584  1.00 56.36 ? 154  SER A OG  1 
ATOM   1222 N  N   . GLN A 1 155 ? 9.993   -14.804 14.017  1.00 59.81 ? 155  GLN A N   1 
ATOM   1223 C  CA  . GLN A 1 155 ? 10.053  -15.726 15.160  1.00 60.68 ? 155  GLN A CA  1 
ATOM   1224 C  C   . GLN A 1 155 ? 11.541  -16.098 15.386  1.00 61.05 ? 155  GLN A C   1 
ATOM   1225 O  O   . GLN A 1 155 ? 12.036  -17.171 14.968  1.00 60.86 ? 155  GLN A O   1 
ATOM   1226 C  CB  . GLN A 1 155 ? 9.180   -16.977 14.919  1.00 61.04 ? 155  GLN A CB  1 
ATOM   1227 C  CG  . GLN A 1 155 ? 7.804   -16.958 15.613  1.00 62.15 ? 155  GLN A CG  1 
ATOM   1228 C  CD  . GLN A 1 155 ? 6.717   -16.197 14.835  1.00 64.08 ? 155  GLN A CD  1 
ATOM   1229 O  OE1 . GLN A 1 155 ? 6.160   -15.204 15.324  1.00 63.10 ? 155  GLN A OE1 1 
ATOM   1230 N  NE2 . GLN A 1 155 ? 6.396   -16.680 13.626  1.00 64.51 ? 155  GLN A NE2 1 
ATOM   1231 N  N   . LYS A 1 156 ? 12.237  -15.138 16.006  1.00 61.01 ? 156  LYS A N   1 
ATOM   1232 C  CA  . LYS A 1 156 ? 13.609  -15.266 16.484  1.00 60.57 ? 156  LYS A CA  1 
ATOM   1233 C  C   . LYS A 1 156 ? 13.487  -15.968 17.846  1.00 60.85 ? 156  LYS A C   1 
ATOM   1234 O  O   . LYS A 1 156 ? 12.404  -15.939 18.442  1.00 61.19 ? 156  LYS A O   1 
ATOM   1235 C  CB  . LYS A 1 156 ? 14.249  -13.856 16.628  1.00 60.44 ? 156  LYS A CB  1 
ATOM   1236 C  CG  . LYS A 1 156 ? 14.531  -13.095 15.310  1.00 59.37 ? 156  LYS A CG  1 
ATOM   1237 C  CD  . LYS A 1 156 ? 14.113  -11.579 15.336  1.00 59.82 ? 156  LYS A CD  1 
ATOM   1238 C  CE  . LYS A 1 156 ? 14.655  -10.797 14.100  1.00 58.84 ? 156  LYS A CE  1 
ATOM   1239 N  NZ  . LYS A 1 156 ? 13.744  -9.800  13.451  1.00 56.78 ? 156  LYS A NZ  1 
ATOM   1240 N  N   . GLU A 1 157 ? 14.560  -16.600 18.330  1.00 60.81 ? 157  GLU A N   1 
ATOM   1241 C  CA  . GLU A 1 157 ? 14.521  -17.360 19.604  1.00 60.83 ? 157  GLU A CA  1 
ATOM   1242 C  C   . GLU A 1 157 ? 15.912  -17.877 20.011  1.00 60.95 ? 157  GLU A C   1 
ATOM   1243 O  O   . GLU A 1 157 ? 16.158  -19.086 20.059  1.00 60.72 ? 157  GLU A O   1 
ATOM   1244 C  CB  . GLU A 1 157 ? 13.528  -18.537 19.533  1.00 60.66 ? 157  GLU A CB  1 
ATOM   1245 N  N   . ALA A 1 167 ? 18.321  -7.276  25.723  1.00 48.98 ? 165  ALA A N   1 
ATOM   1246 C  CA  . ALA A 1 167 ? 18.900  -6.637  26.902  1.00 48.88 ? 165  ALA A CA  1 
ATOM   1247 C  C   . ALA A 1 167 ? 19.104  -5.118  26.652  1.00 49.01 ? 165  ALA A C   1 
ATOM   1248 O  O   . ALA A 1 167 ? 20.181  -4.586  26.927  1.00 49.76 ? 165  ALA A O   1 
ATOM   1249 C  CB  . ALA A 1 167 ? 20.229  -7.327  27.267  1.00 48.55 ? 165  ALA A CB  1 
ATOM   1250 N  N   . TYR A 1 168 ? 18.081  -4.420  26.145  1.00 48.18 ? 166  TYR A N   1 
ATOM   1251 C  CA  . TYR A 1 168 ? 18.266  -3.032  25.696  1.00 47.72 ? 166  TYR A CA  1 
ATOM   1252 C  C   . TYR A 1 168 ? 18.597  -2.052  26.820  1.00 47.53 ? 166  TYR A C   1 
ATOM   1253 O  O   . TYR A 1 168 ? 18.247  -2.280  27.965  1.00 47.93 ? 166  TYR A O   1 
ATOM   1254 C  CB  . TYR A 1 168 ? 17.022  -2.492  24.975  1.00 47.19 ? 166  TYR A CB  1 
ATOM   1255 C  CG  . TYR A 1 168 ? 16.531  -3.308  23.804  1.00 46.25 ? 166  TYR A CG  1 
ATOM   1256 C  CD1 . TYR A 1 168 ? 15.291  -3.944  23.851  1.00 44.86 ? 166  TYR A CD1 1 
ATOM   1257 C  CD2 . TYR A 1 168 ? 17.300  -3.446  22.645  1.00 45.85 ? 166  TYR A CD2 1 
ATOM   1258 C  CE1 . TYR A 1 168 ? 14.828  -4.704  22.783  1.00 45.57 ? 166  TYR A CE1 1 
ATOM   1259 C  CE2 . TYR A 1 168 ? 16.836  -4.202  21.556  1.00 45.67 ? 166  TYR A CE2 1 
ATOM   1260 C  CZ  . TYR A 1 168 ? 15.595  -4.821  21.634  1.00 45.78 ? 166  TYR A CZ  1 
ATOM   1261 O  OH  . TYR A 1 168 ? 15.112  -5.570  20.591  1.00 45.55 ? 166  TYR A OH  1 
ATOM   1262 N  N   . PRO A 1 169 ? 19.295  -0.959  26.492  1.00 47.55 ? 167  PRO A N   1 
ATOM   1263 C  CA  . PRO A 1 169 ? 19.354  0.192   27.378  1.00 47.45 ? 167  PRO A CA  1 
ATOM   1264 C  C   . PRO A 1 169 ? 17.997  0.888   27.578  1.00 47.75 ? 167  PRO A C   1 
ATOM   1265 O  O   . PRO A 1 169 ? 17.045  0.600   26.841  1.00 47.72 ? 167  PRO A O   1 
ATOM   1266 C  CB  . PRO A 1 169 ? 20.339  1.137   26.679  1.00 47.48 ? 167  PRO A CB  1 
ATOM   1267 C  CG  . PRO A 1 169 ? 20.405  0.689   25.280  1.00 48.00 ? 167  PRO A CG  1 
ATOM   1268 C  CD  . PRO A 1 169 ? 20.140  -0.778  25.299  1.00 47.85 ? 167  PRO A CD  1 
ATOM   1269 N  N   . PRO A 1 170 ? 17.924  1.808   28.569  1.00 47.60 ? 168  PRO A N   1 
ATOM   1270 C  CA  . PRO A 1 170 ? 16.689  2.388   29.089  1.00 47.37 ? 168  PRO A CA  1 
ATOM   1271 C  C   . PRO A 1 170 ? 15.779  3.033   28.061  1.00 47.11 ? 168  PRO A C   1 
ATOM   1272 O  O   . PRO A 1 170 ? 14.564  2.736   28.021  1.00 46.73 ? 168  PRO A O   1 
ATOM   1273 C  CB  . PRO A 1 170 ? 17.189  3.455   30.080  1.00 47.35 ? 168  PRO A CB  1 
ATOM   1274 C  CG  . PRO A 1 170 ? 18.500  2.962   30.519  1.00 47.66 ? 168  PRO A CG  1 
ATOM   1275 C  CD  . PRO A 1 170 ? 19.100  2.344   29.294  1.00 47.70 ? 168  PRO A CD  1 
ATOM   1276 N  N   . LEU A 1 171 ? 16.348  3.920   27.250  1.00 46.49 ? 169  LEU A N   1 
ATOM   1277 C  CA  . LEU A 1 171 ? 15.535  4.681   26.316  1.00 45.79 ? 169  LEU A CA  1 
ATOM   1278 C  C   . LEU A 1 171 ? 15.172  3.754   25.162  1.00 45.68 ? 169  LEU A C   1 
ATOM   1279 O  O   . LEU A 1 171 ? 14.061  3.788   24.633  1.00 45.11 ? 169  LEU A O   1 
ATOM   1280 C  CB  . LEU A 1 171 ? 16.267  5.945   25.851  1.00 45.73 ? 169  LEU A CB  1 
ATOM   1281 C  CG  . LEU A 1 171 ? 16.763  6.931   26.922  1.00 44.76 ? 169  LEU A CG  1 
ATOM   1282 C  CD1 . LEU A 1 171 ? 17.605  8.005   26.266  1.00 43.39 ? 169  LEU A CD1 1 
ATOM   1283 C  CD2 . LEU A 1 171 ? 15.629  7.564   27.737  1.00 43.24 ? 169  LEU A CD2 1 
ATOM   1284 N  N   . LEU A 1 172 ? 16.109  2.889   24.811  1.00 45.79 ? 170  LEU A N   1 
ATOM   1285 C  CA  . LEU A 1 172 ? 15.909  1.965   23.709  1.00 46.22 ? 170  LEU A CA  1 
ATOM   1286 C  C   . LEU A 1 172 ? 14.847  0.928   24.098  1.00 46.42 ? 170  LEU A C   1 
ATOM   1287 O  O   . LEU A 1 172 ? 14.009  0.541   23.269  1.00 46.21 ? 170  LEU A O   1 
ATOM   1288 C  CB  . LEU A 1 172 ? 17.246  1.317   23.353  1.00 46.51 ? 170  LEU A CB  1 
ATOM   1289 C  CG  . LEU A 1 172 ? 17.572  0.981   21.901  1.00 46.82 ? 170  LEU A CG  1 
ATOM   1290 C  CD1 . LEU A 1 172 ? 19.056  1.171   21.613  1.00 46.39 ? 170  LEU A CD1 1 
ATOM   1291 C  CD2 . LEU A 1 172 ? 17.188  -0.421  21.627  1.00 48.21 ? 170  LEU A CD2 1 
ATOM   1292 N  N   . THR A 1 173 ? 14.864  0.504   25.363  1.00 46.65 ? 171  THR A N   1 
ATOM   1293 C  CA  . THR A 1 173 ? 13.839  -0.407  25.885  1.00 46.91 ? 171  THR A CA  1 
ATOM   1294 C  C   . THR A 1 173 ? 12.427  0.180   25.712  1.00 47.66 ? 171  THR A C   1 
ATOM   1295 O  O   . THR A 1 173 ? 11.491  -0.522  25.338  1.00 48.09 ? 171  THR A O   1 
ATOM   1296 C  CB  . THR A 1 173 ? 14.049  -0.723  27.400  1.00 46.81 ? 171  THR A CB  1 
ATOM   1297 O  OG1 . THR A 1 173 ? 15.284  -1.434  27.617  1.00 47.29 ? 171  THR A OG1 1 
ATOM   1298 C  CG2 . THR A 1 173 ? 12.906  -1.551  27.923  1.00 44.42 ? 171  THR A CG2 1 
ATOM   1299 N  N   . GLN A 1 174 ? 12.269  1.460   26.024  1.00 48.36 ? 172  GLN A N   1 
ATOM   1300 C  CA  . GLN A 1 174 ? 10.975  2.141   25.875  1.00 49.07 ? 172  GLN A CA  1 
ATOM   1301 C  C   . GLN A 1 174 ? 10.673  2.331   24.390  1.00 48.41 ? 172  GLN A C   1 
ATOM   1302 O  O   . GLN A 1 174 ? 9.646   1.930   23.927  1.00 47.68 ? 172  GLN A O   1 
ATOM   1303 C  CB  . GLN A 1 174 ? 10.954  3.490   26.643  1.00 48.91 ? 172  GLN A CB  1 
ATOM   1304 C  CG  . GLN A 1 174 ? 10.798  3.321   28.162  1.00 50.17 ? 172  GLN A CG  1 
ATOM   1305 C  CD  . GLN A 1 174 ? 11.441  4.438   28.996  1.00 50.75 ? 172  GLN A CD  1 
ATOM   1306 O  OE1 . GLN A 1 174 ? 10.784  5.407   29.380  1.00 53.96 ? 172  GLN A OE1 1 
ATOM   1307 N  NE2 . GLN A 1 174 ? 12.730  4.293   29.290  1.00 53.23 ? 172  GLN A NE2 1 
ATOM   1308 N  N   . ALA A 1 175 ? 11.594  2.941   23.656  1.00 48.95 ? 173  ALA A N   1 
ATOM   1309 C  CA  . ALA A 1 175 ? 11.467  3.098   22.205  1.00 49.19 ? 173  ALA A CA  1 
ATOM   1310 C  C   . ALA A 1 175 ? 10.913  1.860   21.486  1.00 49.55 ? 173  ALA A C   1 
ATOM   1311 O  O   . ALA A 1 175 ? 10.039  2.004   20.637  1.00 50.31 ? 173  ALA A O   1 
ATOM   1312 C  CB  . ALA A 1 175 ? 12.815  3.489   21.580  1.00 48.79 ? 173  ALA A CB  1 
ATOM   1313 N  N   . VAL A 1 176 ? 11.424  0.666   21.814  1.00 49.56 ? 174  VAL A N   1 
ATOM   1314 C  CA  . VAL A 1 176 ? 11.004  -0.599  21.173  1.00 48.97 ? 174  VAL A CA  1 
ATOM   1315 C  C   . VAL A 1 176 ? 9.695   -1.118  21.756  1.00 49.16 ? 174  VAL A C   1 
ATOM   1316 O  O   . VAL A 1 176 ? 8.864   -1.692  21.034  1.00 49.36 ? 174  VAL A O   1 
ATOM   1317 C  CB  . VAL A 1 176 ? 12.095  -1.686  21.316  1.00 49.11 ? 174  VAL A CB  1 
ATOM   1318 C  CG1 . VAL A 1 176 ? 11.567  -3.051  20.945  1.00 48.30 ? 174  VAL A CG1 1 
ATOM   1319 C  CG2 . VAL A 1 176 ? 13.292  -1.339  20.476  1.00 47.41 ? 174  VAL A CG2 1 
ATOM   1320 N  N   . ALA A 1 177 ? 9.507   -0.909  23.059  1.00 48.98 ? 175  ALA A N   1 
ATOM   1321 C  CA  . ALA A 1 177 ? 8.235   -1.203  23.717  1.00 48.66 ? 175  ALA A CA  1 
ATOM   1322 C  C   . ALA A 1 177 ? 7.114   -0.394  23.073  1.00 48.57 ? 175  ALA A C   1 
ATOM   1323 O  O   . ALA A 1 177 ? 6.072   -0.944  22.719  1.00 48.89 ? 175  ALA A O   1 
ATOM   1324 C  CB  . ALA A 1 177 ? 8.320   -0.896  25.182  1.00 48.49 ? 175  ALA A CB  1 
ATOM   1325 N  N   . ILE A 1 178 ? 7.334   0.910   22.922  1.00 48.39 ? 176  ILE A N   1 
ATOM   1326 C  CA  . ILE A 1 178 ? 6.382   1.795   22.262  1.00 48.39 ? 176  ILE A CA  1 
ATOM   1327 C  C   . ILE A 1 178 ? 6.052   1.351   20.834  1.00 48.67 ? 176  ILE A C   1 
ATOM   1328 O  O   . ILE A 1 178 ? 4.914   1.479   20.403  1.00 48.44 ? 176  ILE A O   1 
ATOM   1329 C  CB  . ILE A 1 178 ? 6.897   3.237   22.229  1.00 48.67 ? 176  ILE A CB  1 
ATOM   1330 C  CG1 . ILE A 1 178 ? 6.704   3.905   23.582  1.00 48.33 ? 176  ILE A CG1 1 
ATOM   1331 C  CG2 . ILE A 1 178 ? 6.158   4.075   21.186  1.00 49.59 ? 176  ILE A CG2 1 
ATOM   1332 C  CD1 . ILE A 1 178 ? 7.526   5.145   23.701  1.00 49.07 ? 176  ILE A CD1 1 
ATOM   1333 N  N   . MET A 1 179 ? 7.034   0.805   20.113  1.00 48.73 ? 177  MET A N   1 
ATOM   1334 C  CA  . MET A 1 179 ? 6.820   0.402   18.724  1.00 48.55 ? 177  MET A CA  1 
ATOM   1335 C  C   . MET A 1 179 ? 6.222   -0.990  18.555  1.00 48.29 ? 177  MET A C   1 
ATOM   1336 O  O   . MET A 1 179 ? 5.501   -1.207  17.600  1.00 48.37 ? 177  MET A O   1 
ATOM   1337 C  CB  . MET A 1 179 ? 8.118   0.546   17.916  1.00 49.22 ? 177  MET A CB  1 
ATOM   1338 C  CG  . MET A 1 179 ? 8.596   2.019   17.758  1.00 49.41 ? 177  MET A CG  1 
ATOM   1339 S  SD  . MET A 1 179 ? 7.729   2.918   16.488  1.00 52.13 ? 177  MET A SD  1 
ATOM   1340 C  CE  . MET A 1 179 ? 6.294   3.514   17.323  1.00 53.72 ? 177  MET A CE  1 
ATOM   1341 N  N   . ASP A 1 180 ? 6.519   -1.920  19.463  1.00 48.25 ? 178  ASP A N   1 
ATOM   1342 C  CA  . ASP A 1 180 ? 5.822   -3.236  19.512  1.00 47.87 ? 178  ASP A CA  1 
ATOM   1343 C  C   . ASP A 1 180 ? 4.410   -3.171  20.117  1.00 47.29 ? 178  ASP A C   1 
ATOM   1344 O  O   . ASP A 1 180 ? 3.698   -4.148  20.061  1.00 46.89 ? 178  ASP A O   1 
ATOM   1345 C  CB  . ASP A 1 180 ? 6.610   -4.266  20.357  1.00 47.92 ? 178  ASP A CB  1 
ATOM   1346 C  CG  . ASP A 1 180 ? 7.992   -4.588  19.786  1.00 48.44 ? 178  ASP A CG  1 
ATOM   1347 O  OD1 . ASP A 1 180 ? 8.309   -4.111  18.666  1.00 49.93 ? 178  ASP A OD1 1 
ATOM   1348 O  OD2 . ASP A 1 180 ? 8.763   -5.312  20.465  1.00 46.34 ? 178  ASP A OD2 1 
ATOM   1349 N  N   . SER A 1 181 ? 4.037   -2.044  20.731  1.00 46.83 ? 179  SER A N   1 
ATOM   1350 C  CA  . SER A 1 181 ? 2.752   -1.911  21.415  1.00 46.48 ? 179  SER A CA  1 
ATOM   1351 C  C   . SER A 1 181 ? 1.570   -1.930  20.452  1.00 45.75 ? 179  SER A C   1 
ATOM   1352 O  O   . SER A 1 181 ? 0.643   -2.741  20.587  1.00 44.99 ? 179  SER A O   1 
ATOM   1353 C  CB  . SER A 1 181 ? 2.701   -0.603  22.202  1.00 46.65 ? 179  SER A CB  1 
ATOM   1354 O  OG  . SER A 1 181 ? 3.309   -0.741  23.471  1.00 48.15 ? 179  SER A OG  1 
ATOM   1355 N  N   . ASP A 1 182 ? 1.609   -1.013  19.494  1.00 44.65 ? 180  ASP A N   1 
ATOM   1356 C  CA  . ASP A 1 182 ? 0.497   -0.806  18.580  1.00 44.14 ? 180  ASP A CA  1 
ATOM   1357 C  C   . ASP A 1 182 ? 0.833   -1.271  17.151  1.00 43.69 ? 180  ASP A C   1 
ATOM   1358 O  O   . ASP A 1 182 ? 0.186   -0.859  16.180  1.00 43.67 ? 180  ASP A O   1 
ATOM   1359 C  CB  . ASP A 1 182 ? 0.059   0.670   18.612  1.00 43.89 ? 180  ASP A CB  1 
ATOM   1360 C  CG  . ASP A 1 182 ? 1.228   1.644   18.526  1.00 43.47 ? 180  ASP A CG  1 
ATOM   1361 O  OD1 . ASP A 1 182 ? 2.285   1.269   17.997  1.00 43.22 ? 180  ASP A OD1 1 
ATOM   1362 O  OD2 . ASP A 1 182 ? 1.099   2.789   19.001  1.00 43.40 ? 180  ASP A OD2 1 
ATOM   1363 N  N   . ASN A 1 183 ? 1.831   -2.141  17.028  1.00 42.94 ? 181  ASN A N   1 
ATOM   1364 C  CA  . ASN A 1 183 ? 2.381   -2.458  15.724  1.00 42.88 ? 181  ASN A CA  1 
ATOM   1365 C  C   . ASN A 1 183 ? 2.516   -1.197  14.849  1.00 42.91 ? 181  ASN A C   1 
ATOM   1366 O  O   . ASN A 1 183 ? 2.048   -1.136  13.707  1.00 42.08 ? 181  ASN A O   1 
ATOM   1367 C  CB  . ASN A 1 183 ? 1.529   -3.527  15.040  1.00 42.64 ? 181  ASN A CB  1 
ATOM   1368 C  CG  . ASN A 1 183 ? 1.500   -4.829  15.829  1.00 43.22 ? 181  ASN A CG  1 
ATOM   1369 O  OD1 . ASN A 1 183 ? 2.545   -5.352  16.251  1.00 42.13 ? 181  ASN A OD1 1 
ATOM   1370 N  ND2 . ASN A 1 183 ? 0.293   -5.353  16.055  1.00 44.69 ? 181  ASN A ND2 1 
ATOM   1371 N  N   . GLY A 1 184 ? 3.142   -0.186  15.432  1.00 42.99 ? 182  GLY A N   1 
ATOM   1372 C  CA  . GLY A 1 184 ? 3.527   0.988   14.729  1.00 43.07 ? 182  GLY A CA  1 
ATOM   1373 C  C   . GLY A 1 184 ? 2.470   2.037   14.503  1.00 43.16 ? 182  GLY A C   1 
ATOM   1374 O  O   . GLY A 1 184 ? 2.761   3.024   13.825  1.00 44.67 ? 182  GLY A O   1 
ATOM   1375 N  N   . ASP A 1 185 ? 1.273   1.879   15.056  1.00 42.98 ? 183  ASP A N   1 
ATOM   1376 C  CA  . ASP A 1 185 ? 0.185   2.841   14.764  1.00 42.83 ? 183  ASP A CA  1 
ATOM   1377 C  C   . ASP A 1 185 ? 0.535   4.255   15.119  1.00 42.42 ? 183  ASP A C   1 
ATOM   1378 O  O   . ASP A 1 185 ? 0.624   5.103   14.240  1.00 42.58 ? 183  ASP A O   1 
ATOM   1379 C  CB  . ASP A 1 185 ? -1.097  2.504   15.512  1.00 42.66 ? 183  ASP A CB  1 
ATOM   1380 C  CG  . ASP A 1 185 ? -1.809  1.340   14.923  1.00 43.87 ? 183  ASP A CG  1 
ATOM   1381 O  OD1 . ASP A 1 185 ? -1.516  0.989   13.762  1.00 43.61 ? 183  ASP A OD1 1 
ATOM   1382 O  OD2 . ASP A 1 185 ? -2.675  0.780   15.614  1.00 46.72 ? 183  ASP A OD2 1 
ATOM   1383 N  N   . ALA A 1 186 ? 0.726   4.514   16.410  1.00 41.88 ? 184  ALA A N   1 
ATOM   1384 C  CA  . ALA A 1 186 ? 0.938   5.879   16.874  1.00 41.46 ? 184  ALA A CA  1 
ATOM   1385 C  C   . ALA A 1 186 ? 2.119   6.499   16.131  1.00 41.16 ? 184  ALA A C   1 
ATOM   1386 O  O   . ALA A 1 186 ? 2.030   7.636   15.695  1.00 41.83 ? 184  ALA A O   1 
ATOM   1387 C  CB  . ALA A 1 186 ? 1.149   5.926   18.384  1.00 40.74 ? 184  ALA A CB  1 
ATOM   1388 N  N   . ALA A 1 187 ? 3.208   5.752   15.950  1.00 40.96 ? 185  ALA A N   1 
ATOM   1389 C  CA  . ALA A 1 187 ? 4.364   6.279   15.192  1.00 40.70 ? 185  ALA A CA  1 
ATOM   1390 C  C   . ALA A 1 187 ? 3.881   6.806   13.839  1.00 40.56 ? 185  ALA A C   1 
ATOM   1391 O  O   . ALA A 1 187 ? 4.157   7.947   13.470  1.00 39.83 ? 185  ALA A O   1 
ATOM   1392 C  CB  . ALA A 1 187 ? 5.443   5.214   14.999  1.00 40.16 ? 185  ALA A CB  1 
ATOM   1393 N  N   . PHE A 1 188 ? 3.109   5.977   13.147  1.00 40.71 ? 186  PHE A N   1 
ATOM   1394 C  CA  . PHE A 1 188 ? 2.575   6.329   11.835  1.00 41.09 ? 186  PHE A CA  1 
ATOM   1395 C  C   . PHE A 1 188 ? 1.761   7.618   11.826  1.00 41.66 ? 186  PHE A C   1 
ATOM   1396 O  O   . PHE A 1 188 ? 1.961   8.467   10.929  1.00 42.26 ? 186  PHE A O   1 
ATOM   1397 C  CB  . PHE A 1 188 ? 1.677   5.215   11.308  1.00 41.00 ? 186  PHE A CB  1 
ATOM   1398 C  CG  . PHE A 1 188 ? 1.044   5.551   10.016  1.00 41.54 ? 186  PHE A CG  1 
ATOM   1399 C  CD1 . PHE A 1 188 ? 1.805   5.572   8.848   1.00 41.43 ? 186  PHE A CD1 1 
ATOM   1400 C  CD2 . PHE A 1 188 ? -0.308  5.879   9.948   1.00 41.63 ? 186  PHE A CD2 1 
ATOM   1401 C  CE1 . PHE A 1 188 ? 1.237   5.888   7.639   1.00 40.98 ? 186  PHE A CE1 1 
ATOM   1402 C  CE2 . PHE A 1 188 ? -0.882  6.208   8.734   1.00 40.82 ? 186  PHE A CE2 1 
ATOM   1403 C  CZ  . PHE A 1 188 ? -0.097  6.210   7.575   1.00 41.23 ? 186  PHE A CZ  1 
ATOM   1404 N  N   . LEU A 1 189 ? 0.848   7.745   12.795  1.00 40.92 ? 187  LEU A N   1 
ATOM   1405 C  CA  . LEU A 1 189 ? -0.094  8.840   12.828  1.00 41.67 ? 187  LEU A CA  1 
ATOM   1406 C  C   . LEU A 1 189 ? 0.630   10.134  13.168  1.00 41.23 ? 187  LEU A C   1 
ATOM   1407 O  O   . LEU A 1 189 ? 0.239   11.223  12.749  1.00 40.31 ? 187  LEU A O   1 
ATOM   1408 C  CB  . LEU A 1 189 ? -1.236  8.587   13.874  1.00 42.30 ? 187  LEU A CB  1 
ATOM   1409 C  CG  . LEU A 1 189 ? -2.269  7.446   13.613  1.00 43.55 ? 187  LEU A CG  1 
ATOM   1410 C  CD1 . LEU A 1 189 ? -3.414  7.353   14.663  1.00 43.88 ? 187  LEU A CD1 1 
ATOM   1411 C  CD2 . LEU A 1 189 ? -2.870  7.606   12.229  1.00 45.00 ? 187  LEU A CD2 1 
ATOM   1412 N  N   . PHE A 1 190 ? 1.670   9.997   13.972  1.00 41.38 ? 188  PHE A N   1 
ATOM   1413 C  CA  . PHE A 1 190 ? 2.426   11.142  14.427  1.00 41.28 ? 188  PHE A CA  1 
ATOM   1414 C  C   . PHE A 1 190 ? 3.197   11.732  13.251  1.00 41.01 ? 188  PHE A C   1 
ATOM   1415 O  O   . PHE A 1 190 ? 3.118   12.935  12.989  1.00 41.29 ? 188  PHE A O   1 
ATOM   1416 C  CB  . PHE A 1 190 ? 3.362   10.742  15.579  1.00 41.53 ? 188  PHE A CB  1 
ATOM   1417 C  CG  . PHE A 1 190 ? 4.337   11.810  15.953  1.00 41.50 ? 188  PHE A CG  1 
ATOM   1418 C  CD1 . PHE A 1 190 ? 3.903   12.966  16.579  1.00 41.79 ? 188  PHE A CD1 1 
ATOM   1419 C  CD2 . PHE A 1 190 ? 5.679   11.685  15.622  1.00 42.38 ? 188  PHE A CD2 1 
ATOM   1420 C  CE1 . PHE A 1 190 ? 4.789   13.973  16.886  1.00 42.28 ? 188  PHE A CE1 1 
ATOM   1421 C  CE2 . PHE A 1 190 ? 6.575   12.692  15.921  1.00 42.13 ? 188  PHE A CE2 1 
ATOM   1422 C  CZ  . PHE A 1 190 ? 6.136   13.837  16.551  1.00 41.73 ? 188  PHE A CZ  1 
ATOM   1423 N  N   . VAL A 1 191 ? 3.904   10.887  12.515  1.00 40.46 ? 189  VAL A N   1 
ATOM   1424 C  CA  . VAL A 1 191 ? 4.740   11.393  11.446  1.00 40.89 ? 189  VAL A CA  1 
ATOM   1425 C  C   . VAL A 1 191 ? 3.990   11.661  10.168  1.00 40.91 ? 189  VAL A C   1 
ATOM   1426 O  O   . VAL A 1 191 ? 4.454   12.428  9.333   1.00 41.51 ? 189  VAL A O   1 
ATOM   1427 C  CB  . VAL A 1 191 ? 5.912   10.484  11.157  1.00 41.10 ? 189  VAL A CB  1 
ATOM   1428 C  CG1 . VAL A 1 191 ? 6.745   11.064  10.009  1.00 40.18 ? 189  VAL A CG1 1 
ATOM   1429 C  CG2 . VAL A 1 191 ? 6.758   10.331  12.434  1.00 42.27 ? 189  VAL A CG2 1 
ATOM   1430 N  N   . LEU A 1 192 ? 2.838   11.041  9.997   1.00 40.87 ? 190  LEU A N   1 
ATOM   1431 C  CA  . LEU A 1 192 ? 1.874   11.554  9.040   1.00 40.78 ? 190  LEU A CA  1 
ATOM   1432 C  C   . LEU A 1 192 ? 1.545   13.028  9.427   1.00 41.02 ? 190  LEU A C   1 
ATOM   1433 O  O   . LEU A 1 192 ? 1.693   13.944  8.622   1.00 40.34 ? 190  LEU A O   1 
ATOM   1434 C  CB  . LEU A 1 192 ? 0.631   10.665  9.022   1.00 40.26 ? 190  LEU A CB  1 
ATOM   1435 C  CG  . LEU A 1 192 ? -0.455  11.004  7.987   1.00 41.11 ? 190  LEU A CG  1 
ATOM   1436 C  CD1 . LEU A 1 192 ? 0.118   11.196  6.586   1.00 40.42 ? 190  LEU A CD1 1 
ATOM   1437 C  CD2 . LEU A 1 192 ? -1.577  9.932   7.962   1.00 39.55 ? 190  LEU A CD2 1 
ATOM   1438 N  N   . ASP A 1 193 ? 1.150   13.253  10.672  1.00 41.80 ? 191  ASP A N   1 
ATOM   1439 C  CA  . ASP A 1 193 ? 0.856   14.603  11.158  1.00 42.78 ? 191  ASP A CA  1 
ATOM   1440 C  C   . ASP A 1 193 ? 2.035   15.552  10.965  1.00 43.20 ? 191  ASP A C   1 
ATOM   1441 O  O   . ASP A 1 193 ? 1.823   16.632  10.465  1.00 43.00 ? 191  ASP A O   1 
ATOM   1442 C  CB  . ASP A 1 193 ? 0.349   14.596  12.625  1.00 43.07 ? 191  ASP A CB  1 
ATOM   1443 C  CG  . ASP A 1 193 ? -1.132  14.164  12.740  1.00 43.35 ? 191  ASP A CG  1 
ATOM   1444 O  OD1 . ASP A 1 193 ? -1.813  14.074  11.701  1.00 43.70 ? 191  ASP A OD1 1 
ATOM   1445 O  OD2 . ASP A 1 193 ? -1.624  13.903  13.862  1.00 45.87 ? 191  ASP A OD2 1 
ATOM   1446 N  N   . VAL A 1 194 ? 3.279   15.150  11.259  1.00 44.40 ? 192  VAL A N   1 
ATOM   1447 C  CA  . VAL A 1 194 ? 4.411   16.081  10.980  1.00 44.69 ? 192  VAL A CA  1 
ATOM   1448 C  C   . VAL A 1 194 ? 4.683   16.245  9.486   1.00 45.65 ? 192  VAL A C   1 
ATOM   1449 O  O   . VAL A 1 194 ? 5.060   17.315  9.054   1.00 46.57 ? 192  VAL A O   1 
ATOM   1450 C  CB  . VAL A 1 194 ? 5.784   15.801  11.740  1.00 44.72 ? 192  VAL A CB  1 
ATOM   1451 C  CG1 . VAL A 1 194 ? 5.598   15.023  13.030  1.00 44.13 ? 192  VAL A CG1 1 
ATOM   1452 C  CG2 . VAL A 1 194 ? 6.794   15.158  10.833  1.00 43.92 ? 192  VAL A CG2 1 
ATOM   1453 N  N   . MET A 1 195 ? 4.483   15.214  8.679   1.00 46.36 ? 193  MET A N   1 
ATOM   1454 C  CA  . MET A 1 195 ? 4.575   15.406  7.225   1.00 47.19 ? 193  MET A CA  1 
ATOM   1455 C  C   . MET A 1 195 ? 3.633   16.531  6.765   1.00 45.61 ? 193  MET A C   1 
ATOM   1456 O  O   . MET A 1 195 ? 4.025   17.408  5.983   1.00 45.09 ? 193  MET A O   1 
ATOM   1457 C  CB  . MET A 1 195 ? 4.225   14.107  6.486   1.00 46.98 ? 193  MET A CB  1 
ATOM   1458 C  CG  . MET A 1 195 ? 5.274   13.606  5.496   1.00 49.83 ? 193  MET A CG  1 
ATOM   1459 S  SD  . MET A 1 195 ? 5.628   11.825  5.786   1.00 52.39 ? 193  MET A SD  1 
ATOM   1460 C  CE  . MET A 1 195 ? 4.327   11.029  4.847   1.00 55.55 ? 193  MET A CE  1 
ATOM   1461 N  N   . ILE A 1 196 ? 2.399   16.502  7.271   1.00 44.86 ? 194  ILE A N   1 
ATOM   1462 C  CA  . ILE A 1 196 ? 1.340   17.364  6.761   1.00 44.55 ? 194  ILE A CA  1 
ATOM   1463 C  C   . ILE A 1 196 ? 1.546   18.791  7.245   1.00 44.78 ? 194  ILE A C   1 
ATOM   1464 O  O   . ILE A 1 196 ? 1.146   19.722  6.559   1.00 44.24 ? 194  ILE A O   1 
ATOM   1465 C  CB  . ILE A 1 196 ? -0.075  16.841  7.132   1.00 44.93 ? 194  ILE A CB  1 
ATOM   1466 C  CG1 . ILE A 1 196 ? -0.311  15.470  6.486   1.00 44.59 ? 194  ILE A CG1 1 
ATOM   1467 C  CG2 . ILE A 1 196 ? -1.181  17.822  6.662   1.00 44.43 ? 194  ILE A CG2 1 
ATOM   1468 C  CD1 . ILE A 1 196 ? -1.604  14.825  6.827   1.00 43.65 ? 194  ILE A CD1 1 
ATOM   1469 N  N   . SER A 1 197 ? 2.173   18.947  8.417   1.00 44.73 ? 195  SER A N   1 
ATOM   1470 C  CA  . SER A 1 197 ? 2.630   20.245  8.891   1.00 44.70 ? 195  SER A CA  1 
ATOM   1471 C  C   . SER A 1 197 ? 3.876   20.679  8.145   1.00 44.60 ? 195  SER A C   1 
ATOM   1472 O  O   . SER A 1 197 ? 4.101   21.879  7.905   1.00 44.60 ? 195  SER A O   1 
ATOM   1473 C  CB  . SER A 1 197 ? 2.955   20.191  10.362  1.00 44.71 ? 195  SER A CB  1 
ATOM   1474 O  OG  . SER A 1 197 ? 1.970   19.441  11.024  1.00 45.59 ? 195  SER A OG  1 
ATOM   1475 N  N   . GLY A 1 198 ? 4.714   19.711  7.810   1.00 44.29 ? 196  GLY A N   1 
ATOM   1476 C  CA  . GLY A 1 198 ? 5.886   19.997  6.987   1.00 44.21 ? 196  GLY A CA  1 
ATOM   1477 C  C   . GLY A 1 198 ? 5.408   20.670  5.716   1.00 44.07 ? 196  GLY A C   1 
ATOM   1478 O  O   . GLY A 1 198 ? 5.845   21.768  5.393   1.00 44.47 ? 196  GLY A O   1 
ATOM   1479 N  N   . LEU A 1 199 ? 4.485   20.016  5.016   1.00 43.54 ? 197  LEU A N   1 
ATOM   1480 C  CA  . LEU A 1 199 ? 4.007   20.514  3.743   1.00 43.51 ? 197  LEU A CA  1 
ATOM   1481 C  C   . LEU A 1 199 ? 3.289   21.859  3.915   1.00 44.02 ? 197  LEU A C   1 
ATOM   1482 O  O   . LEU A 1 199 ? 3.306   22.713  3.028   1.00 43.60 ? 197  LEU A O   1 
ATOM   1483 C  CB  . LEU A 1 199 ? 3.065   19.499  3.102   1.00 43.15 ? 197  LEU A CB  1 
ATOM   1484 C  CG  . LEU A 1 199 ? 3.654   18.176  2.620   1.00 42.89 ? 197  LEU A CG  1 
ATOM   1485 C  CD1 . LEU A 1 199 ? 2.560   17.154  2.481   1.00 41.56 ? 197  LEU A CD1 1 
ATOM   1486 C  CD2 . LEU A 1 199 ? 4.395   18.332  1.292   1.00 41.32 ? 197  LEU A CD2 1 
ATOM   1487 N  N   . GLU A 1 200 ? 2.656   22.049  5.066   1.00 44.79 ? 198  GLU A N   1 
ATOM   1488 C  CA  . GLU A 1 200 ? 1.976   23.316  5.347   1.00 45.51 ? 198  GLU A CA  1 
ATOM   1489 C  C   . GLU A 1 200 ? 2.969   24.454  5.265   1.00 45.35 ? 198  GLU A C   1 
ATOM   1490 O  O   . GLU A 1 200 ? 2.663   25.519  4.771   1.00 44.37 ? 198  GLU A O   1 
ATOM   1491 C  CB  . GLU A 1 200 ? 1.293   23.288  6.720   1.00 45.44 ? 198  GLU A CB  1 
ATOM   1492 C  CG  . GLU A 1 200 ? -0.076  22.689  6.669   1.00 45.75 ? 198  GLU A CG  1 
ATOM   1493 C  CD  . GLU A 1 200 ? -0.714  22.495  8.034   1.00 47.09 ? 198  GLU A CD  1 
ATOM   1494 O  OE1 . GLU A 1 200 ? -1.966  22.559  8.100   1.00 48.00 ? 198  GLU A OE1 1 
ATOM   1495 O  OE2 . GLU A 1 200 ? 0.022   22.260  9.025   1.00 50.43 ? 198  GLU A OE2 1 
ATOM   1496 N  N   . THR A 1 201 ? 4.177   24.183  5.733   1.00 46.38 ? 199  THR A N   1 
ATOM   1497 C  CA  . THR A 1 201 ? 5.254   25.147  5.711   1.00 47.07 ? 199  THR A CA  1 
ATOM   1498 C  C   . THR A 1 201 ? 5.773   25.325  4.297   1.00 47.52 ? 199  THR A C   1 
ATOM   1499 O  O   . THR A 1 201 ? 6.225   26.396  3.929   1.00 47.06 ? 199  THR A O   1 
ATOM   1500 C  CB  . THR A 1 201 ? 6.366   24.713  6.664   1.00 47.34 ? 199  THR A CB  1 
ATOM   1501 O  OG1 . THR A 1 201 ? 5.764   24.296  7.897   1.00 47.94 ? 199  THR A OG1 1 
ATOM   1502 C  CG2 . THR A 1 201 ? 7.367   25.856  6.920   1.00 46.52 ? 199  THR A CG2 1 
ATOM   1503 N  N   . VAL A 1 202 ? 5.679   24.293  3.481   1.00 48.45 ? 200  VAL A N   1 
ATOM   1504 C  CA  . VAL A 1 202 ? 6.010   24.493  2.083   1.00 49.54 ? 200  VAL A CA  1 
ATOM   1505 C  C   . VAL A 1 202 ? 5.099   25.585  1.470   1.00 49.80 ? 200  VAL A C   1 
ATOM   1506 O  O   . VAL A 1 202 ? 5.581   26.522  0.813   1.00 49.39 ? 200  VAL A O   1 
ATOM   1507 C  CB  . VAL A 1 202 ? 5.982   23.183  1.314   1.00 49.21 ? 200  VAL A CB  1 
ATOM   1508 C  CG1 . VAL A 1 202 ? 6.244   23.436  -0.142  1.00 49.06 ? 200  VAL A CG1 1 
ATOM   1509 C  CG2 . VAL A 1 202 ? 7.023   22.228  1.907   1.00 49.27 ? 200  VAL A CG2 1 
ATOM   1510 N  N   . LEU A 1 203 ? 3.803   25.517  1.735   1.00 50.68 ? 201  LEU A N   1 
ATOM   1511 C  CA  . LEU A 1 203 ? 2.886   26.543  1.196   1.00 51.80 ? 201  LEU A CA  1 
ATOM   1512 C  C   . LEU A 1 203 ? 3.113   27.925  1.825   1.00 53.46 ? 201  LEU A C   1 
ATOM   1513 O  O   . LEU A 1 203 ? 3.141   28.931  1.114   1.00 53.47 ? 201  LEU A O   1 
ATOM   1514 C  CB  . LEU A 1 203 ? 1.415   26.100  1.305   1.00 51.86 ? 201  LEU A CB  1 
ATOM   1515 C  CG  . LEU A 1 203 ? 1.082   24.817  0.519   1.00 51.40 ? 201  LEU A CG  1 
ATOM   1516 C  CD1 . LEU A 1 203 ? -0.339  24.395  0.794   1.00 50.59 ? 201  LEU A CD1 1 
ATOM   1517 C  CD2 . LEU A 1 203 ? 1.299   25.006  -0.981  1.00 50.65 ? 201  LEU A CD2 1 
ATOM   1518 N  N   . LYS A 1 204 ? 3.315   27.976  3.142   1.00 55.48 ? 202  LYS A N   1 
ATOM   1519 C  CA  . LYS A 1 204 ? 3.714   29.230  3.801   1.00 57.53 ? 202  LYS A CA  1 
ATOM   1520 C  C   . LYS A 1 204 ? 4.926   29.846  3.093   1.00 58.14 ? 202  LYS A C   1 
ATOM   1521 O  O   . LYS A 1 204 ? 5.103   31.065  3.159   1.00 58.65 ? 202  LYS A O   1 
ATOM   1522 C  CB  . LYS A 1 204 ? 4.012   29.030  5.297   1.00 57.64 ? 202  LYS A CB  1 
ATOM   1523 C  CG  . LYS A 1 204 ? 2.776   28.646  6.145   1.00 58.57 ? 202  LYS A CG  1 
ATOM   1524 C  CD  . LYS A 1 204 ? 3.149   27.822  7.417   1.00 58.57 ? 202  LYS A CD  1 
ATOM   1525 C  CE  . LYS A 1 204 ? 1.988   26.903  7.885   1.00 59.26 ? 202  LYS A CE  1 
ATOM   1526 N  NZ  . LYS A 1 204 ? 2.443   25.743  8.745   1.00 58.63 ? 202  LYS A NZ  1 
ATOM   1527 N  N   . SER A 1 205 ? 5.740   29.020  2.411   1.00 58.81 ? 203  SER A N   1 
ATOM   1528 C  CA  . SER A 1 205 ? 6.777   29.526  1.485   1.00 59.18 ? 203  SER A CA  1 
ATOM   1529 C  C   . SER A 1 205 ? 6.208   30.038  0.150   1.00 59.94 ? 203  SER A C   1 
ATOM   1530 O  O   . SER A 1 205 ? 6.836   29.874  -0.896  1.00 59.62 ? 203  SER A O   1 
ATOM   1531 C  CB  . SER A 1 205 ? 7.893   28.494  1.221   1.00 59.48 ? 203  SER A CB  1 
ATOM   1532 O  OG  . SER A 1 205 ? 8.738   28.329  2.345   1.00 59.36 ? 203  SER A OG  1 
ATOM   1533 N  N   . ALA A 1 206 ? 5.004   30.613  0.195   1.00 60.79 ? 204  ALA A N   1 
ATOM   1534 C  CA  . ALA A 1 206 ? 4.645   31.748  -0.672  1.00 61.76 ? 204  ALA A CA  1 
ATOM   1535 C  C   . ALA A 1 206 ? 4.867   33.045  0.153   1.00 62.12 ? 204  ALA A C   1 
ATOM   1536 O  O   . ALA A 1 206 ? 3.903   33.749  0.489   1.00 62.07 ? 204  ALA A O   1 
ATOM   1537 C  CB  . ALA A 1 206 ? 3.185   31.642  -1.166  1.00 61.40 ? 204  ALA A CB  1 
ATOM   1538 N  N   . LYS A 1 207 ? 6.148   33.318  0.464   1.00 62.57 ? 205  LYS A N   1 
ATOM   1539 C  CA  . LYS A 1 207 ? 6.626   34.391  1.398   1.00 62.58 ? 205  LYS A CA  1 
ATOM   1540 C  C   . LYS A 1 207 ? 6.748   33.900  2.869   1.00 63.05 ? 205  LYS A C   1 
ATOM   1541 O  O   . LYS A 1 207 ? 5.761   33.616  3.567   1.00 62.64 ? 205  LYS A O   1 
ATOM   1542 C  CB  . LYS A 1 207 ? 5.792   35.683  1.312   1.00 62.65 ? 205  LYS A CB  1 
ATOM   1543 C  CG  . LYS A 1 207 ? 6.511   36.923  1.869   1.00 62.47 ? 205  LYS A CG  1 
ATOM   1544 C  CD  . LYS A 1 207 ? 5.878   38.225  1.375   1.00 62.28 ? 205  LYS A CD  1 
ATOM   1545 C  CE  . LYS A 1 207 ? 4.934   38.847  2.391   1.00 61.52 ? 205  LYS A CE  1 
ATOM   1546 N  NZ  . LYS A 1 207 ? 5.678   39.630  3.414   1.00 59.75 ? 205  LYS A NZ  1 
ATOM   1547 O  OXT . LYS A 1 207 ? 7.869   33.769  3.403   1.00 63.22 ? 205  LYS A OXT 1 
HETATM 1548 O  O12 . TDC B 2 .   ? 1.287   3.920   -4.874  1.00 24.75 ? 1206 TDC A O12 1 
HETATM 1549 C  C12 . TDC B 2 .   ? 0.847   5.090   -5.054  1.00 25.84 ? 1206 TDC A C12 1 
HETATM 1550 C  C1B . TDC B 2 .   ? 1.528   6.055   -5.966  1.00 26.57 ? 1206 TDC A C1B 1 
HETATM 1551 C  C11 . TDC B 2 .   ? 2.670   5.662   -6.667  1.00 27.18 ? 1206 TDC A C11 1 
HETATM 1552 O  O11 . TDC B 2 .   ? 3.193   4.341   -6.563  1.00 26.88 ? 1206 TDC A O11 1 
HETATM 1553 C  C1A . TDC B 2 .   ? 3.278   6.584   -7.527  1.00 25.73 ? 1206 TDC A C1A 1 
HETATM 1554 C  C10 . TDC B 2 .   ? 4.404   6.220   -8.265  1.00 26.15 ? 1206 TDC A C10 1 
HETATM 1555 O  O10 . TDC B 2 .   ? 4.953   4.939   -8.167  1.00 26.54 ? 1206 TDC A O10 1 
HETATM 1556 C  C9  . TDC B 2 .   ? 5.046   7.226   -9.174  1.00 27.12 ? 1206 TDC A C9  1 
HETATM 1557 C  C8  . TDC B 2 .   ? 4.503   8.512   -9.280  1.00 26.57 ? 1206 TDC A C8  1 
HETATM 1558 C  C7  . TDC B 2 .   ? 3.361   8.818   -8.527  1.00 26.61 ? 1206 TDC A C7  1 
HETATM 1559 C  C61 . TDC B 2 .   ? 2.756   7.879   -7.659  1.00 26.10 ? 1206 TDC A C61 1 
HETATM 1560 C  C6  . TDC B 2 .   ? 1.615   8.265   -6.938  1.00 26.90 ? 1206 TDC A C6  1 
HETATM 1561 C  C62 . TDC B 2 .   ? 1.058   9.676   -7.061  1.00 26.67 ? 1206 TDC A C62 1 
HETATM 1562 C  C51 . TDC B 2 .   ? 1.012   7.355   -6.068  1.00 26.80 ? 1206 TDC A C51 1 
HETATM 1563 C  C5  . TDC B 2 .   ? -0.232  7.756   -5.243  1.00 26.91 ? 1206 TDC A C5  1 
HETATM 1564 C  C1C . TDC B 2 .   ? -0.401  5.481   -4.317  1.00 26.06 ? 1206 TDC A C1C 1 
HETATM 1565 C  C1  . TDC B 2 .   ? -1.691  5.192   -5.121  1.00 27.33 ? 1206 TDC A C1  1 
HETATM 1566 O  O1  . TDC B 2 .   ? -1.690  4.546   -6.172  1.00 28.40 ? 1206 TDC A O1  1 
HETATM 1567 O  O1C . TDC B 2 .   ? -0.425  4.756   -3.109  1.00 29.11 ? 1206 TDC A O1C 1 
HETATM 1568 C  C41 . TDC B 2 .   ? -0.372  6.939   -3.941  1.00 26.04 ? 1206 TDC A C41 1 
HETATM 1569 C  C4  . TDC B 2 .   ? -1.619  7.422   -3.155  1.00 25.28 ? 1206 TDC A C4  1 
HETATM 1570 N  N4  . TDC B 2 .   ? -1.502  7.627   -1.659  1.00 24.43 ? 1206 TDC A N4  1 
HETATM 1571 C  C43 . TDC B 2 .   ? -0.604  8.825   -1.471  1.00 14.21 ? 1206 TDC A C43 1 
HETATM 1572 C  C42 . TDC B 2 .   ? -1.075  6.403   -0.875  1.00 21.13 ? 1206 TDC A C42 1 
HETATM 1573 C  C3  . TDC B 2 .   ? -2.916  6.675   -3.570  1.00 26.09 ? 1206 TDC A C3  1 
HETATM 1574 O  O3  . TDC B 2 .   ? -3.996  7.020   -3.093  1.00 28.54 ? 1206 TDC A O3  1 
HETATM 1575 C  C2  . TDC B 2 .   ? -2.936  5.644   -4.552  1.00 27.40 ? 1206 TDC A C2  1 
HETATM 1576 C  C21 . TDC B 2 .   ? -4.236  5.110   -4.979  1.00 25.80 ? 1206 TDC A C21 1 
HETATM 1577 O  O21 . TDC B 2 .   ? -5.255  5.755   -4.733  1.00 30.38 ? 1206 TDC A O21 1 
HETATM 1578 N  N21 . TDC B 2 .   ? -4.411  4.068   -5.768  1.00 26.67 ? 1206 TDC A N21 1 
HETATM 1579 MG MG  . MG  C 3 .   ? 2.781   2.631   -5.389  1.00 26.14 ? 1207 MG  A MG  1 
HETATM 1580 S  S   . SO4 D 4 .   ? -5.978  -6.272  9.223   0.50 46.79 ? 1208 SO4 A S   1 
HETATM 1581 O  O1  . SO4 D 4 .   ? -5.434  -5.285  8.266   0.50 47.92 ? 1208 SO4 A O1  1 
HETATM 1582 O  O2  . SO4 D 4 .   ? -5.915  -5.699  10.572  0.50 45.52 ? 1208 SO4 A O2  1 
HETATM 1583 O  O3  . SO4 D 4 .   ? -5.175  -7.500  9.149   0.50 45.74 ? 1208 SO4 A O3  1 
HETATM 1584 O  O4  . SO4 D 4 .   ? -7.398  -6.509  8.872   0.50 43.69 ? 1208 SO4 A O4  1 
HETATM 1585 O  O   . HOH E 5 .   ? 5.707   -18.456 -10.736 1.00 39.09 ? 2001 HOH A O   1 
HETATM 1586 O  O   . HOH E 5 .   ? -0.782  -7.372  -14.128 1.00 45.40 ? 2002 HOH A O   1 
HETATM 1587 O  O   . HOH E 5 .   ? -1.094  -2.794  -3.471  1.00 26.50 ? 2003 HOH A O   1 
HETATM 1588 O  O   . HOH E 5 .   ? -8.411  1.173   3.698   1.00 31.87 ? 2004 HOH A O   1 
HETATM 1589 O  O   . HOH E 5 .   ? -2.041  10.717  0.836   1.00 43.08 ? 2005 HOH A O   1 
HETATM 1590 O  O   . HOH E 5 .   ? -3.902  3.850   9.695   1.00 34.43 ? 2006 HOH A O   1 
HETATM 1591 O  O   . HOH E 5 .   ? -2.437  -5.628  1.592   1.00 35.28 ? 2007 HOH A O   1 
HETATM 1592 O  O   . HOH E 5 .   ? -5.961  -1.341  -14.998 1.00 56.35 ? 2008 HOH A O   1 
HETATM 1593 O  O   . HOH E 5 .   ? -9.430  5.610   -10.986 1.00 49.45 ? 2009 HOH A O   1 
HETATM 1594 O  O   . HOH E 5 .   ? -5.746  6.649   -7.086  1.00 51.70 ? 2010 HOH A O   1 
HETATM 1595 O  O   . HOH E 5 .   ? 4.486   2.542   11.897  1.00 37.28 ? 2011 HOH A O   1 
HETATM 1596 O  O   . HOH E 5 .   ? 5.171   -6.725  3.417   1.00 42.24 ? 2012 HOH A O   1 
HETATM 1597 O  O   . HOH E 5 .   ? 3.905   3.202   17.003  1.00 28.53 ? 2013 HOH A O   1 
HETATM 1598 O  O   . HOH E 5 .   ? -0.594  17.689  11.150  1.00 48.48 ? 2014 HOH A O   1 
HETATM 1599 O  O   . HOH E 5 .   ? 2.037   1.937   -7.071  1.00 40.96 ? 2015 HOH A O   1 
HETATM 1600 O  O   . HOH E 5 .   ? 3.687   3.437   -3.821  1.00 29.94 ? 2016 HOH A O   1 
HETATM 1601 O  O   . HOH E 5 .   ? 4.552   1.951   -5.855  1.00 35.18 ? 2017 HOH A O   1 
HETATM 1602 O  O   . HOH E 5 .   ? 5.118   5.894   -4.525  1.00 45.49 ? 2018 HOH A O   1 
# 
loop_
_pdbx_poly_seq_scheme.asym_id 
_pdbx_poly_seq_scheme.entity_id 
_pdbx_poly_seq_scheme.seq_id 
_pdbx_poly_seq_scheme.mon_id 
_pdbx_poly_seq_scheme.ndb_seq_num 
_pdbx_poly_seq_scheme.pdb_seq_num 
_pdbx_poly_seq_scheme.auth_seq_num 
_pdbx_poly_seq_scheme.pdb_mon_id 
_pdbx_poly_seq_scheme.auth_mon_id 
_pdbx_poly_seq_scheme.pdb_strand_id 
_pdbx_poly_seq_scheme.pdb_ins_code 
_pdbx_poly_seq_scheme.hetero 
A 1 1   MET 1   1   ?   ?   ?   A . n 
A 1 2   ALA 2   2   2   ALA ALA A . n 
A 1 3   LYS 3   3   3   LYS LYS A . n 
A 1 4   LEU 4   4   4   LEU LEU A . n 
A 1 5   ASP 5   5   5   ASP ASP A . n 
A 1 6   LYS 6   6   6   LYS LYS A . n 
A 1 7   GLU 7   7   7   GLU GLU A . n 
A 1 8   GLN 8   8   8   GLN GLN A . n 
A 1 9   VAL 9   9   9   VAL VAL A . n 
A 1 10  ILE 10  10  10  ILE ILE A . n 
A 1 11  ASP 11  11  11  ASP ASP A . n 
A 1 12  ASN 12  12  12  ASN ASN A . n 
A 1 13  ALA 13  13  13  ALA ALA A . n 
A 1 14  LEU 14  14  14  LEU LEU A . n 
A 1 15  ILE 15  15  15  ILE ILE A . n 
A 1 16  LEU 16  16  16  LEU LEU A . n 
A 1 17  LEU 17  17  17  LEU LEU A . n 
A 1 18  ASN 18  18  18  ASN ASN A . n 
A 1 19  GLU 19  19  19  GLU GLU A . n 
A 1 20  VAL 20  20  20  VAL VAL A . n 
A 1 21  GLY 21  21  21  GLY GLY A . n 
A 1 22  ILE 22  22  22  ILE ILE A . n 
A 1 23  GLU 23  23  23  GLU GLU A . n 
A 1 24  GLY 24  24  24  GLY GLY A . n 
A 1 25  LEU 25  25  25  LEU LEU A . n 
A 1 26  THR 26  26  26  THR THR A . n 
A 1 27  THR 27  27  27  THR THR A . n 
A 1 28  ARG 28  28  28  ARG ARG A . n 
A 1 29  LYS 29  29  29  LYS LYS A . n 
A 1 30  LEU 30  30  30  LEU LEU A . n 
A 1 31  ALA 31  31  31  ALA ALA A . n 
A 1 32  GLN 32  32  32  GLN GLN A . n 
A 1 33  LYS 33  33  33  LYS LYS A . n 
A 1 34  ILE 34  34  34  ILE ILE A . n 
A 1 35  GLY 35  35  35  GLY GLY A . n 
A 1 36  VAL 36  36  36  VAL VAL A . n 
A 1 37  GLU 37  37  37  GLU GLU A . n 
A 1 38  GLN 38  38  38  GLN GLN A . n 
A 1 39  PRO 39  39  39  PRO PRO A . n 
A 1 40  THR 40  40  40  THR THR A . n 
A 1 41  LEU 41  41  41  LEU LEU A . n 
A 1 42  TYR 42  42  42  TYR TYR A . n 
A 1 43  TRP 43  43  43  TRP TRP A . n 
A 1 44  HIS 44  44  44  HIS HIS A . n 
A 1 45  VAL 45  45  45  VAL VAL A . n 
A 1 46  LYS 46  46  46  LYS LYS A . n 
A 1 47  ASN 47  47  47  ASN ASN A . n 
A 1 48  LYS 48  48  48  LYS LYS A . n 
A 1 49  ARG 49  49  49  ARG ARG A . n 
A 1 50  ALA 50  50  50  ALA ALA A . n 
A 1 51  LEU 51  51  51  LEU LEU A . n 
A 1 52  LEU 52  52  52  LEU LEU A . n 
A 1 53  ASP 53  53  53  ASP ASP A . n 
A 1 54  ALA 54  54  54  ALA ALA A . n 
A 1 55  LEU 55  55  55  LEU LEU A . n 
A 1 56  ALA 56  56  56  ALA ALA A . n 
A 1 57  GLU 57  57  57  GLU GLU A . n 
A 1 58  THR 58  58  58  THR THR A . n 
A 1 59  ILE 59  59  59  ILE ILE A . n 
A 1 60  LEU 60  60  60  LEU LEU A . n 
A 1 61  GLN 61  61  61  GLN GLN A . n 
A 1 62  LYS 62  62  62  LYS LYS A . n 
A 1 63  HIS 63  63  63  HIS HIS A . n 
A 1 64  HIS 64  64  64  HIS HIS A . n 
A 1 65  HIS 65  65  65  HIS HIS A . n 
A 1 66  HIS 66  66  66  HIS HIS A . n 
A 1 67  VAL 67  67  67  VAL VAL A . n 
A 1 68  LEU 68  68  68  LEU LEU A . n 
A 1 69  PRO 69  69  69  PRO PRO A . n 
A 1 70  LEU 70  70  70  LEU LEU A . n 
A 1 71  PRO 71  71  71  PRO PRO A . n 
A 1 72  ASN 72  72  72  ASN ASN A . n 
A 1 73  GLU 73  73  73  GLU GLU A . n 
A 1 74  THR 74  74  74  THR THR A . n 
A 1 75  TRP 75  75  75  TRP TRP A . n 
A 1 76  GLN 76  76  76  GLN GLN A . n 
A 1 77  ASP 77  77  77  ASP ASP A . n 
A 1 78  PHE 78  78  78  PHE PHE A . n 
A 1 79  LEU 79  79  79  LEU LEU A . n 
A 1 80  ARG 80  80  80  ARG ARG A . n 
A 1 81  ASN 81  81  81  ASN ASN A . n 
A 1 82  ASN 82  82  82  ASN ASN A . n 
A 1 83  ALA 83  83  83  ALA ALA A . n 
A 1 84  LYS 84  84  84  LYS LYS A . n 
A 1 85  SER 85  85  85  SER SER A . n 
A 1 86  PHE 86  86  86  PHE PHE A . n 
A 1 87  ARG 87  87  87  ARG ARG A . n 
A 1 88  GLN 88  88  88  GLN GLN A . n 
A 1 89  ALA 89  89  89  ALA ALA A . n 
A 1 90  LEU 90  90  90  LEU LEU A . n 
A 1 91  LEU 91  91  91  LEU LEU A . n 
A 1 92  MET 92  92  92  MET MET A . n 
A 1 93  TYR 93  93  93  TYR TYR A . n 
A 1 94  ARG 94  94  94  ARG ARG A . n 
A 1 95  ASP 95  95  95  ASP ASP A . n 
A 1 96  GLY 96  96  96  GLY GLY A . n 
A 1 97  GLY 97  97  97  GLY GLY A . n 
A 1 98  LYS 98  98  98  LYS LYS A . n 
A 1 99  ILE 99  99  99  ILE ILE A . n 
A 1 100 HIS 100 100 100 HIS HIS A . n 
A 1 101 ALA 101 101 101 ALA ALA A . n 
A 1 102 GLY 102 102 102 GLY GLY A . n 
A 1 103 THR 103 103 103 THR THR A . n 
A 1 104 ARG 104 104 104 ARG ARG A . n 
A 1 105 PRO 105 105 105 PRO PRO A . n 
A 1 106 SER 106 106 106 SER SER A . n 
A 1 107 GLU 107 107 107 GLU GLU A . n 
A 1 108 SER 108 108 108 SER SER A . n 
A 1 109 GLN 109 109 109 GLN GLN A . n 
A 1 110 PHE 110 110 110 PHE PHE A . n 
A 1 111 GLU 111 111 111 GLU GLU A . n 
A 1 112 THR 112 112 112 THR THR A . n 
A 1 113 SER 113 113 113 SER SER A . n 
A 1 114 GLU 114 114 114 GLU GLU A . n 
A 1 115 GLN 115 115 115 GLN GLN A . n 
A 1 116 GLN 116 116 116 GLN GLN A . n 
A 1 117 LEU 117 117 117 LEU LEU A . n 
A 1 118 GLN 118 118 118 GLN GLN A . n 
A 1 119 PHE 119 119 119 PHE PHE A . n 
A 1 120 LEU 120 120 120 LEU LEU A . n 
A 1 121 CYS 121 121 121 CYS CYS A . n 
A 1 122 ASP 122 122 122 ASP ASP A . n 
A 1 123 ALA 123 123 123 ALA ALA A . n 
A 1 124 GLY 124 124 124 GLY GLY A . n 
A 1 125 PHE 125 125 125 PHE PHE A . n 
A 1 126 SER 126 126 126 SER SER A . n 
A 1 127 LEU 127 127 127 LEU LEU A . n 
A 1 128 SER 128 128 128 SER SER A . n 
A 1 129 GLN 129 129 129 GLN GLN A . n 
A 1 130 ALA 130 130 130 ALA ALA A . n 
A 1 131 VAL 131 131 131 VAL VAL A . n 
A 1 132 TYR 132 132 132 TYR TYR A . n 
A 1 133 ALA 133 133 133 ALA ALA A . n 
A 1 134 LEU 134 134 134 LEU LEU A . n 
A 1 135 SER 135 135 135 SER SER A . n 
A 1 136 SER 136 136 136 SER SER A . n 
A 1 137 ILE 137 137 137 ILE ILE A . n 
A 1 138 ALA 138 138 138 ALA ALA A . n 
A 1 139 HIS 139 139 139 HIS HIS A . n 
A 1 140 PHE 140 140 140 PHE PHE A . n 
A 1 141 THR 141 141 141 THR THR A . n 
A 1 142 LEU 142 142 142 LEU LEU A . n 
A 1 143 GLY 143 143 143 GLY GLY A . n 
A 1 144 SER 144 144 144 SER SER A . n 
A 1 145 VAL 145 145 145 VAL VAL A . n 
A 1 146 LEU 146 146 146 LEU LEU A . n 
A 1 147 GLU 147 147 147 GLU GLU A . n 
A 1 148 THR 148 148 148 THR THR A . n 
A 1 149 GLN 149 149 149 GLN GLN A . n 
A 1 150 GLU 150 150 150 GLU GLU A . n 
A 1 151 HIS 151 151 151 HIS HIS A . n 
A 1 152 GLN 152 152 152 GLN GLN A . n 
A 1 153 GLU 153 153 153 GLU GLU A . n 
A 1 154 SER 154 154 154 SER SER A . n 
A 1 155 GLN 155 155 155 GLN GLN A . n 
A 1 156 LYS 156 156 156 LYS LYS A . n 
A 1 157 GLU 157 157 157 GLU GLU A . n 
A 1 158 ARG 158 158 ?   ?   ?   A . n 
A 1 159 GLU 159 159 ?   ?   ?   A . n 
A 1 160 LYS 160 160 ?   ?   ?   A . n 
A 1 161 VAL 161 161 ?   ?   ?   A . n 
A 1 162 GLU 162 162 ?   ?   ?   A . n 
A 1 163 THR 163 163 ?   ?   ?   A . n 
A 1 164 ASP 164 164 ?   ?   ?   A . n 
A 1 165 THR 165 164 ?   ?   ?   A A n 
A 1 166 VAL 166 164 ?   ?   ?   A B n 
A 1 167 ALA 167 165 165 ALA ALA A . n 
A 1 168 TYR 168 166 166 TYR TYR A . n 
A 1 169 PRO 169 167 167 PRO PRO A . n 
A 1 170 PRO 170 168 168 PRO PRO A . n 
A 1 171 LEU 171 169 169 LEU LEU A . n 
A 1 172 LEU 172 170 170 LEU LEU A . n 
A 1 173 THR 173 171 171 THR THR A . n 
A 1 174 GLN 174 172 172 GLN GLN A . n 
A 1 175 ALA 175 173 173 ALA ALA A . n 
A 1 176 VAL 176 174 174 VAL VAL A . n 
A 1 177 ALA 177 175 175 ALA ALA A . n 
A 1 178 ILE 178 176 176 ILE ILE A . n 
A 1 179 MET 179 177 177 MET MET A . n 
A 1 180 ASP 180 178 178 ASP ASP A . n 
A 1 181 SER 181 179 179 SER SER A . n 
A 1 182 ASP 182 180 180 ASP ASP A . n 
A 1 183 ASN 183 181 181 ASN ASN A . n 
A 1 184 GLY 184 182 182 GLY GLY A . n 
A 1 185 ASP 185 183 183 ASP ASP A . n 
A 1 186 ALA 186 184 184 ALA ALA A . n 
A 1 187 ALA 187 185 185 ALA ALA A . n 
A 1 188 PHE 188 186 186 PHE PHE A . n 
A 1 189 LEU 189 187 187 LEU LEU A . n 
A 1 190 PHE 190 188 188 PHE PHE A . n 
A 1 191 VAL 191 189 189 VAL VAL A . n 
A 1 192 LEU 192 190 190 LEU LEU A . n 
A 1 193 ASP 193 191 191 ASP ASP A . n 
A 1 194 VAL 194 192 192 VAL VAL A . n 
A 1 195 MET 195 193 193 MET MET A . n 
A 1 196 ILE 196 194 194 ILE ILE A . n 
A 1 197 SER 197 195 195 SER SER A . n 
A 1 198 GLY 198 196 196 GLY GLY A . n 
A 1 199 LEU 199 197 197 LEU LEU A . n 
A 1 200 GLU 200 198 198 GLU GLU A . n 
A 1 201 THR 201 199 199 THR THR A . n 
A 1 202 VAL 202 200 200 VAL VAL A . n 
A 1 203 LEU 203 201 201 LEU LEU A . n 
A 1 204 LYS 204 202 202 LYS LYS A . n 
A 1 205 SER 205 203 203 SER SER A . n 
A 1 206 ALA 206 204 204 ALA ALA A . n 
A 1 207 LYS 207 205 205 LYS LYS A . n 
# 
loop_
_pdbx_nonpoly_scheme.asym_id 
_pdbx_nonpoly_scheme.entity_id 
_pdbx_nonpoly_scheme.mon_id 
_pdbx_nonpoly_scheme.ndb_seq_num 
_pdbx_nonpoly_scheme.pdb_seq_num 
_pdbx_nonpoly_scheme.auth_seq_num 
_pdbx_nonpoly_scheme.pdb_mon_id 
_pdbx_nonpoly_scheme.auth_mon_id 
_pdbx_nonpoly_scheme.pdb_strand_id 
_pdbx_nonpoly_scheme.pdb_ins_code 
B 2 TDC 1  1206 1206 TDC TDC A . 
C 3 MG  1  1207 1207 MG  MG  A . 
D 4 SO4 1  1208 1208 SO4 SO4 A . 
E 5 HOH 1  2001 2001 HOH HOH A . 
E 5 HOH 2  2002 2002 HOH HOH A . 
E 5 HOH 3  2003 2003 HOH HOH A . 
E 5 HOH 4  2004 2004 HOH HOH A . 
E 5 HOH 5  2005 2005 HOH HOH A . 
E 5 HOH 6  2006 2006 HOH HOH A . 
E 5 HOH 7  2007 2007 HOH HOH A . 
E 5 HOH 8  2008 2008 HOH HOH A . 
E 5 HOH 9  2009 2009 HOH HOH A . 
E 5 HOH 10 2010 2010 HOH HOH A . 
E 5 HOH 11 2011 2011 HOH HOH A . 
E 5 HOH 12 2012 2012 HOH HOH A . 
E 5 HOH 13 2013 2013 HOH HOH A . 
E 5 HOH 14 2014 2014 HOH HOH A . 
E 5 HOH 15 2015 2015 HOH HOH A . 
E 5 HOH 16 2016 2016 HOH HOH A . 
E 5 HOH 17 2017 2017 HOH HOH A . 
E 5 HOH 18 2018 2018 HOH HOH A . 
# 
_pdbx_struct_assembly.id                   1 
_pdbx_struct_assembly.details              author_and_software_defined_assembly 
_pdbx_struct_assembly.method_details       PISA 
_pdbx_struct_assembly.oligomeric_details   dimeric 
_pdbx_struct_assembly.oligomeric_count     2 
# 
_pdbx_struct_assembly_gen.assembly_id       1 
_pdbx_struct_assembly_gen.oper_expression   1,2 
_pdbx_struct_assembly_gen.asym_id_list      A,B,C,D,E 
# 
loop_
_pdbx_struct_assembly_prop.biol_id 
_pdbx_struct_assembly_prop.type 
_pdbx_struct_assembly_prop.value 
_pdbx_struct_assembly_prop.details 
1 'ABSA (A^2)' 5700  ? 
1 MORE         -68.0 ? 
1 'SSA (A^2)'  17170 ? 
# 
loop_
_pdbx_struct_oper_list.id 
_pdbx_struct_oper_list.type 
_pdbx_struct_oper_list.name 
_pdbx_struct_oper_list.symmetry_operation 
_pdbx_struct_oper_list.matrix[1][1] 
_pdbx_struct_oper_list.matrix[1][2] 
_pdbx_struct_oper_list.matrix[1][3] 
_pdbx_struct_oper_list.vector[1] 
_pdbx_struct_oper_list.matrix[2][1] 
_pdbx_struct_oper_list.matrix[2][2] 
_pdbx_struct_oper_list.matrix[2][3] 
_pdbx_struct_oper_list.vector[2] 
_pdbx_struct_oper_list.matrix[3][1] 
_pdbx_struct_oper_list.matrix[3][2] 
_pdbx_struct_oper_list.matrix[3][3] 
_pdbx_struct_oper_list.vector[3] 
1 'identity operation'         1_555 x,y,z       1.0000000000  0.0000000000  0.0000000000  0.0000000000  0.0000000000  1.0000000000 0.0000000000 0.0000000000 0.0000000000  0.0000000000 1.0000000000  0.0000000000 
2 'crystal symmetry operation' 4_566 x,-y+1,-z+1 -0.9647772590 -0.2520759234 -0.0752500458 18.4253236469 -0.2520759234 0.8040126727 0.5385363042 0.7774896739 -0.0752500458 0.5385363042 -0.8392354138 6.0199827258 
# 
loop_
_pdbx_struct_conn_angle.id 
_pdbx_struct_conn_angle.ptnr1_label_atom_id 
_pdbx_struct_conn_angle.ptnr1_label_alt_id 
_pdbx_struct_conn_angle.ptnr1_label_asym_id 
_pdbx_struct_conn_angle.ptnr1_label_comp_id 
_pdbx_struct_conn_angle.ptnr1_label_seq_id 
_pdbx_struct_conn_angle.ptnr1_auth_atom_id 
_pdbx_struct_conn_angle.ptnr1_auth_asym_id 
_pdbx_struct_conn_angle.ptnr1_auth_comp_id 
_pdbx_struct_conn_angle.ptnr1_auth_seq_id 
_pdbx_struct_conn_angle.ptnr1_PDB_ins_code 
_pdbx_struct_conn_angle.ptnr1_symmetry 
_pdbx_struct_conn_angle.ptnr2_label_atom_id 
_pdbx_struct_conn_angle.ptnr2_label_alt_id 
_pdbx_struct_conn_angle.ptnr2_label_asym_id 
_pdbx_struct_conn_angle.ptnr2_label_comp_id 
_pdbx_struct_conn_angle.ptnr2_label_seq_id 
_pdbx_struct_conn_angle.ptnr2_auth_atom_id 
_pdbx_struct_conn_angle.ptnr2_auth_asym_id 
_pdbx_struct_conn_angle.ptnr2_auth_comp_id 
_pdbx_struct_conn_angle.ptnr2_auth_seq_id 
_pdbx_struct_conn_angle.ptnr2_PDB_ins_code 
_pdbx_struct_conn_angle.ptnr2_symmetry 
_pdbx_struct_conn_angle.ptnr3_label_atom_id 
_pdbx_struct_conn_angle.ptnr3_label_alt_id 
_pdbx_struct_conn_angle.ptnr3_label_asym_id 
_pdbx_struct_conn_angle.ptnr3_label_comp_id 
_pdbx_struct_conn_angle.ptnr3_label_seq_id 
_pdbx_struct_conn_angle.ptnr3_auth_atom_id 
_pdbx_struct_conn_angle.ptnr3_auth_asym_id 
_pdbx_struct_conn_angle.ptnr3_auth_comp_id 
_pdbx_struct_conn_angle.ptnr3_auth_seq_id 
_pdbx_struct_conn_angle.ptnr3_PDB_ins_code 
_pdbx_struct_conn_angle.ptnr3_symmetry 
_pdbx_struct_conn_angle.value 
_pdbx_struct_conn_angle.value_esd 
1  NE2 ? A HIS 100 ? A HIS 100  ? 1_555 MG ? C MG . ? A MG 1207 ? 1_555 O11 ? B TDC . ? A TDC 1206 ? 1_555 167.0 ? 
2  NE2 ? A HIS 100 ? A HIS 100  ? 1_555 MG ? C MG . ? A MG 1207 ? 1_555 O12 ? B TDC . ? A TDC 1206 ? 1_555 90.2  ? 
3  O11 ? B TDC .   ? A TDC 1206 ? 1_555 MG ? C MG . ? A MG 1207 ? 1_555 O12 ? B TDC . ? A TDC 1206 ? 1_555 76.8  ? 
4  NE2 ? A HIS 100 ? A HIS 100  ? 1_555 MG ? C MG . ? A MG 1207 ? 1_555 O   ? E HOH . ? A HOH 2015 ? 1_555 98.3  ? 
5  O11 ? B TDC .   ? A TDC 1206 ? 1_555 MG ? C MG . ? A MG 1207 ? 1_555 O   ? E HOH . ? A HOH 2015 ? 1_555 83.3  ? 
6  O12 ? B TDC .   ? A TDC 1206 ? 1_555 MG ? C MG . ? A MG 1207 ? 1_555 O   ? E HOH . ? A HOH 2015 ? 1_555 99.3  ? 
7  NE2 ? A HIS 100 ? A HIS 100  ? 1_555 MG ? C MG . ? A MG 1207 ? 1_555 O   ? E HOH . ? A HOH 2016 ? 1_555 87.9  ? 
8  O11 ? B TDC .   ? A TDC 1206 ? 1_555 MG ? C MG . ? A MG 1207 ? 1_555 O   ? E HOH . ? A HOH 2016 ? 1_555 91.2  ? 
9  O12 ? B TDC .   ? A TDC 1206 ? 1_555 MG ? C MG . ? A MG 1207 ? 1_555 O   ? E HOH . ? A HOH 2016 ? 1_555 83.0  ? 
10 O   ? E HOH .   ? A HOH 2015 ? 1_555 MG ? C MG . ? A MG 1207 ? 1_555 O   ? E HOH . ? A HOH 2016 ? 1_555 173.4 ? 
11 NE2 ? A HIS 100 ? A HIS 100  ? 1_555 MG ? C MG . ? A MG 1207 ? 1_555 O   ? E HOH . ? A HOH 2017 ? 1_555 104.4 ? 
12 O11 ? B TDC .   ? A TDC 1206 ? 1_555 MG ? C MG . ? A MG 1207 ? 1_555 O   ? E HOH . ? A HOH 2017 ? 1_555 88.4  ? 
13 O12 ? B TDC .   ? A TDC 1206 ? 1_555 MG ? C MG . ? A MG 1207 ? 1_555 O   ? E HOH . ? A HOH 2017 ? 1_555 160.8 ? 
14 O   ? E HOH .   ? A HOH 2015 ? 1_555 MG ? C MG . ? A MG 1207 ? 1_555 O   ? E HOH . ? A HOH 2017 ? 1_555 90.9  ? 
15 O   ? E HOH .   ? A HOH 2016 ? 1_555 MG ? C MG . ? A MG 1207 ? 1_555 O   ? E HOH . ? A HOH 2017 ? 1_555 85.2  ? 
# 
loop_
_pdbx_audit_revision_history.ordinal 
_pdbx_audit_revision_history.data_content_type 
_pdbx_audit_revision_history.major_revision 
_pdbx_audit_revision_history.minor_revision 
_pdbx_audit_revision_history.revision_date 
1 'Structure model' 1 0 2008-03-11 
2 'Structure model' 1 1 2011-07-13 
3 'Structure model' 1 2 2019-07-24 
4 'Structure model' 1 3 2023-12-13 
# 
_pdbx_audit_revision_details.ordinal             1 
_pdbx_audit_revision_details.revision_ordinal    1 
_pdbx_audit_revision_details.data_content_type   'Structure model' 
_pdbx_audit_revision_details.provider            repository 
_pdbx_audit_revision_details.type                'Initial release' 
_pdbx_audit_revision_details.description         ? 
_pdbx_audit_revision_details.details             ? 
# 
loop_
_pdbx_audit_revision_group.ordinal 
_pdbx_audit_revision_group.revision_ordinal 
_pdbx_audit_revision_group.data_content_type 
_pdbx_audit_revision_group.group 
1 2 'Structure model' Advisory                    
2 2 'Structure model' 'Version format compliance' 
3 3 'Structure model' 'Data collection'           
4 4 'Structure model' 'Data collection'           
5 4 'Structure model' 'Database references'       
6 4 'Structure model' 'Derived calculations'      
7 4 'Structure model' Other                       
8 4 'Structure model' 'Refinement description'    
# 
loop_
_pdbx_audit_revision_category.ordinal 
_pdbx_audit_revision_category.revision_ordinal 
_pdbx_audit_revision_category.data_content_type 
_pdbx_audit_revision_category.category 
1 3 'Structure model' diffrn_source                 
2 4 'Structure model' chem_comp_atom                
3 4 'Structure model' chem_comp_bond                
4 4 'Structure model' database_2                    
5 4 'Structure model' pdbx_database_status          
6 4 'Structure model' pdbx_initial_refinement_model 
7 4 'Structure model' pdbx_struct_conn_angle        
8 4 'Structure model' struct_conn                   
# 
loop_
_pdbx_audit_revision_item.ordinal 
_pdbx_audit_revision_item.revision_ordinal 
_pdbx_audit_revision_item.data_content_type 
_pdbx_audit_revision_item.item 
1  3 'Structure model' '_diffrn_source.pdbx_synchrotron_site'        
2  4 'Structure model' '_database_2.pdbx_DOI'                        
3  4 'Structure model' '_database_2.pdbx_database_accession'         
4  4 'Structure model' '_pdbx_database_status.status_code_sf'        
5  4 'Structure model' '_pdbx_struct_conn_angle.ptnr1_auth_comp_id'  
6  4 'Structure model' '_pdbx_struct_conn_angle.ptnr1_auth_seq_id'   
7  4 'Structure model' '_pdbx_struct_conn_angle.ptnr1_label_asym_id' 
8  4 'Structure model' '_pdbx_struct_conn_angle.ptnr1_label_atom_id' 
9  4 'Structure model' '_pdbx_struct_conn_angle.ptnr1_label_comp_id' 
10 4 'Structure model' '_pdbx_struct_conn_angle.ptnr1_label_seq_id'  
11 4 'Structure model' '_pdbx_struct_conn_angle.ptnr3_auth_comp_id'  
12 4 'Structure model' '_pdbx_struct_conn_angle.ptnr3_auth_seq_id'   
13 4 'Structure model' '_pdbx_struct_conn_angle.ptnr3_label_asym_id' 
14 4 'Structure model' '_pdbx_struct_conn_angle.ptnr3_label_atom_id' 
15 4 'Structure model' '_pdbx_struct_conn_angle.ptnr3_label_comp_id' 
16 4 'Structure model' '_pdbx_struct_conn_angle.ptnr3_label_seq_id'  
17 4 'Structure model' '_pdbx_struct_conn_angle.value'               
18 4 'Structure model' '_struct_conn.pdbx_dist_value'                
19 4 'Structure model' '_struct_conn.ptnr1_auth_comp_id'             
20 4 'Structure model' '_struct_conn.ptnr1_auth_seq_id'              
21 4 'Structure model' '_struct_conn.ptnr1_label_asym_id'            
22 4 'Structure model' '_struct_conn.ptnr1_label_atom_id'            
23 4 'Structure model' '_struct_conn.ptnr1_label_comp_id'            
24 4 'Structure model' '_struct_conn.ptnr1_label_seq_id'             
25 4 'Structure model' '_struct_conn.ptnr2_auth_comp_id'             
26 4 'Structure model' '_struct_conn.ptnr2_auth_seq_id'              
27 4 'Structure model' '_struct_conn.ptnr2_label_asym_id'            
28 4 'Structure model' '_struct_conn.ptnr2_label_atom_id'            
29 4 'Structure model' '_struct_conn.ptnr2_label_comp_id'            
30 4 'Structure model' '_struct_conn.ptnr2_label_seq_id'             
# 
loop_
_pdbx_refine_tls.pdbx_refine_id 
_pdbx_refine_tls.id 
_pdbx_refine_tls.details 
_pdbx_refine_tls.method 
_pdbx_refine_tls.origin_x 
_pdbx_refine_tls.origin_y 
_pdbx_refine_tls.origin_z 
_pdbx_refine_tls.T[1][1] 
_pdbx_refine_tls.T[2][2] 
_pdbx_refine_tls.T[3][3] 
_pdbx_refine_tls.T[1][2] 
_pdbx_refine_tls.T[1][3] 
_pdbx_refine_tls.T[2][3] 
_pdbx_refine_tls.L[1][1] 
_pdbx_refine_tls.L[2][2] 
_pdbx_refine_tls.L[3][3] 
_pdbx_refine_tls.L[1][2] 
_pdbx_refine_tls.L[1][3] 
_pdbx_refine_tls.L[2][3] 
_pdbx_refine_tls.S[1][1] 
_pdbx_refine_tls.S[1][2] 
_pdbx_refine_tls.S[1][3] 
_pdbx_refine_tls.S[2][1] 
_pdbx_refine_tls.S[2][2] 
_pdbx_refine_tls.S[2][3] 
_pdbx_refine_tls.S[3][1] 
_pdbx_refine_tls.S[3][2] 
_pdbx_refine_tls.S[3][3] 
'X-RAY DIFFRACTION' 1 ? refined -3.6945 -18.6558 -10.2627 0.1362  -0.0532 -0.0291 -0.0533 -0.0307 -0.0477 7.3850 3.8847 9.8220  -1.3291 4.1656 -0.1560 0.3974  0.4247  -0.6525 -0.2502 -0.0173 0.0793 0.9027  0.0097  -0.3801 
'X-RAY DIFFRACTION' 2 ? refined -0.3055 5.9908   0.2939   -0.0067 -0.0037 0.0339  -0.0103 0.0180  0.0398  2.4083 1.3468 0.8511  0.1035  0.3912 0.6839  -0.0149 0.1043  0.2896  -0.1130 -0.0294 0.0667 -0.0201 -0.0292 0.0443  
'X-RAY DIFFRACTION' 3 ? refined 11.3374 0.0886   23.1833  -0.0360 0.2281  -0.0926 0.0167  0.0263  -0.0162 6.2502 5.4942 12.6659 -0.9571 6.8908 -0.5075 0.7836  -0.1849 0.3670  0.5389  -0.7047 0.3003 1.1583  0.6635  -0.0789 
'X-RAY DIFFRACTION' 4 ? refined 0.3072  6.6145   -5.6482  0.2444  -0.0888 0.3087  -0.0551 0.0058  -0.0048 0.2318 1.4636 2.1607  -0.4226 0.6181 -0.5312 0.6322  -0.8559 -0.6346 -1.1582 -0.5140 0.1518 -0.2856 0.2816  -0.1182  
# 
loop_
_pdbx_refine_tls_group.pdbx_refine_id 
_pdbx_refine_tls_group.id 
_pdbx_refine_tls_group.refine_tls_id 
_pdbx_refine_tls_group.beg_auth_asym_id 
_pdbx_refine_tls_group.beg_auth_seq_id 
_pdbx_refine_tls_group.beg_label_asym_id 
_pdbx_refine_tls_group.beg_label_seq_id 
_pdbx_refine_tls_group.end_auth_asym_id 
_pdbx_refine_tls_group.end_auth_seq_id 
_pdbx_refine_tls_group.end_label_asym_id 
_pdbx_refine_tls_group.end_label_seq_id 
_pdbx_refine_tls_group.selection 
_pdbx_refine_tls_group.selection_details 
'X-RAY DIFFRACTION' 1 1 A 2    ? ? A 46   ? ? ? ? 
'X-RAY DIFFRACTION' 2 2 A 47   ? ? A 157  ? ? ? ? 
'X-RAY DIFFRACTION' 3 2 A 182  ? ? A 205  ? ? ? ? 
'X-RAY DIFFRACTION' 4 3 A 165  ? ? A 181  ? ? ? ? 
'X-RAY DIFFRACTION' 5 4 A 1206 ? ? A 1206 ? ? ? ? 
# 
loop_
_software.name 
_software.classification 
_software.version 
_software.citation_id 
_software.pdbx_ordinal 
REFMAC    refinement       5.2.0019 ? 1 
DENZO     'data reduction' .        ? 2 
SCALEPACK 'data scaling'   .        ? 3 
AMoRE     phasing          .        ? 4 
# 
_pdbx_validate_symm_contact.id                1 
_pdbx_validate_symm_contact.PDB_model_num     1 
_pdbx_validate_symm_contact.auth_atom_id_1    CE 
_pdbx_validate_symm_contact.auth_asym_id_1    A 
_pdbx_validate_symm_contact.auth_comp_id_1    MET 
_pdbx_validate_symm_contact.auth_seq_id_1     92 
_pdbx_validate_symm_contact.PDB_ins_code_1    ? 
_pdbx_validate_symm_contact.label_alt_id_1    ? 
_pdbx_validate_symm_contact.site_symmetry_1   1_555 
_pdbx_validate_symm_contact.auth_atom_id_2    CE 
_pdbx_validate_symm_contact.auth_asym_id_2    A 
_pdbx_validate_symm_contact.auth_comp_id_2    MET 
_pdbx_validate_symm_contact.auth_seq_id_2     92 
_pdbx_validate_symm_contact.PDB_ins_code_2    ? 
_pdbx_validate_symm_contact.label_alt_id_2    ? 
_pdbx_validate_symm_contact.site_symmetry_2   3_555 
_pdbx_validate_symm_contact.dist              2.09 
# 
loop_
_pdbx_validate_torsion.id 
_pdbx_validate_torsion.PDB_model_num 
_pdbx_validate_torsion.auth_comp_id 
_pdbx_validate_torsion.auth_asym_id 
_pdbx_validate_torsion.auth_seq_id 
_pdbx_validate_torsion.PDB_ins_code 
_pdbx_validate_torsion.label_alt_id 
_pdbx_validate_torsion.phi 
_pdbx_validate_torsion.psi 
1 1 LYS A 3   ? ? -162.69 -55.64 
2 1 HIS A 66  ? ? -90.35  58.56  
3 1 PRO A 71  ? ? -39.21  -39.37 
4 1 GLN A 155 ? ? -104.24 77.59  
5 1 SER A 203 ? ? -75.15  33.57  
# 
_pdbx_validate_peptide_omega.id               1 
_pdbx_validate_peptide_omega.PDB_model_num    1 
_pdbx_validate_peptide_omega.auth_comp_id_1   SER 
_pdbx_validate_peptide_omega.auth_asym_id_1   A 
_pdbx_validate_peptide_omega.auth_seq_id_1    203 
_pdbx_validate_peptide_omega.PDB_ins_code_1   ? 
_pdbx_validate_peptide_omega.label_alt_id_1   ? 
_pdbx_validate_peptide_omega.auth_comp_id_2   ALA 
_pdbx_validate_peptide_omega.auth_asym_id_2   A 
_pdbx_validate_peptide_omega.auth_seq_id_2    204 
_pdbx_validate_peptide_omega.PDB_ins_code_2   ? 
_pdbx_validate_peptide_omega.label_alt_id_2   ? 
_pdbx_validate_peptide_omega.omega            144.82 
# 
loop_
_pdbx_unobs_or_zero_occ_atoms.id 
_pdbx_unobs_or_zero_occ_atoms.PDB_model_num 
_pdbx_unobs_or_zero_occ_atoms.polymer_flag 
_pdbx_unobs_or_zero_occ_atoms.occupancy_flag 
_pdbx_unobs_or_zero_occ_atoms.auth_asym_id 
_pdbx_unobs_or_zero_occ_atoms.auth_comp_id 
_pdbx_unobs_or_zero_occ_atoms.auth_seq_id 
_pdbx_unobs_or_zero_occ_atoms.PDB_ins_code 
_pdbx_unobs_or_zero_occ_atoms.auth_atom_id 
_pdbx_unobs_or_zero_occ_atoms.label_alt_id 
_pdbx_unobs_or_zero_occ_atoms.label_asym_id 
_pdbx_unobs_or_zero_occ_atoms.label_comp_id 
_pdbx_unobs_or_zero_occ_atoms.label_seq_id 
_pdbx_unobs_or_zero_occ_atoms.label_atom_id 
1 1 Y 1 A GLU 157 ? CG  ? A GLU 157 CG  
2 1 Y 1 A GLU 157 ? CD  ? A GLU 157 CD  
3 1 Y 1 A GLU 157 ? OE1 ? A GLU 157 OE1 
4 1 Y 1 A GLU 157 ? OE2 ? A GLU 157 OE2 
# 
loop_
_pdbx_unobs_or_zero_occ_residues.id 
_pdbx_unobs_or_zero_occ_residues.PDB_model_num 
_pdbx_unobs_or_zero_occ_residues.polymer_flag 
_pdbx_unobs_or_zero_occ_residues.occupancy_flag 
_pdbx_unobs_or_zero_occ_residues.auth_asym_id 
_pdbx_unobs_or_zero_occ_residues.auth_comp_id 
_pdbx_unobs_or_zero_occ_residues.auth_seq_id 
_pdbx_unobs_or_zero_occ_residues.PDB_ins_code 
_pdbx_unobs_or_zero_occ_residues.label_asym_id 
_pdbx_unobs_or_zero_occ_residues.label_comp_id 
_pdbx_unobs_or_zero_occ_residues.label_seq_id 
1  1 Y 1 A MET 1   ? A MET 1   
2  1 Y 1 A ARG 158 ? A ARG 158 
3  1 Y 1 A GLU 159 ? A GLU 159 
4  1 Y 1 A LYS 160 ? A LYS 160 
5  1 Y 1 A VAL 161 ? A VAL 161 
6  1 Y 1 A GLU 162 ? A GLU 162 
7  1 Y 1 A THR 163 ? A THR 163 
8  1 Y 1 A ASP 164 ? A ASP 164 
9  1 Y 1 A THR 164 A A THR 165 
10 1 Y 1 A VAL 164 B A VAL 166 
# 
loop_
_chem_comp_atom.comp_id 
_chem_comp_atom.atom_id 
_chem_comp_atom.type_symbol 
_chem_comp_atom.pdbx_aromatic_flag 
_chem_comp_atom.pdbx_stereo_config 
_chem_comp_atom.pdbx_ordinal 
ALA N    N  N N 1   
ALA CA   C  N S 2   
ALA C    C  N N 3   
ALA O    O  N N 4   
ALA CB   C  N N 5   
ALA OXT  O  N N 6   
ALA H    H  N N 7   
ALA H2   H  N N 8   
ALA HA   H  N N 9   
ALA HB1  H  N N 10  
ALA HB2  H  N N 11  
ALA HB3  H  N N 12  
ALA HXT  H  N N 13  
ARG N    N  N N 14  
ARG CA   C  N S 15  
ARG C    C  N N 16  
ARG O    O  N N 17  
ARG CB   C  N N 18  
ARG CG   C  N N 19  
ARG CD   C  N N 20  
ARG NE   N  N N 21  
ARG CZ   C  N N 22  
ARG NH1  N  N N 23  
ARG NH2  N  N N 24  
ARG OXT  O  N N 25  
ARG H    H  N N 26  
ARG H2   H  N N 27  
ARG HA   H  N N 28  
ARG HB2  H  N N 29  
ARG HB3  H  N N 30  
ARG HG2  H  N N 31  
ARG HG3  H  N N 32  
ARG HD2  H  N N 33  
ARG HD3  H  N N 34  
ARG HE   H  N N 35  
ARG HH11 H  N N 36  
ARG HH12 H  N N 37  
ARG HH21 H  N N 38  
ARG HH22 H  N N 39  
ARG HXT  H  N N 40  
ASN N    N  N N 41  
ASN CA   C  N S 42  
ASN C    C  N N 43  
ASN O    O  N N 44  
ASN CB   C  N N 45  
ASN CG   C  N N 46  
ASN OD1  O  N N 47  
ASN ND2  N  N N 48  
ASN OXT  O  N N 49  
ASN H    H  N N 50  
ASN H2   H  N N 51  
ASN HA   H  N N 52  
ASN HB2  H  N N 53  
ASN HB3  H  N N 54  
ASN HD21 H  N N 55  
ASN HD22 H  N N 56  
ASN HXT  H  N N 57  
ASP N    N  N N 58  
ASP CA   C  N S 59  
ASP C    C  N N 60  
ASP O    O  N N 61  
ASP CB   C  N N 62  
ASP CG   C  N N 63  
ASP OD1  O  N N 64  
ASP OD2  O  N N 65  
ASP OXT  O  N N 66  
ASP H    H  N N 67  
ASP H2   H  N N 68  
ASP HA   H  N N 69  
ASP HB2  H  N N 70  
ASP HB3  H  N N 71  
ASP HD2  H  N N 72  
ASP HXT  H  N N 73  
CYS N    N  N N 74  
CYS CA   C  N R 75  
CYS C    C  N N 76  
CYS O    O  N N 77  
CYS CB   C  N N 78  
CYS SG   S  N N 79  
CYS OXT  O  N N 80  
CYS H    H  N N 81  
CYS H2   H  N N 82  
CYS HA   H  N N 83  
CYS HB2  H  N N 84  
CYS HB3  H  N N 85  
CYS HG   H  N N 86  
CYS HXT  H  N N 87  
GLN N    N  N N 88  
GLN CA   C  N S 89  
GLN C    C  N N 90  
GLN O    O  N N 91  
GLN CB   C  N N 92  
GLN CG   C  N N 93  
GLN CD   C  N N 94  
GLN OE1  O  N N 95  
GLN NE2  N  N N 96  
GLN OXT  O  N N 97  
GLN H    H  N N 98  
GLN H2   H  N N 99  
GLN HA   H  N N 100 
GLN HB2  H  N N 101 
GLN HB3  H  N N 102 
GLN HG2  H  N N 103 
GLN HG3  H  N N 104 
GLN HE21 H  N N 105 
GLN HE22 H  N N 106 
GLN HXT  H  N N 107 
GLU N    N  N N 108 
GLU CA   C  N S 109 
GLU C    C  N N 110 
GLU O    O  N N 111 
GLU CB   C  N N 112 
GLU CG   C  N N 113 
GLU CD   C  N N 114 
GLU OE1  O  N N 115 
GLU OE2  O  N N 116 
GLU OXT  O  N N 117 
GLU H    H  N N 118 
GLU H2   H  N N 119 
GLU HA   H  N N 120 
GLU HB2  H  N N 121 
GLU HB3  H  N N 122 
GLU HG2  H  N N 123 
GLU HG3  H  N N 124 
GLU HE2  H  N N 125 
GLU HXT  H  N N 126 
GLY N    N  N N 127 
GLY CA   C  N N 128 
GLY C    C  N N 129 
GLY O    O  N N 130 
GLY OXT  O  N N 131 
GLY H    H  N N 132 
GLY H2   H  N N 133 
GLY HA2  H  N N 134 
GLY HA3  H  N N 135 
GLY HXT  H  N N 136 
HIS N    N  N N 137 
HIS CA   C  N S 138 
HIS C    C  N N 139 
HIS O    O  N N 140 
HIS CB   C  N N 141 
HIS CG   C  Y N 142 
HIS ND1  N  Y N 143 
HIS CD2  C  Y N 144 
HIS CE1  C  Y N 145 
HIS NE2  N  Y N 146 
HIS OXT  O  N N 147 
HIS H    H  N N 148 
HIS H2   H  N N 149 
HIS HA   H  N N 150 
HIS HB2  H  N N 151 
HIS HB3  H  N N 152 
HIS HD1  H  N N 153 
HIS HD2  H  N N 154 
HIS HE1  H  N N 155 
HIS HE2  H  N N 156 
HIS HXT  H  N N 157 
HOH O    O  N N 158 
HOH H1   H  N N 159 
HOH H2   H  N N 160 
ILE N    N  N N 161 
ILE CA   C  N S 162 
ILE C    C  N N 163 
ILE O    O  N N 164 
ILE CB   C  N S 165 
ILE CG1  C  N N 166 
ILE CG2  C  N N 167 
ILE CD1  C  N N 168 
ILE OXT  O  N N 169 
ILE H    H  N N 170 
ILE H2   H  N N 171 
ILE HA   H  N N 172 
ILE HB   H  N N 173 
ILE HG12 H  N N 174 
ILE HG13 H  N N 175 
ILE HG21 H  N N 176 
ILE HG22 H  N N 177 
ILE HG23 H  N N 178 
ILE HD11 H  N N 179 
ILE HD12 H  N N 180 
ILE HD13 H  N N 181 
ILE HXT  H  N N 182 
LEU N    N  N N 183 
LEU CA   C  N S 184 
LEU C    C  N N 185 
LEU O    O  N N 186 
LEU CB   C  N N 187 
LEU CG   C  N N 188 
LEU CD1  C  N N 189 
LEU CD2  C  N N 190 
LEU OXT  O  N N 191 
LEU H    H  N N 192 
LEU H2   H  N N 193 
LEU HA   H  N N 194 
LEU HB2  H  N N 195 
LEU HB3  H  N N 196 
LEU HG   H  N N 197 
LEU HD11 H  N N 198 
LEU HD12 H  N N 199 
LEU HD13 H  N N 200 
LEU HD21 H  N N 201 
LEU HD22 H  N N 202 
LEU HD23 H  N N 203 
LEU HXT  H  N N 204 
LYS N    N  N N 205 
LYS CA   C  N S 206 
LYS C    C  N N 207 
LYS O    O  N N 208 
LYS CB   C  N N 209 
LYS CG   C  N N 210 
LYS CD   C  N N 211 
LYS CE   C  N N 212 
LYS NZ   N  N N 213 
LYS OXT  O  N N 214 
LYS H    H  N N 215 
LYS H2   H  N N 216 
LYS HA   H  N N 217 
LYS HB2  H  N N 218 
LYS HB3  H  N N 219 
LYS HG2  H  N N 220 
LYS HG3  H  N N 221 
LYS HD2  H  N N 222 
LYS HD3  H  N N 223 
LYS HE2  H  N N 224 
LYS HE3  H  N N 225 
LYS HZ1  H  N N 226 
LYS HZ2  H  N N 227 
LYS HZ3  H  N N 228 
LYS HXT  H  N N 229 
MET N    N  N N 230 
MET CA   C  N S 231 
MET C    C  N N 232 
MET O    O  N N 233 
MET CB   C  N N 234 
MET CG   C  N N 235 
MET SD   S  N N 236 
MET CE   C  N N 237 
MET OXT  O  N N 238 
MET H    H  N N 239 
MET H2   H  N N 240 
MET HA   H  N N 241 
MET HB2  H  N N 242 
MET HB3  H  N N 243 
MET HG2  H  N N 244 
MET HG3  H  N N 245 
MET HE1  H  N N 246 
MET HE2  H  N N 247 
MET HE3  H  N N 248 
MET HXT  H  N N 249 
MG  MG   MG N N 250 
PHE N    N  N N 251 
PHE CA   C  N S 252 
PHE C    C  N N 253 
PHE O    O  N N 254 
PHE CB   C  N N 255 
PHE CG   C  Y N 256 
PHE CD1  C  Y N 257 
PHE CD2  C  Y N 258 
PHE CE1  C  Y N 259 
PHE CE2  C  Y N 260 
PHE CZ   C  Y N 261 
PHE OXT  O  N N 262 
PHE H    H  N N 263 
PHE H2   H  N N 264 
PHE HA   H  N N 265 
PHE HB2  H  N N 266 
PHE HB3  H  N N 267 
PHE HD1  H  N N 268 
PHE HD2  H  N N 269 
PHE HE1  H  N N 270 
PHE HE2  H  N N 271 
PHE HZ   H  N N 272 
PHE HXT  H  N N 273 
PRO N    N  N N 274 
PRO CA   C  N S 275 
PRO C    C  N N 276 
PRO O    O  N N 277 
PRO CB   C  N N 278 
PRO CG   C  N N 279 
PRO CD   C  N N 280 
PRO OXT  O  N N 281 
PRO H    H  N N 282 
PRO HA   H  N N 283 
PRO HB2  H  N N 284 
PRO HB3  H  N N 285 
PRO HG2  H  N N 286 
PRO HG3  H  N N 287 
PRO HD2  H  N N 288 
PRO HD3  H  N N 289 
PRO HXT  H  N N 290 
SER N    N  N N 291 
SER CA   C  N S 292 
SER C    C  N N 293 
SER O    O  N N 294 
SER CB   C  N N 295 
SER OG   O  N N 296 
SER OXT  O  N N 297 
SER H    H  N N 298 
SER H2   H  N N 299 
SER HA   H  N N 300 
SER HB2  H  N N 301 
SER HB3  H  N N 302 
SER HG   H  N N 303 
SER HXT  H  N N 304 
SO4 S    S  N N 305 
SO4 O1   O  N N 306 
SO4 O2   O  N N 307 
SO4 O3   O  N N 308 
SO4 O4   O  N N 309 
TDC O12  O  N N 310 
TDC C12  C  N N 311 
TDC C1B  C  Y N 312 
TDC C11  C  Y N 313 
TDC O11  O  N N 314 
TDC C1A  C  Y N 315 
TDC C10  C  Y N 316 
TDC O10  O  N N 317 
TDC C9   C  Y N 318 
TDC C8   C  Y N 319 
TDC C7   C  Y N 320 
TDC C61  C  Y N 321 
TDC C6   C  Y N 322 
TDC C62  C  N N 323 
TDC C51  C  Y N 324 
TDC C5   C  N N 325 
TDC C1C  C  N S 326 
TDC C1   C  N N 327 
TDC O1   O  N N 328 
TDC O1C  O  N N 329 
TDC C41  C  N S 330 
TDC C4   C  N S 331 
TDC N4   N  N N 332 
TDC C43  C  N N 333 
TDC C42  C  N N 334 
TDC C3   C  N N 335 
TDC O3   O  N N 336 
TDC C2   C  N N 337 
TDC C21  C  N N 338 
TDC O21  O  N N 339 
TDC N21  N  N N 340 
TDC H11  H  N N 341 
TDC H10  H  N N 342 
TDC H9   H  N N 343 
TDC H8   H  N N 344 
TDC H7   H  N N 345 
TDC H621 H  N N 346 
TDC H622 H  N N 347 
TDC H623 H  N N 348 
TDC H5C1 H  N N 349 
TDC H5C2 H  N N 350 
TDC H41  H  N N 351 
TDC H1C  H  N N 352 
TDC H4   H  N N 353 
TDC H431 H  N N 354 
TDC H432 H  N N 355 
TDC H433 H  N N 356 
TDC H421 H  N N 357 
TDC H422 H  N N 358 
TDC H423 H  N N 359 
TDC H3   H  N N 360 
TDC H211 H  N N 361 
TDC H212 H  N N 362 
THR N    N  N N 363 
THR CA   C  N S 364 
THR C    C  N N 365 
THR O    O  N N 366 
THR CB   C  N R 367 
THR OG1  O  N N 368 
THR CG2  C  N N 369 
THR OXT  O  N N 370 
THR H    H  N N 371 
THR H2   H  N N 372 
THR HA   H  N N 373 
THR HB   H  N N 374 
THR HG1  H  N N 375 
THR HG21 H  N N 376 
THR HG22 H  N N 377 
THR HG23 H  N N 378 
THR HXT  H  N N 379 
TRP N    N  N N 380 
TRP CA   C  N S 381 
TRP C    C  N N 382 
TRP O    O  N N 383 
TRP CB   C  N N 384 
TRP CG   C  Y N 385 
TRP CD1  C  Y N 386 
TRP CD2  C  Y N 387 
TRP NE1  N  Y N 388 
TRP CE2  C  Y N 389 
TRP CE3  C  Y N 390 
TRP CZ2  C  Y N 391 
TRP CZ3  C  Y N 392 
TRP CH2  C  Y N 393 
TRP OXT  O  N N 394 
TRP H    H  N N 395 
TRP H2   H  N N 396 
TRP HA   H  N N 397 
TRP HB2  H  N N 398 
TRP HB3  H  N N 399 
TRP HD1  H  N N 400 
TRP HE1  H  N N 401 
TRP HE3  H  N N 402 
TRP HZ2  H  N N 403 
TRP HZ3  H  N N 404 
TRP HH2  H  N N 405 
TRP HXT  H  N N 406 
TYR N    N  N N 407 
TYR CA   C  N S 408 
TYR C    C  N N 409 
TYR O    O  N N 410 
TYR CB   C  N N 411 
TYR CG   C  Y N 412 
TYR CD1  C  Y N 413 
TYR CD2  C  Y N 414 
TYR CE1  C  Y N 415 
TYR CE2  C  Y N 416 
TYR CZ   C  Y N 417 
TYR OH   O  N N 418 
TYR OXT  O  N N 419 
TYR H    H  N N 420 
TYR H2   H  N N 421 
TYR HA   H  N N 422 
TYR HB2  H  N N 423 
TYR HB3  H  N N 424 
TYR HD1  H  N N 425 
TYR HD2  H  N N 426 
TYR HE1  H  N N 427 
TYR HE2  H  N N 428 
TYR HH   H  N N 429 
TYR HXT  H  N N 430 
VAL N    N  N N 431 
VAL CA   C  N S 432 
VAL C    C  N N 433 
VAL O    O  N N 434 
VAL CB   C  N N 435 
VAL CG1  C  N N 436 
VAL CG2  C  N N 437 
VAL OXT  O  N N 438 
VAL H    H  N N 439 
VAL H2   H  N N 440 
VAL HA   H  N N 441 
VAL HB   H  N N 442 
VAL HG11 H  N N 443 
VAL HG12 H  N N 444 
VAL HG13 H  N N 445 
VAL HG21 H  N N 446 
VAL HG22 H  N N 447 
VAL HG23 H  N N 448 
VAL HXT  H  N N 449 
# 
loop_
_chem_comp_bond.comp_id 
_chem_comp_bond.atom_id_1 
_chem_comp_bond.atom_id_2 
_chem_comp_bond.value_order 
_chem_comp_bond.pdbx_aromatic_flag 
_chem_comp_bond.pdbx_stereo_config 
_chem_comp_bond.pdbx_ordinal 
ALA N   CA   sing N N 1   
ALA N   H    sing N N 2   
ALA N   H2   sing N N 3   
ALA CA  C    sing N N 4   
ALA CA  CB   sing N N 5   
ALA CA  HA   sing N N 6   
ALA C   O    doub N N 7   
ALA C   OXT  sing N N 8   
ALA CB  HB1  sing N N 9   
ALA CB  HB2  sing N N 10  
ALA CB  HB3  sing N N 11  
ALA OXT HXT  sing N N 12  
ARG N   CA   sing N N 13  
ARG N   H    sing N N 14  
ARG N   H2   sing N N 15  
ARG CA  C    sing N N 16  
ARG CA  CB   sing N N 17  
ARG CA  HA   sing N N 18  
ARG C   O    doub N N 19  
ARG C   OXT  sing N N 20  
ARG CB  CG   sing N N 21  
ARG CB  HB2  sing N N 22  
ARG CB  HB3  sing N N 23  
ARG CG  CD   sing N N 24  
ARG CG  HG2  sing N N 25  
ARG CG  HG3  sing N N 26  
ARG CD  NE   sing N N 27  
ARG CD  HD2  sing N N 28  
ARG CD  HD3  sing N N 29  
ARG NE  CZ   sing N N 30  
ARG NE  HE   sing N N 31  
ARG CZ  NH1  sing N N 32  
ARG CZ  NH2  doub N N 33  
ARG NH1 HH11 sing N N 34  
ARG NH1 HH12 sing N N 35  
ARG NH2 HH21 sing N N 36  
ARG NH2 HH22 sing N N 37  
ARG OXT HXT  sing N N 38  
ASN N   CA   sing N N 39  
ASN N   H    sing N N 40  
ASN N   H2   sing N N 41  
ASN CA  C    sing N N 42  
ASN CA  CB   sing N N 43  
ASN CA  HA   sing N N 44  
ASN C   O    doub N N 45  
ASN C   OXT  sing N N 46  
ASN CB  CG   sing N N 47  
ASN CB  HB2  sing N N 48  
ASN CB  HB3  sing N N 49  
ASN CG  OD1  doub N N 50  
ASN CG  ND2  sing N N 51  
ASN ND2 HD21 sing N N 52  
ASN ND2 HD22 sing N N 53  
ASN OXT HXT  sing N N 54  
ASP N   CA   sing N N 55  
ASP N   H    sing N N 56  
ASP N   H2   sing N N 57  
ASP CA  C    sing N N 58  
ASP CA  CB   sing N N 59  
ASP CA  HA   sing N N 60  
ASP C   O    doub N N 61  
ASP C   OXT  sing N N 62  
ASP CB  CG   sing N N 63  
ASP CB  HB2  sing N N 64  
ASP CB  HB3  sing N N 65  
ASP CG  OD1  doub N N 66  
ASP CG  OD2  sing N N 67  
ASP OD2 HD2  sing N N 68  
ASP OXT HXT  sing N N 69  
CYS N   CA   sing N N 70  
CYS N   H    sing N N 71  
CYS N   H2   sing N N 72  
CYS CA  C    sing N N 73  
CYS CA  CB   sing N N 74  
CYS CA  HA   sing N N 75  
CYS C   O    doub N N 76  
CYS C   OXT  sing N N 77  
CYS CB  SG   sing N N 78  
CYS CB  HB2  sing N N 79  
CYS CB  HB3  sing N N 80  
CYS SG  HG   sing N N 81  
CYS OXT HXT  sing N N 82  
GLN N   CA   sing N N 83  
GLN N   H    sing N N 84  
GLN N   H2   sing N N 85  
GLN CA  C    sing N N 86  
GLN CA  CB   sing N N 87  
GLN CA  HA   sing N N 88  
GLN C   O    doub N N 89  
GLN C   OXT  sing N N 90  
GLN CB  CG   sing N N 91  
GLN CB  HB2  sing N N 92  
GLN CB  HB3  sing N N 93  
GLN CG  CD   sing N N 94  
GLN CG  HG2  sing N N 95  
GLN CG  HG3  sing N N 96  
GLN CD  OE1  doub N N 97  
GLN CD  NE2  sing N N 98  
GLN NE2 HE21 sing N N 99  
GLN NE2 HE22 sing N N 100 
GLN OXT HXT  sing N N 101 
GLU N   CA   sing N N 102 
GLU N   H    sing N N 103 
GLU N   H2   sing N N 104 
GLU CA  C    sing N N 105 
GLU CA  CB   sing N N 106 
GLU CA  HA   sing N N 107 
GLU C   O    doub N N 108 
GLU C   OXT  sing N N 109 
GLU CB  CG   sing N N 110 
GLU CB  HB2  sing N N 111 
GLU CB  HB3  sing N N 112 
GLU CG  CD   sing N N 113 
GLU CG  HG2  sing N N 114 
GLU CG  HG3  sing N N 115 
GLU CD  OE1  doub N N 116 
GLU CD  OE2  sing N N 117 
GLU OE2 HE2  sing N N 118 
GLU OXT HXT  sing N N 119 
GLY N   CA   sing N N 120 
GLY N   H    sing N N 121 
GLY N   H2   sing N N 122 
GLY CA  C    sing N N 123 
GLY CA  HA2  sing N N 124 
GLY CA  HA3  sing N N 125 
GLY C   O    doub N N 126 
GLY C   OXT  sing N N 127 
GLY OXT HXT  sing N N 128 
HIS N   CA   sing N N 129 
HIS N   H    sing N N 130 
HIS N   H2   sing N N 131 
HIS CA  C    sing N N 132 
HIS CA  CB   sing N N 133 
HIS CA  HA   sing N N 134 
HIS C   O    doub N N 135 
HIS C   OXT  sing N N 136 
HIS CB  CG   sing N N 137 
HIS CB  HB2  sing N N 138 
HIS CB  HB3  sing N N 139 
HIS CG  ND1  sing Y N 140 
HIS CG  CD2  doub Y N 141 
HIS ND1 CE1  doub Y N 142 
HIS ND1 HD1  sing N N 143 
HIS CD2 NE2  sing Y N 144 
HIS CD2 HD2  sing N N 145 
HIS CE1 NE2  sing Y N 146 
HIS CE1 HE1  sing N N 147 
HIS NE2 HE2  sing N N 148 
HIS OXT HXT  sing N N 149 
HOH O   H1   sing N N 150 
HOH O   H2   sing N N 151 
ILE N   CA   sing N N 152 
ILE N   H    sing N N 153 
ILE N   H2   sing N N 154 
ILE CA  C    sing N N 155 
ILE CA  CB   sing N N 156 
ILE CA  HA   sing N N 157 
ILE C   O    doub N N 158 
ILE C   OXT  sing N N 159 
ILE CB  CG1  sing N N 160 
ILE CB  CG2  sing N N 161 
ILE CB  HB   sing N N 162 
ILE CG1 CD1  sing N N 163 
ILE CG1 HG12 sing N N 164 
ILE CG1 HG13 sing N N 165 
ILE CG2 HG21 sing N N 166 
ILE CG2 HG22 sing N N 167 
ILE CG2 HG23 sing N N 168 
ILE CD1 HD11 sing N N 169 
ILE CD1 HD12 sing N N 170 
ILE CD1 HD13 sing N N 171 
ILE OXT HXT  sing N N 172 
LEU N   CA   sing N N 173 
LEU N   H    sing N N 174 
LEU N   H2   sing N N 175 
LEU CA  C    sing N N 176 
LEU CA  CB   sing N N 177 
LEU CA  HA   sing N N 178 
LEU C   O    doub N N 179 
LEU C   OXT  sing N N 180 
LEU CB  CG   sing N N 181 
LEU CB  HB2  sing N N 182 
LEU CB  HB3  sing N N 183 
LEU CG  CD1  sing N N 184 
LEU CG  CD2  sing N N 185 
LEU CG  HG   sing N N 186 
LEU CD1 HD11 sing N N 187 
LEU CD1 HD12 sing N N 188 
LEU CD1 HD13 sing N N 189 
LEU CD2 HD21 sing N N 190 
LEU CD2 HD22 sing N N 191 
LEU CD2 HD23 sing N N 192 
LEU OXT HXT  sing N N 193 
LYS N   CA   sing N N 194 
LYS N   H    sing N N 195 
LYS N   H2   sing N N 196 
LYS CA  C    sing N N 197 
LYS CA  CB   sing N N 198 
LYS CA  HA   sing N N 199 
LYS C   O    doub N N 200 
LYS C   OXT  sing N N 201 
LYS CB  CG   sing N N 202 
LYS CB  HB2  sing N N 203 
LYS CB  HB3  sing N N 204 
LYS CG  CD   sing N N 205 
LYS CG  HG2  sing N N 206 
LYS CG  HG3  sing N N 207 
LYS CD  CE   sing N N 208 
LYS CD  HD2  sing N N 209 
LYS CD  HD3  sing N N 210 
LYS CE  NZ   sing N N 211 
LYS CE  HE2  sing N N 212 
LYS CE  HE3  sing N N 213 
LYS NZ  HZ1  sing N N 214 
LYS NZ  HZ2  sing N N 215 
LYS NZ  HZ3  sing N N 216 
LYS OXT HXT  sing N N 217 
MET N   CA   sing N N 218 
MET N   H    sing N N 219 
MET N   H2   sing N N 220 
MET CA  C    sing N N 221 
MET CA  CB   sing N N 222 
MET CA  HA   sing N N 223 
MET C   O    doub N N 224 
MET C   OXT  sing N N 225 
MET CB  CG   sing N N 226 
MET CB  HB2  sing N N 227 
MET CB  HB3  sing N N 228 
MET CG  SD   sing N N 229 
MET CG  HG2  sing N N 230 
MET CG  HG3  sing N N 231 
MET SD  CE   sing N N 232 
MET CE  HE1  sing N N 233 
MET CE  HE2  sing N N 234 
MET CE  HE3  sing N N 235 
MET OXT HXT  sing N N 236 
PHE N   CA   sing N N 237 
PHE N   H    sing N N 238 
PHE N   H2   sing N N 239 
PHE CA  C    sing N N 240 
PHE CA  CB   sing N N 241 
PHE CA  HA   sing N N 242 
PHE C   O    doub N N 243 
PHE C   OXT  sing N N 244 
PHE CB  CG   sing N N 245 
PHE CB  HB2  sing N N 246 
PHE CB  HB3  sing N N 247 
PHE CG  CD1  doub Y N 248 
PHE CG  CD2  sing Y N 249 
PHE CD1 CE1  sing Y N 250 
PHE CD1 HD1  sing N N 251 
PHE CD2 CE2  doub Y N 252 
PHE CD2 HD2  sing N N 253 
PHE CE1 CZ   doub Y N 254 
PHE CE1 HE1  sing N N 255 
PHE CE2 CZ   sing Y N 256 
PHE CE2 HE2  sing N N 257 
PHE CZ  HZ   sing N N 258 
PHE OXT HXT  sing N N 259 
PRO N   CA   sing N N 260 
PRO N   CD   sing N N 261 
PRO N   H    sing N N 262 
PRO CA  C    sing N N 263 
PRO CA  CB   sing N N 264 
PRO CA  HA   sing N N 265 
PRO C   O    doub N N 266 
PRO C   OXT  sing N N 267 
PRO CB  CG   sing N N 268 
PRO CB  HB2  sing N N 269 
PRO CB  HB3  sing N N 270 
PRO CG  CD   sing N N 271 
PRO CG  HG2  sing N N 272 
PRO CG  HG3  sing N N 273 
PRO CD  HD2  sing N N 274 
PRO CD  HD3  sing N N 275 
PRO OXT HXT  sing N N 276 
SER N   CA   sing N N 277 
SER N   H    sing N N 278 
SER N   H2   sing N N 279 
SER CA  C    sing N N 280 
SER CA  CB   sing N N 281 
SER CA  HA   sing N N 282 
SER C   O    doub N N 283 
SER C   OXT  sing N N 284 
SER CB  OG   sing N N 285 
SER CB  HB2  sing N N 286 
SER CB  HB3  sing N N 287 
SER OG  HG   sing N N 288 
SER OXT HXT  sing N N 289 
SO4 S   O1   doub N N 290 
SO4 S   O2   doub N N 291 
SO4 S   O3   sing N N 292 
SO4 S   O4   sing N N 293 
TDC O12 C12  doub N N 294 
TDC C12 C1B  sing N N 295 
TDC C12 C1C  sing N N 296 
TDC C1B C11  sing Y N 297 
TDC C1B C51  doub Y N 298 
TDC C11 O11  sing N N 299 
TDC C11 C1A  doub Y N 300 
TDC C1A C10  sing Y N 301 
TDC C1A C61  sing Y N 302 
TDC C10 O10  sing N N 303 
TDC C10 C9   doub Y N 304 
TDC C9  C8   sing Y N 305 
TDC C8  C7   doub Y N 306 
TDC C7  C61  sing Y N 307 
TDC C61 C6   doub Y N 308 
TDC C6  C62  sing N N 309 
TDC C6  C51  sing Y N 310 
TDC C51 C5   sing N N 311 
TDC C5  C41  sing N N 312 
TDC C1C C1   sing N N 313 
TDC C1C O1C  sing N N 314 
TDC C1C C41  sing N N 315 
TDC C1  O1   doub N N 316 
TDC C1  C2   sing N N 317 
TDC C41 C4   sing N N 318 
TDC C4  N4   sing N N 319 
TDC C4  C3   sing N N 320 
TDC N4  C43  sing N N 321 
TDC N4  C42  sing N N 322 
TDC C3  O3   sing N N 323 
TDC C3  C2   doub N N 324 
TDC C2  C21  sing N N 325 
TDC C21 O21  doub N N 326 
TDC C21 N21  sing N N 327 
TDC O11 H11  sing N N 328 
TDC O10 H10  sing N N 329 
TDC C9  H9   sing N N 330 
TDC C8  H8   sing N N 331 
TDC C7  H7   sing N N 332 
TDC C62 H621 sing N N 333 
TDC C62 H622 sing N N 334 
TDC C62 H623 sing N N 335 
TDC C5  H5C1 sing N N 336 
TDC C5  H5C2 sing N N 337 
TDC C41 H41  sing N N 338 
TDC O1C H1C  sing N N 339 
TDC C4  H4   sing N N 340 
TDC C43 H431 sing N N 341 
TDC C43 H432 sing N N 342 
TDC C43 H433 sing N N 343 
TDC C42 H421 sing N N 344 
TDC C42 H422 sing N N 345 
TDC C42 H423 sing N N 346 
TDC O3  H3   sing N N 347 
TDC N21 H211 sing N N 348 
TDC N21 H212 sing N N 349 
THR N   CA   sing N N 350 
THR N   H    sing N N 351 
THR N   H2   sing N N 352 
THR CA  C    sing N N 353 
THR CA  CB   sing N N 354 
THR CA  HA   sing N N 355 
THR C   O    doub N N 356 
THR C   OXT  sing N N 357 
THR CB  OG1  sing N N 358 
THR CB  CG2  sing N N 359 
THR CB  HB   sing N N 360 
THR OG1 HG1  sing N N 361 
THR CG2 HG21 sing N N 362 
THR CG2 HG22 sing N N 363 
THR CG2 HG23 sing N N 364 
THR OXT HXT  sing N N 365 
TRP N   CA   sing N N 366 
TRP N   H    sing N N 367 
TRP N   H2   sing N N 368 
TRP CA  C    sing N N 369 
TRP CA  CB   sing N N 370 
TRP CA  HA   sing N N 371 
TRP C   O    doub N N 372 
TRP C   OXT  sing N N 373 
TRP CB  CG   sing N N 374 
TRP CB  HB2  sing N N 375 
TRP CB  HB3  sing N N 376 
TRP CG  CD1  doub Y N 377 
TRP CG  CD2  sing Y N 378 
TRP CD1 NE1  sing Y N 379 
TRP CD1 HD1  sing N N 380 
TRP CD2 CE2  doub Y N 381 
TRP CD2 CE3  sing Y N 382 
TRP NE1 CE2  sing Y N 383 
TRP NE1 HE1  sing N N 384 
TRP CE2 CZ2  sing Y N 385 
TRP CE3 CZ3  doub Y N 386 
TRP CE3 HE3  sing N N 387 
TRP CZ2 CH2  doub Y N 388 
TRP CZ2 HZ2  sing N N 389 
TRP CZ3 CH2  sing Y N 390 
TRP CZ3 HZ3  sing N N 391 
TRP CH2 HH2  sing N N 392 
TRP OXT HXT  sing N N 393 
TYR N   CA   sing N N 394 
TYR N   H    sing N N 395 
TYR N   H2   sing N N 396 
TYR CA  C    sing N N 397 
TYR CA  CB   sing N N 398 
TYR CA  HA   sing N N 399 
TYR C   O    doub N N 400 
TYR C   OXT  sing N N 401 
TYR CB  CG   sing N N 402 
TYR CB  HB2  sing N N 403 
TYR CB  HB3  sing N N 404 
TYR CG  CD1  doub Y N 405 
TYR CG  CD2  sing Y N 406 
TYR CD1 CE1  sing Y N 407 
TYR CD1 HD1  sing N N 408 
TYR CD2 CE2  doub Y N 409 
TYR CD2 HD2  sing N N 410 
TYR CE1 CZ   doub Y N 411 
TYR CE1 HE1  sing N N 412 
TYR CE2 CZ   sing Y N 413 
TYR CE2 HE2  sing N N 414 
TYR CZ  OH   sing N N 415 
TYR OH  HH   sing N N 416 
TYR OXT HXT  sing N N 417 
VAL N   CA   sing N N 418 
VAL N   H    sing N N 419 
VAL N   H2   sing N N 420 
VAL CA  C    sing N N 421 
VAL CA  CB   sing N N 422 
VAL CA  HA   sing N N 423 
VAL C   O    doub N N 424 
VAL C   OXT  sing N N 425 
VAL CB  CG1  sing N N 426 
VAL CB  CG2  sing N N 427 
VAL CB  HB   sing N N 428 
VAL CG1 HG11 sing N N 429 
VAL CG1 HG12 sing N N 430 
VAL CG1 HG13 sing N N 431 
VAL CG2 HG21 sing N N 432 
VAL CG2 HG22 sing N N 433 
VAL CG2 HG23 sing N N 434 
VAL OXT HXT  sing N N 435 
# 
loop_
_pdbx_entity_nonpoly.entity_id 
_pdbx_entity_nonpoly.name 
_pdbx_entity_nonpoly.comp_id 
2 5A,6-ANHYDROTETRACYCLINE TDC 
3 'MAGNESIUM ION'          MG  
4 'SULFATE ION'            SO4 
5 water                    HOH 
# 
_pdbx_initial_refinement_model.id               1 
_pdbx_initial_refinement_model.entity_id_list   ? 
_pdbx_initial_refinement_model.type             'experimental model' 
_pdbx_initial_refinement_model.source_name      PDB 
_pdbx_initial_refinement_model.accession_code   2TCT 
_pdbx_initial_refinement_model.details          'PDB ENTRY 2TCT' 
# 
